data_6QJQ
# 
_entry.id   6QJQ 
# 
_audit_conform.dict_name       mmcif_pdbx.dic 
_audit_conform.dict_version    5.392 
_audit_conform.dict_location   http://mmcif.pdb.org/dictionaries/ascii/mmcif_pdbx.dic 
# 
loop_
_database_2.database_id 
_database_2.database_code 
_database_2.pdbx_database_accession 
_database_2.pdbx_DOI 
PDB   6QJQ         pdb_00006qjq 10.2210/pdb6qjq/pdb 
WWPDB D_1292100295 ?            ?                   
EMDB  EMD-4566     ?            ?                   
# 
loop_
_pdbx_audit_revision_history.ordinal 
_pdbx_audit_revision_history.data_content_type 
_pdbx_audit_revision_history.major_revision 
_pdbx_audit_revision_history.minor_revision 
_pdbx_audit_revision_history.revision_date 
1 'Structure model' 1 0 2019-02-20 
2 'Structure model' 1 1 2024-05-15 
# 
_pdbx_audit_revision_details.ordinal             1 
_pdbx_audit_revision_details.revision_ordinal    1 
_pdbx_audit_revision_details.data_content_type   'Structure model' 
_pdbx_audit_revision_details.provider            repository 
_pdbx_audit_revision_details.type                'Initial release' 
_pdbx_audit_revision_details.description         ? 
_pdbx_audit_revision_details.details             ? 
# 
loop_
_pdbx_audit_revision_group.ordinal 
_pdbx_audit_revision_group.revision_ordinal 
_pdbx_audit_revision_group.data_content_type 
_pdbx_audit_revision_group.group 
1 2 'Structure model' 'Data collection'     
2 2 'Structure model' 'Database references' 
# 
loop_
_pdbx_audit_revision_category.ordinal 
_pdbx_audit_revision_category.revision_ordinal 
_pdbx_audit_revision_category.data_content_type 
_pdbx_audit_revision_category.category 
1 2 'Structure model' chem_comp_atom 
2 2 'Structure model' chem_comp_bond 
3 2 'Structure model' database_2     
# 
loop_
_pdbx_audit_revision_item.ordinal 
_pdbx_audit_revision_item.revision_ordinal 
_pdbx_audit_revision_item.data_content_type 
_pdbx_audit_revision_item.item 
1 2 'Structure model' '_database_2.pdbx_DOI'                
2 2 'Structure model' '_database_2.pdbx_database_accession' 
# 
_pdbx_database_status.status_code                     REL 
_pdbx_database_status.status_code_sf                  ? 
_pdbx_database_status.status_code_mr                  ? 
_pdbx_database_status.entry_id                        6QJQ 
_pdbx_database_status.recvd_initial_deposition_date   2019-01-24 
_pdbx_database_status.SG_entry                        N 
_pdbx_database_status.deposit_site                    PDBE 
_pdbx_database_status.process_site                    PDBE 
_pdbx_database_status.status_code_cs                  ? 
_pdbx_database_status.methods_development_category    ? 
_pdbx_database_status.pdb_format_compatible           Y 
_pdbx_database_status.status_code_nmr_data            ? 
# 
_pdbx_database_related.db_name        EMDB 
_pdbx_database_related.details        . 
_pdbx_database_related.db_id          EMD-4566 
_pdbx_database_related.content_type   'associated EM volume' 
# 
loop_
_audit_author.name 
_audit_author.pdbx_ordinal 
_audit_author.identifier_ORCID 
'Zhang, W.'       1 0000-0002-3011-9956 
'Falcon, B.'      2 0000-0002-8176-2618 
'Murzin, A.G.'    3 ?                   
'Fan, J.'         4 ?                   
'Crowther, R.A.'  5 ?                   
'Goedert, M.'     6 0000-0002-5214-7886 
'Scheres, S.H.W.' 7 0000-0002-0462-6540 
# 
_citation.abstract                  ? 
_citation.abstract_id_CAS           ? 
_citation.book_id_ISBN              ? 
_citation.book_publisher            ? 
_citation.book_publisher_city       ? 
_citation.book_title                ? 
_citation.coordinate_linkage        ? 
_citation.country                   US 
_citation.database_id_Medline       ? 
_citation.details                   ? 
_citation.id                        primary 
_citation.journal_abbrev            Elife 
_citation.journal_id_ASTM           ? 
_citation.journal_id_CSD            ? 
_citation.journal_id_ISSN           2050-084X 
_citation.journal_full              ? 
_citation.journal_issue             ? 
_citation.journal_volume            8 
_citation.language                  ? 
_citation.page_first                ? 
_citation.page_last                 ? 
_citation.title                     
;Heparin-induced tau filaments are polymorphic and differ from those in Alzheimer's and Pick's diseases.
;
_citation.year                      2019 
_citation.database_id_CSD           ? 
_citation.pdbx_database_id_DOI      10.7554/eLife.43584 
_citation.pdbx_database_id_PubMed   30720432 
_citation.unpublished_flag          ? 
# 
loop_
_citation_author.citation_id 
_citation_author.name 
_citation_author.ordinal 
_citation_author.identifier_ORCID 
primary 'Zhang, W.'      1 ?                   
primary 'Falcon, B.'     2 ?                   
primary 'Murzin, A.G.'   3 ?                   
primary 'Fan, J.'        4 ?                   
primary 'Crowther, R.A.' 5 ?                   
primary 'Goedert, M.'    6 ?                   
primary 'Scheres, S.H.'  7 0000-0002-0462-6540 
# 
_entity.id                         1 
_entity.type                       polymer 
_entity.src_method                 man 
_entity.pdbx_description           'Microtubule-associated protein tau' 
_entity.formula_weight             2971.478 
_entity.pdbx_number_of_molecules   6 
_entity.pdbx_ec                    ? 
_entity.pdbx_mutation              ? 
_entity.pdbx_fragment              ? 
_entity.details                    ? 
# 
_entity_name_com.entity_id   1 
_entity_name_com.name        'Neurofibrillary tangle protein,Paired helical filament-tau,PHF-tau' 
# 
_entity_poly.entity_id                      1 
_entity_poly.type                           'polypeptide(L)' 
_entity_poly.nstd_linkage                   no 
_entity_poly.nstd_monomer                   no 
_entity_poly.pdbx_seq_one_letter_code       GGKVQIVYKPVDLSKVTSKCGSLGNIHH 
_entity_poly.pdbx_seq_one_letter_code_can   GGKVQIVYKPVDLSKVTSKCGSLGNIHH 
_entity_poly.pdbx_strand_id                 A,B,C,D,E,F 
_entity_poly.pdbx_target_identifier         ? 
# 
loop_
_entity_poly_seq.entity_id 
_entity_poly_seq.num 
_entity_poly_seq.mon_id 
_entity_poly_seq.hetero 
1 1  GLY n 
1 2  GLY n 
1 3  LYS n 
1 4  VAL n 
1 5  GLN n 
1 6  ILE n 
1 7  VAL n 
1 8  TYR n 
1 9  LYS n 
1 10 PRO n 
1 11 VAL n 
1 12 ASP n 
1 13 LEU n 
1 14 SER n 
1 15 LYS n 
1 16 VAL n 
1 17 THR n 
1 18 SER n 
1 19 LYS n 
1 20 CYS n 
1 21 GLY n 
1 22 SER n 
1 23 LEU n 
1 24 GLY n 
1 25 ASN n 
1 26 ILE n 
1 27 HIS n 
1 28 HIS n 
# 
_entity_src_gen.entity_id                          1 
_entity_src_gen.pdbx_src_id                        1 
_entity_src_gen.pdbx_alt_source_flag               sample 
_entity_src_gen.pdbx_seq_type                      'Biological sequence' 
_entity_src_gen.pdbx_beg_seq_num                   1 
_entity_src_gen.pdbx_end_seq_num                   28 
_entity_src_gen.gene_src_common_name               Human 
_entity_src_gen.gene_src_genus                     ? 
_entity_src_gen.pdbx_gene_src_gene                 'MAPT, MAPTL, MTBT1, TAU' 
_entity_src_gen.gene_src_species                   ? 
_entity_src_gen.gene_src_strain                    ? 
_entity_src_gen.gene_src_tissue                    ? 
_entity_src_gen.gene_src_tissue_fraction           ? 
_entity_src_gen.gene_src_details                   ? 
_entity_src_gen.pdbx_gene_src_fragment             ? 
_entity_src_gen.pdbx_gene_src_scientific_name      'Homo sapiens' 
_entity_src_gen.pdbx_gene_src_ncbi_taxonomy_id     9606 
_entity_src_gen.pdbx_gene_src_variant              ? 
_entity_src_gen.pdbx_gene_src_cell_line            ? 
_entity_src_gen.pdbx_gene_src_atcc                 ? 
_entity_src_gen.pdbx_gene_src_organ                ? 
_entity_src_gen.pdbx_gene_src_organelle            ? 
_entity_src_gen.pdbx_gene_src_cell                 ? 
_entity_src_gen.pdbx_gene_src_cellular_location    ? 
_entity_src_gen.host_org_common_name               ? 
_entity_src_gen.pdbx_host_org_scientific_name      'Escherichia coli BL21(DE3)' 
_entity_src_gen.pdbx_host_org_ncbi_taxonomy_id     469008 
_entity_src_gen.host_org_genus                     ? 
_entity_src_gen.pdbx_host_org_gene                 ? 
_entity_src_gen.pdbx_host_org_organ                ? 
_entity_src_gen.host_org_species                   ? 
_entity_src_gen.pdbx_host_org_tissue               ? 
_entity_src_gen.pdbx_host_org_tissue_fraction      ? 
_entity_src_gen.pdbx_host_org_strain               ? 
_entity_src_gen.pdbx_host_org_variant              ? 
_entity_src_gen.pdbx_host_org_cell_line            ? 
_entity_src_gen.pdbx_host_org_atcc                 ? 
_entity_src_gen.pdbx_host_org_culture_collection   ? 
_entity_src_gen.pdbx_host_org_cell                 ? 
_entity_src_gen.pdbx_host_org_organelle            ? 
_entity_src_gen.pdbx_host_org_cellular_location    ? 
_entity_src_gen.pdbx_host_org_vector_type          Plasmid 
_entity_src_gen.pdbx_host_org_vector               ? 
_entity_src_gen.host_org_details                   ? 
_entity_src_gen.expression_system_id               ? 
_entity_src_gen.plasmid_name                       PRK172 
_entity_src_gen.plasmid_details                    ? 
_entity_src_gen.pdbx_description                   ? 
# 
loop_
_chem_comp.id 
_chem_comp.type 
_chem_comp.mon_nstd_flag 
_chem_comp.name 
_chem_comp.pdbx_synonyms 
_chem_comp.formula 
_chem_comp.formula_weight 
ASN 'L-peptide linking' y ASPARAGINE      ? 'C4 H8 N2 O3'    132.118 
ASP 'L-peptide linking' y 'ASPARTIC ACID' ? 'C4 H7 N O4'     133.103 
CYS 'L-peptide linking' y CYSTEINE        ? 'C3 H7 N O2 S'   121.158 
GLN 'L-peptide linking' y GLUTAMINE       ? 'C5 H10 N2 O3'   146.144 
GLY 'peptide linking'   y GLYCINE         ? 'C2 H5 N O2'     75.067  
HIS 'L-peptide linking' y HISTIDINE       ? 'C6 H10 N3 O2 1' 156.162 
ILE 'L-peptide linking' y ISOLEUCINE      ? 'C6 H13 N O2'    131.173 
LEU 'L-peptide linking' y LEUCINE         ? 'C6 H13 N O2'    131.173 
LYS 'L-peptide linking' y LYSINE          ? 'C6 H15 N2 O2 1' 147.195 
PRO 'L-peptide linking' y PROLINE         ? 'C5 H9 N O2'     115.130 
SER 'L-peptide linking' y SERINE          ? 'C3 H7 N O3'     105.093 
THR 'L-peptide linking' y THREONINE       ? 'C4 H9 N O3'     119.119 
TYR 'L-peptide linking' y TYROSINE        ? 'C9 H11 N O3'    181.189 
VAL 'L-peptide linking' y VALINE          ? 'C5 H11 N O2'    117.146 
# 
loop_
_pdbx_poly_seq_scheme.asym_id 
_pdbx_poly_seq_scheme.entity_id 
_pdbx_poly_seq_scheme.seq_id 
_pdbx_poly_seq_scheme.mon_id 
_pdbx_poly_seq_scheme.ndb_seq_num 
_pdbx_poly_seq_scheme.pdb_seq_num 
_pdbx_poly_seq_scheme.auth_seq_num 
_pdbx_poly_seq_scheme.pdb_mon_id 
_pdbx_poly_seq_scheme.auth_mon_id 
_pdbx_poly_seq_scheme.pdb_strand_id 
_pdbx_poly_seq_scheme.pdb_ins_code 
_pdbx_poly_seq_scheme.hetero 
A 1 1  GLY 1  272 272 GLY GLY A . n 
A 1 2  GLY 2  273 273 GLY GLY A . n 
A 1 3  LYS 3  274 274 LYS LYS A . n 
A 1 4  VAL 4  306 306 VAL VAL A . n 
A 1 5  GLN 5  307 307 GLN GLN A . n 
A 1 6  ILE 6  308 308 ILE ILE A . n 
A 1 7  VAL 7  309 309 VAL VAL A . n 
A 1 8  TYR 8  310 310 TYR TYR A . n 
A 1 9  LYS 9  311 311 LYS LYS A . n 
A 1 10 PRO 10 312 312 PRO PRO A . n 
A 1 11 VAL 11 313 313 VAL VAL A . n 
A 1 12 ASP 12 314 314 ASP ASP A . n 
A 1 13 LEU 13 315 315 LEU LEU A . n 
A 1 14 SER 14 316 316 SER SER A . n 
A 1 15 LYS 15 317 317 LYS LYS A . n 
A 1 16 VAL 16 318 318 VAL VAL A . n 
A 1 17 THR 17 319 319 THR THR A . n 
A 1 18 SER 18 320 320 SER SER A . n 
A 1 19 LYS 19 321 321 LYS LYS A . n 
A 1 20 CYS 20 322 322 CYS CYS A . n 
A 1 21 GLY 21 323 323 GLY GLY A . n 
A 1 22 SER 22 324 324 SER SER A . n 
A 1 23 LEU 23 325 325 LEU LEU A . n 
A 1 24 GLY 24 326 326 GLY GLY A . n 
A 1 25 ASN 25 327 327 ASN ASN A . n 
A 1 26 ILE 26 328 328 ILE ILE A . n 
A 1 27 HIS 27 329 329 HIS HIS A . n 
A 1 28 HIS 28 330 330 HIS HIS A . n 
B 1 1  GLY 1  272 272 GLY GLY B . n 
B 1 2  GLY 2  273 273 GLY GLY B . n 
B 1 3  LYS 3  274 274 LYS LYS B . n 
B 1 4  VAL 4  306 306 VAL VAL B . n 
B 1 5  GLN 5  307 307 GLN GLN B . n 
B 1 6  ILE 6  308 308 ILE ILE B . n 
B 1 7  VAL 7  309 309 VAL VAL B . n 
B 1 8  TYR 8  310 310 TYR TYR B . n 
B 1 9  LYS 9  311 311 LYS LYS B . n 
B 1 10 PRO 10 312 312 PRO PRO B . n 
B 1 11 VAL 11 313 313 VAL VAL B . n 
B 1 12 ASP 12 314 314 ASP ASP B . n 
B 1 13 LEU 13 315 315 LEU LEU B . n 
B 1 14 SER 14 316 316 SER SER B . n 
B 1 15 LYS 15 317 317 LYS LYS B . n 
B 1 16 VAL 16 318 318 VAL VAL B . n 
B 1 17 THR 17 319 319 THR THR B . n 
B 1 18 SER 18 320 320 SER SER B . n 
B 1 19 LYS 19 321 321 LYS LYS B . n 
B 1 20 CYS 20 322 322 CYS CYS B . n 
B 1 21 GLY 21 323 323 GLY GLY B . n 
B 1 22 SER 22 324 324 SER SER B . n 
B 1 23 LEU 23 325 325 LEU LEU B . n 
B 1 24 GLY 24 326 326 GLY GLY B . n 
B 1 25 ASN 25 327 327 ASN ASN B . n 
B 1 26 ILE 26 328 328 ILE ILE B . n 
B 1 27 HIS 27 329 329 HIS HIS B . n 
B 1 28 HIS 28 330 330 HIS HIS B . n 
C 1 1  GLY 1  272 272 GLY GLY C . n 
C 1 2  GLY 2  273 273 GLY GLY C . n 
C 1 3  LYS 3  274 274 LYS LYS C . n 
C 1 4  VAL 4  306 306 VAL VAL C . n 
C 1 5  GLN 5  307 307 GLN GLN C . n 
C 1 6  ILE 6  308 308 ILE ILE C . n 
C 1 7  VAL 7  309 309 VAL VAL C . n 
C 1 8  TYR 8  310 310 TYR TYR C . n 
C 1 9  LYS 9  311 311 LYS LYS C . n 
C 1 10 PRO 10 312 312 PRO PRO C . n 
C 1 11 VAL 11 313 313 VAL VAL C . n 
C 1 12 ASP 12 314 314 ASP ASP C . n 
C 1 13 LEU 13 315 315 LEU LEU C . n 
C 1 14 SER 14 316 316 SER SER C . n 
C 1 15 LYS 15 317 317 LYS LYS C . n 
C 1 16 VAL 16 318 318 VAL VAL C . n 
C 1 17 THR 17 319 319 THR THR C . n 
C 1 18 SER 18 320 320 SER SER C . n 
C 1 19 LYS 19 321 321 LYS LYS C . n 
C 1 20 CYS 20 322 322 CYS CYS C . n 
C 1 21 GLY 21 323 323 GLY GLY C . n 
C 1 22 SER 22 324 324 SER SER C . n 
C 1 23 LEU 23 325 325 LEU LEU C . n 
C 1 24 GLY 24 326 326 GLY GLY C . n 
C 1 25 ASN 25 327 327 ASN ASN C . n 
C 1 26 ILE 26 328 328 ILE ILE C . n 
C 1 27 HIS 27 329 329 HIS HIS C . n 
C 1 28 HIS 28 330 330 HIS HIS C . n 
D 1 1  GLY 1  272 ?   ?   ?   D . n 
D 1 2  GLY 2  273 ?   ?   ?   D . n 
D 1 3  LYS 3  274 274 LYS LYS D . n 
D 1 4  VAL 4  306 306 VAL VAL D . n 
D 1 5  GLN 5  307 307 GLN GLN D . n 
D 1 6  ILE 6  308 308 ILE ILE D . n 
D 1 7  VAL 7  309 309 VAL VAL D . n 
D 1 8  TYR 8  310 310 TYR TYR D . n 
D 1 9  LYS 9  311 311 LYS LYS D . n 
D 1 10 PRO 10 312 312 PRO PRO D . n 
D 1 11 VAL 11 313 313 VAL VAL D . n 
D 1 12 ASP 12 314 314 ASP ASP D . n 
D 1 13 LEU 13 315 315 LEU LEU D . n 
D 1 14 SER 14 316 316 SER SER D . n 
D 1 15 LYS 15 317 317 LYS LYS D . n 
D 1 16 VAL 16 318 318 VAL VAL D . n 
D 1 17 THR 17 319 319 THR THR D . n 
D 1 18 SER 18 320 320 SER SER D . n 
D 1 19 LYS 19 321 321 LYS LYS D . n 
D 1 20 CYS 20 322 322 CYS CYS D . n 
D 1 21 GLY 21 323 323 GLY GLY D . n 
D 1 22 SER 22 324 324 SER SER D . n 
D 1 23 LEU 23 325 325 LEU LEU D . n 
D 1 24 GLY 24 326 326 GLY GLY D . n 
D 1 25 ASN 25 327 327 ASN ASN D . n 
D 1 26 ILE 26 328 328 ILE ILE D . n 
D 1 27 HIS 27 329 329 HIS HIS D . n 
D 1 28 HIS 28 330 330 HIS HIS D . n 
E 1 1  GLY 1  272 ?   ?   ?   E . n 
E 1 2  GLY 2  273 ?   ?   ?   E . n 
E 1 3  LYS 3  274 274 LYS LYS E . n 
E 1 4  VAL 4  306 306 VAL VAL E . n 
E 1 5  GLN 5  307 307 GLN GLN E . n 
E 1 6  ILE 6  308 308 ILE ILE E . n 
E 1 7  VAL 7  309 309 VAL VAL E . n 
E 1 8  TYR 8  310 310 TYR TYR E . n 
E 1 9  LYS 9  311 311 LYS LYS E . n 
E 1 10 PRO 10 312 312 PRO PRO E . n 
E 1 11 VAL 11 313 313 VAL VAL E . n 
E 1 12 ASP 12 314 314 ASP ASP E . n 
E 1 13 LEU 13 315 315 LEU LEU E . n 
E 1 14 SER 14 316 316 SER SER E . n 
E 1 15 LYS 15 317 317 LYS LYS E . n 
E 1 16 VAL 16 318 318 VAL VAL E . n 
E 1 17 THR 17 319 319 THR THR E . n 
E 1 18 SER 18 320 320 SER SER E . n 
E 1 19 LYS 19 321 321 LYS LYS E . n 
E 1 20 CYS 20 322 322 CYS CYS E . n 
E 1 21 GLY 21 323 323 GLY GLY E . n 
E 1 22 SER 22 324 324 SER SER E . n 
E 1 23 LEU 23 325 325 LEU LEU E . n 
E 1 24 GLY 24 326 326 GLY GLY E . n 
E 1 25 ASN 25 327 327 ASN ASN E . n 
E 1 26 ILE 26 328 328 ILE ILE E . n 
E 1 27 HIS 27 329 329 HIS HIS E . n 
E 1 28 HIS 28 330 330 HIS HIS E . n 
F 1 1  GLY 1  272 ?   ?   ?   F . n 
F 1 2  GLY 2  273 ?   ?   ?   F . n 
F 1 3  LYS 3  274 274 LYS LYS F . n 
F 1 4  VAL 4  306 306 VAL VAL F . n 
F 1 5  GLN 5  307 307 GLN GLN F . n 
F 1 6  ILE 6  308 308 ILE ILE F . n 
F 1 7  VAL 7  309 309 VAL VAL F . n 
F 1 8  TYR 8  310 310 TYR TYR F . n 
F 1 9  LYS 9  311 311 LYS LYS F . n 
F 1 10 PRO 10 312 312 PRO PRO F . n 
F 1 11 VAL 11 313 313 VAL VAL F . n 
F 1 12 ASP 12 314 314 ASP ASP F . n 
F 1 13 LEU 13 315 315 LEU LEU F . n 
F 1 14 SER 14 316 316 SER SER F . n 
F 1 15 LYS 15 317 317 LYS LYS F . n 
F 1 16 VAL 16 318 318 VAL VAL F . n 
F 1 17 THR 17 319 319 THR THR F . n 
F 1 18 SER 18 320 320 SER SER F . n 
F 1 19 LYS 19 321 321 LYS LYS F . n 
F 1 20 CYS 20 322 322 CYS CYS F . n 
F 1 21 GLY 21 323 323 GLY GLY F . n 
F 1 22 SER 22 324 324 SER SER F . n 
F 1 23 LEU 23 325 325 LEU LEU F . n 
F 1 24 GLY 24 326 326 GLY GLY F . n 
F 1 25 ASN 25 327 327 ASN ASN F . n 
F 1 26 ILE 26 328 328 ILE ILE F . n 
F 1 27 HIS 27 329 329 HIS HIS F . n 
F 1 28 HIS 28 330 330 HIS HIS F . n 
# 
_cell.angle_alpha                  90 
_cell.angle_alpha_esd              ? 
_cell.angle_beta                   90 
_cell.angle_beta_esd               ? 
_cell.angle_gamma                  90 
_cell.angle_gamma_esd              ? 
_cell.entry_id                     6QJQ 
_cell.details                      ? 
_cell.formula_units_Z              ? 
_cell.length_a                     1 
_cell.length_a_esd                 ? 
_cell.length_b                     1 
_cell.length_b_esd                 ? 
_cell.length_c                     1 
_cell.length_c_esd                 ? 
_cell.volume                       ? 
_cell.volume_esd                   ? 
_cell.Z_PDB                        ? 
_cell.reciprocal_angle_alpha       ? 
_cell.reciprocal_angle_beta        ? 
_cell.reciprocal_angle_gamma       ? 
_cell.reciprocal_angle_alpha_esd   ? 
_cell.reciprocal_angle_beta_esd    ? 
_cell.reciprocal_angle_gamma_esd   ? 
_cell.reciprocal_length_a          ? 
_cell.reciprocal_length_b          ? 
_cell.reciprocal_length_c          ? 
_cell.reciprocal_length_a_esd      ? 
_cell.reciprocal_length_b_esd      ? 
_cell.reciprocal_length_c_esd      ? 
_cell.pdbx_unique_axis             ? 
# 
_symmetry.entry_id                         6QJQ 
_symmetry.cell_setting                     ? 
_symmetry.Int_Tables_number                1 
_symmetry.space_group_name_Hall            ? 
_symmetry.space_group_name_H-M             'P 1' 
_symmetry.pdbx_full_space_group_name_H-M   ? 
# 
_exptl.absorpt_coefficient_mu     ? 
_exptl.absorpt_correction_T_max   ? 
_exptl.absorpt_correction_T_min   ? 
_exptl.absorpt_correction_type    ? 
_exptl.absorpt_process_details    ? 
_exptl.entry_id                   6QJQ 
_exptl.crystals_number            ? 
_exptl.details                    ? 
_exptl.method                     'ELECTRON MICROSCOPY' 
_exptl.method_details             ? 
# 
_struct.entry_id                     6QJQ 
_struct.title                        'Cryo-EM structure of heparin-induced 2N3R tau filaments' 
_struct.pdbx_model_details           ? 
_struct.pdbx_formula_weight          ? 
_struct.pdbx_formula_weight_method   ? 
_struct.pdbx_model_type_details      ? 
_struct.pdbx_CASP_flag               N 
# 
_struct_keywords.entry_id        6QJQ 
_struct_keywords.text            'Recombinant tau protein, heparin, filament, cross-beta structure, PROTEIN FIBRIL' 
_struct_keywords.pdbx_keywords   'PROTEIN FIBRIL' 
# 
loop_
_struct_asym.id 
_struct_asym.pdbx_blank_PDB_chainid_flag 
_struct_asym.pdbx_modified 
_struct_asym.entity_id 
_struct_asym.details 
A N N 1 ? 
B N N 1 ? 
C N N 1 ? 
D N N 1 ? 
E N N 1 ? 
F N N 1 ? 
# 
_struct_ref.id                         1 
_struct_ref.db_name                    UNP 
_struct_ref.db_code                    TAU_HUMAN 
_struct_ref.pdbx_db_accession          P10636 
_struct_ref.pdbx_db_isoform            P10636-2 
_struct_ref.entity_id                  1 
_struct_ref.pdbx_seq_one_letter_code   GGKVQIVYKPVDLSKVTSKCGSLGNIHH 
_struct_ref.pdbx_align_begin           214 
# 
loop_
_struct_ref_seq.align_id 
_struct_ref_seq.ref_id 
_struct_ref_seq.pdbx_PDB_id_code 
_struct_ref_seq.pdbx_strand_id 
_struct_ref_seq.seq_align_beg 
_struct_ref_seq.pdbx_seq_align_beg_ins_code 
_struct_ref_seq.seq_align_end 
_struct_ref_seq.pdbx_seq_align_end_ins_code 
_struct_ref_seq.pdbx_db_accession 
_struct_ref_seq.db_align_beg 
_struct_ref_seq.pdbx_db_align_beg_ins_code 
_struct_ref_seq.db_align_end 
_struct_ref_seq.pdbx_db_align_end_ins_code 
_struct_ref_seq.pdbx_auth_seq_align_beg 
_struct_ref_seq.pdbx_auth_seq_align_end 
1 1 6QJQ A 1 ? 28 ? P10636 214 ? 241 ? 272 330 
2 1 6QJQ B 1 ? 28 ? P10636 214 ? 241 ? 272 330 
3 1 6QJQ C 1 ? 28 ? P10636 214 ? 241 ? 272 330 
4 1 6QJQ D 1 ? 28 ? P10636 214 ? 241 ? 272 330 
5 1 6QJQ E 1 ? 28 ? P10636 214 ? 241 ? 272 330 
6 1 6QJQ F 1 ? 28 ? P10636 214 ? 241 ? 272 330 
# 
_pdbx_struct_assembly.id                   1 
_pdbx_struct_assembly.details              author_and_software_defined_assembly 
_pdbx_struct_assembly.method_details       PISA 
_pdbx_struct_assembly.oligomeric_details   hexameric 
_pdbx_struct_assembly.oligomeric_count     6 
# 
loop_
_pdbx_struct_assembly_prop.biol_id 
_pdbx_struct_assembly_prop.type 
_pdbx_struct_assembly_prop.value 
_pdbx_struct_assembly_prop.details 
1 'ABSA (A^2)' 12710 ? 
1 MORE         -76   ? 
1 'SSA (A^2)'  9800  ? 
# 
_pdbx_struct_assembly_gen.assembly_id       1 
_pdbx_struct_assembly_gen.oper_expression   1 
_pdbx_struct_assembly_gen.asym_id_list      A,B,C,D,E,F 
# 
loop_
_pdbx_struct_assembly_auth_evidence.id 
_pdbx_struct_assembly_auth_evidence.assembly_id 
_pdbx_struct_assembly_auth_evidence.experimental_support 
_pdbx_struct_assembly_auth_evidence.details 
1 1 'assay for oligomerization' 'We used Thioflavin T fluorescence to check the kinetic assays of the filament assembly.'    
2 1 microscopy                  'We used negative-stain electron microscopy to check the morphology of assembled filaments.' 
# 
_pdbx_struct_oper_list.id                   1 
_pdbx_struct_oper_list.type                 'identity operation' 
_pdbx_struct_oper_list.name                 1_555 
_pdbx_struct_oper_list.symmetry_operation   ? 
_pdbx_struct_oper_list.matrix[1][1]         1.0000000000 
_pdbx_struct_oper_list.matrix[1][2]         0.0000000000 
_pdbx_struct_oper_list.matrix[1][3]         0.0000000000 
_pdbx_struct_oper_list.vector[1]            0.0000000000 
_pdbx_struct_oper_list.matrix[2][1]         0.0000000000 
_pdbx_struct_oper_list.matrix[2][2]         1.0000000000 
_pdbx_struct_oper_list.matrix[2][3]         0.0000000000 
_pdbx_struct_oper_list.vector[2]            0.0000000000 
_pdbx_struct_oper_list.matrix[3][1]         0.0000000000 
_pdbx_struct_oper_list.matrix[3][2]         0.0000000000 
_pdbx_struct_oper_list.matrix[3][3]         1.0000000000 
_pdbx_struct_oper_list.vector[3]            0.0000000000 
# 
loop_
_struct_sheet.id 
_struct_sheet.type 
_struct_sheet.number_strands 
_struct_sheet.details 
AA1 ? 3 ? 
AA2 ? 3 ? 
AA3 ? 3 ? 
AA4 ? 3 ? 
AA5 ? 3 ? 
AA6 ? 3 ? 
AA7 ? 3 ? 
# 
loop_
_struct_sheet_order.sheet_id 
_struct_sheet_order.range_id_1 
_struct_sheet_order.range_id_2 
_struct_sheet_order.offset 
_struct_sheet_order.sense 
AA1 1 2 ? parallel 
AA1 2 3 ? parallel 
AA2 1 2 ? parallel 
AA2 2 3 ? parallel 
AA3 1 2 ? parallel 
AA3 2 3 ? parallel 
AA4 1 2 ? parallel 
AA4 2 3 ? parallel 
AA5 1 2 ? parallel 
AA5 2 3 ? parallel 
AA6 1 2 ? parallel 
AA6 2 3 ? parallel 
AA7 1 2 ? parallel 
AA7 2 3 ? parallel 
# 
loop_
_struct_sheet_range.sheet_id 
_struct_sheet_range.id 
_struct_sheet_range.beg_label_comp_id 
_struct_sheet_range.beg_label_asym_id 
_struct_sheet_range.beg_label_seq_id 
_struct_sheet_range.pdbx_beg_PDB_ins_code 
_struct_sheet_range.end_label_comp_id 
_struct_sheet_range.end_label_asym_id 
_struct_sheet_range.end_label_seq_id 
_struct_sheet_range.pdbx_end_PDB_ins_code 
_struct_sheet_range.beg_auth_comp_id 
_struct_sheet_range.beg_auth_asym_id 
_struct_sheet_range.beg_auth_seq_id 
_struct_sheet_range.end_auth_comp_id 
_struct_sheet_range.end_auth_asym_id 
_struct_sheet_range.end_auth_seq_id 
AA1 1 VAL B 4  ? ILE B 6  ? VAL B 306 ILE B 308 
AA1 2 VAL A 4  ? ILE A 6  ? VAL A 306 ILE A 308 
AA1 3 VAL C 4  ? ILE C 6  ? VAL C 306 ILE C 308 
AA2 1 VAL B 11 ? ASP B 12 ? VAL B 313 ASP B 314 
AA2 2 VAL A 11 ? ASP A 12 ? VAL A 313 ASP A 314 
AA2 3 VAL C 11 ? ASP C 12 ? VAL C 313 ASP C 314 
AA3 1 LYS B 15 ? THR B 17 ? LYS B 317 THR B 319 
AA3 2 LYS A 15 ? THR A 17 ? LYS A 317 THR A 319 
AA3 3 LYS C 15 ? THR C 17 ? LYS C 317 THR C 319 
AA4 1 CYS B 20 ? ILE B 26 ? CYS B 322 ILE B 328 
AA4 2 CYS A 20 ? ILE A 26 ? CYS A 322 ILE A 328 
AA4 3 CYS C 20 ? ILE C 26 ? CYS C 322 ILE C 328 
AA5 1 VAL E 4  ? TYR E 8  ? VAL E 306 TYR E 310 
AA5 2 VAL D 4  ? TYR D 8  ? VAL D 306 TYR D 310 
AA5 3 VAL F 4  ? TYR F 8  ? VAL F 306 TYR F 310 
AA6 1 VAL E 11 ? ASP E 12 ? VAL E 313 ASP E 314 
AA6 2 VAL D 11 ? ASP D 12 ? VAL D 313 ASP D 314 
AA6 3 VAL F 11 ? ASP F 12 ? VAL F 313 ASP F 314 
AA7 1 LYS E 19 ? HIS E 27 ? LYS E 321 HIS E 329 
AA7 2 LYS D 19 ? HIS D 27 ? LYS D 321 HIS D 329 
AA7 3 LYS F 19 ? HIS F 27 ? LYS F 321 HIS F 329 
# 
loop_
_pdbx_struct_sheet_hbond.sheet_id 
_pdbx_struct_sheet_hbond.range_id_1 
_pdbx_struct_sheet_hbond.range_id_2 
_pdbx_struct_sheet_hbond.range_1_label_atom_id 
_pdbx_struct_sheet_hbond.range_1_label_comp_id 
_pdbx_struct_sheet_hbond.range_1_label_asym_id 
_pdbx_struct_sheet_hbond.range_1_label_seq_id 
_pdbx_struct_sheet_hbond.range_1_PDB_ins_code 
_pdbx_struct_sheet_hbond.range_1_auth_atom_id 
_pdbx_struct_sheet_hbond.range_1_auth_comp_id 
_pdbx_struct_sheet_hbond.range_1_auth_asym_id 
_pdbx_struct_sheet_hbond.range_1_auth_seq_id 
_pdbx_struct_sheet_hbond.range_2_label_atom_id 
_pdbx_struct_sheet_hbond.range_2_label_comp_id 
_pdbx_struct_sheet_hbond.range_2_label_asym_id 
_pdbx_struct_sheet_hbond.range_2_label_seq_id 
_pdbx_struct_sheet_hbond.range_2_PDB_ins_code 
_pdbx_struct_sheet_hbond.range_2_auth_atom_id 
_pdbx_struct_sheet_hbond.range_2_auth_comp_id 
_pdbx_struct_sheet_hbond.range_2_auth_asym_id 
_pdbx_struct_sheet_hbond.range_2_auth_seq_id 
AA1 1 2 O VAL B 4  ? O VAL B 306 N GLN A 5  ? N GLN A 307 
AA1 2 3 N VAL A 4  ? N VAL A 306 O GLN C 5  ? O GLN C 307 
AA2 1 2 O ASP B 12 ? O ASP B 314 N VAL A 11 ? N VAL A 313 
AA2 2 3 N ASP A 12 ? N ASP A 314 O VAL C 11 ? O VAL C 313 
AA3 1 2 O VAL B 16 ? O VAL B 318 N THR A 17 ? N THR A 319 
AA3 2 3 N VAL A 16 ? N VAL A 318 O THR C 17 ? O THR C 319 
AA4 1 2 O GLY B 24 ? O GLY B 326 N ASN A 25 ? N ASN A 327 
AA4 2 3 N GLY A 24 ? N GLY A 326 O ASN C 25 ? O ASN C 327 
AA5 1 2 O GLN E 5  ? O GLN E 307 N VAL D 4  ? N VAL D 306 
AA5 2 3 N GLN D 5  ? N GLN D 307 O VAL F 4  ? O VAL F 306 
AA6 1 2 O VAL E 11 ? O VAL E 313 N ASP D 12 ? N ASP D 314 
AA6 2 3 N VAL D 11 ? N VAL D 313 O ASP F 12 ? O ASP F 314 
AA7 1 2 O LEU E 23 ? O LEU E 325 N SER D 22 ? N SER D 324 
AA7 2 3 N ILE D 26 ? N ILE D 328 O HIS F 27 ? O HIS F 329 
# 
loop_
_pdbx_validate_torsion.id 
_pdbx_validate_torsion.PDB_model_num 
_pdbx_validate_torsion.auth_comp_id 
_pdbx_validate_torsion.auth_asym_id 
_pdbx_validate_torsion.auth_seq_id 
_pdbx_validate_torsion.PDB_ins_code 
_pdbx_validate_torsion.label_alt_id 
_pdbx_validate_torsion.phi 
_pdbx_validate_torsion.psi 
1 1 VAL A 309 ? ? -110.82 78.34 
2 1 ASN A 327 ? ? 59.19   96.31 
3 1 VAL B 309 ? ? -110.84 78.33 
4 1 ASN B 327 ? ? 59.14   96.30 
5 1 VAL C 309 ? ? -110.83 78.32 
6 1 ASN C 327 ? ? 59.17   96.34 
7 1 ASN D 327 ? ? 55.10   85.50 
8 1 ASN E 327 ? ? 55.10   85.50 
9 1 ASN F 327 ? ? 55.11   85.48 
# 
_em_3d_fitting.entry_id          6QJQ 
_em_3d_fitting.id                1 
_em_3d_fitting.details           
;A stack of three consecutive monomers was refined to preserve nearest-neighbour interactions for the middle chain. Side-chain clashes were detected using MOLPROBITY, and corrected by iterative cycles of real-space refinement in COOT and Fourier-space refinement in REFMAC and PHENIX. For each refined structure, separate model refinements were performed against a single half-map, and the resulting model was compared to the other half-map to confirm the absence of overfitting.
;
_em_3d_fitting.overall_b_value   95.9 
_em_3d_fitting.ref_protocol      'AB INITIO MODEL' 
_em_3d_fitting.ref_space         RECIPROCAL 
_em_3d_fitting.target_criteria   'Fourier shell correlation' 
_em_3d_fitting.method            ? 
# 
_em_3d_reconstruction.entry_id                    6QJQ 
_em_3d_reconstruction.id                          1 
_em_3d_reconstruction.algorithm                   'FOURIER SPACE' 
_em_3d_reconstruction.details                     
'For masked FSC calculation, phase randomisation was done at 6.1 A, where the FSC of the unmasked map was 0.85.' 
_em_3d_reconstruction.refinement_type             ? 
_em_3d_reconstruction.image_processing_id         1 
_em_3d_reconstruction.num_class_averages          1 
_em_3d_reconstruction.num_particles               149909 
_em_3d_reconstruction.resolution                  3.7 
_em_3d_reconstruction.resolution_method           'FSC 0.143 CUT-OFF' 
_em_3d_reconstruction.symmetry_type               HELICAL 
_em_3d_reconstruction.method                      ? 
_em_3d_reconstruction.nominal_pixel_size          ? 
_em_3d_reconstruction.actual_pixel_size           ? 
_em_3d_reconstruction.magnification_calibration   ? 
# 
_em_buffer.id            1 
_em_buffer.details       '20 mM Tris, pH 7.4, 100mM NaCl' 
_em_buffer.pH            7.4 
_em_buffer.specimen_id   1 
_em_buffer.name          ? 
# 
_em_entity_assembly.id                   1 
_em_entity_assembly.parent_id            0 
_em_entity_assembly.details              'Recombinant 2N3R tau protein was induced into filaments by adding heparin' 
_em_entity_assembly.name                 'heparin-induced 2N3R tau filaments' 
_em_entity_assembly.source               RECOMBINANT 
_em_entity_assembly.type                 COMPLEX 
_em_entity_assembly.entity_id_list       1 
_em_entity_assembly.synonym              ? 
_em_entity_assembly.oligomeric_details   ? 
# 
_em_image_scans.entry_id                6QJQ 
_em_image_scans.id                      1 
_em_image_scans.dimension_height        3710 
_em_image_scans.dimension_width         3838 
_em_image_scans.frames_per_image        44 
_em_image_scans.image_recording_id      1 
_em_image_scans.sampling_size           5.0 
_em_image_scans.scanner_model           ? 
_em_image_scans.used_frames_per_image   1-44 
_em_image_scans.citation_id             ? 
_em_image_scans.number_digital_images   ? 
_em_image_scans.od_range                ? 
_em_image_scans.quant_bit_size          ? 
_em_image_scans.details                 ? 
# 
_em_imaging.id                              1 
_em_imaging.entry_id                        6QJQ 
_em_imaging.accelerating_voltage            300 
_em_imaging.alignment_procedure             'ZEMLIN TABLEAU' 
_em_imaging.c2_aperture_diameter            70.0 
_em_imaging.calibrated_defocus_max          ? 
_em_imaging.calibrated_defocus_min          ? 
_em_imaging.calibrated_magnification        ? 
_em_imaging.cryogen                         NITROGEN 
_em_imaging.details                         ? 
_em_imaging.electron_source                 'FIELD EMISSION GUN' 
_em_imaging.illumination_mode               'FLOOD BEAM' 
_em_imaging.microscope_model                'FEI TITAN KRIOS' 
_em_imaging.mode                            'BRIGHT FIELD' 
_em_imaging.nominal_cs                      2.7 
_em_imaging.nominal_defocus_max             2200 
_em_imaging.nominal_defocus_min             800 
_em_imaging.nominal_magnification           ? 
_em_imaging.recording_temperature_maximum   ? 
_em_imaging.recording_temperature_minimum   ? 
_em_imaging.residual_tilt                   ? 
_em_imaging.specimen_holder_model           'FEI TITAN KRIOS AUTOGRID HOLDER' 
_em_imaging.specimen_id                     1 
_em_imaging.citation_id                     ? 
_em_imaging.date                            ? 
_em_imaging.temperature                     ? 
_em_imaging.tilt_angle_min                  ? 
_em_imaging.tilt_angle_max                  ? 
_em_imaging.astigmatism                     ? 
_em_imaging.detector_distance               ? 
_em_imaging.electron_beam_tilt_params       ? 
_em_imaging.specimen_holder_type            ? 
# 
_em_sample_support.id               1 
_em_sample_support.specimen_id      1 
_em_sample_support.details          ? 
_em_sample_support.grid_material    GOLD 
_em_sample_support.grid_mesh_size   300 
_em_sample_support.grid_type        'Quantifoil R1.2/1.3' 
_em_sample_support.method           ? 
_em_sample_support.film_material    ? 
# 
_em_vitrification.id                    1 
_em_vitrification.specimen_id           1 
_em_vitrification.chamber_temperature   277 
_em_vitrification.cryogen_name          ETHANE 
_em_vitrification.details               'Blot force: -12 ; Blot time: 4s' 
_em_vitrification.humidity              100 
_em_vitrification.instrument            'FEI VITROBOT MARK IV' 
_em_vitrification.entry_id              6QJQ 
_em_vitrification.citation_id           ? 
_em_vitrification.method                ? 
_em_vitrification.temp                  ? 
_em_vitrification.time_resolved_state   ? 
# 
_em_experiment.entry_id                6QJQ 
_em_experiment.id                      1 
_em_experiment.aggregation_state       FILAMENT 
_em_experiment.reconstruction_method   'SINGLE PARTICLE' 
_em_experiment.entity_assembly_id      1 
# 
loop_
_pdbx_unobs_or_zero_occ_residues.id 
_pdbx_unobs_or_zero_occ_residues.PDB_model_num 
_pdbx_unobs_or_zero_occ_residues.polymer_flag 
_pdbx_unobs_or_zero_occ_residues.occupancy_flag 
_pdbx_unobs_or_zero_occ_residues.auth_asym_id 
_pdbx_unobs_or_zero_occ_residues.auth_comp_id 
_pdbx_unobs_or_zero_occ_residues.auth_seq_id 
_pdbx_unobs_or_zero_occ_residues.PDB_ins_code 
_pdbx_unobs_or_zero_occ_residues.label_asym_id 
_pdbx_unobs_or_zero_occ_residues.label_comp_id 
_pdbx_unobs_or_zero_occ_residues.label_seq_id 
1 1 Y 1 D GLY 272 ? D GLY 1 
2 1 Y 1 D GLY 273 ? D GLY 2 
3 1 Y 1 E GLY 272 ? E GLY 1 
4 1 Y 1 E GLY 273 ? E GLY 2 
5 1 Y 1 F GLY 272 ? F GLY 1 
6 1 Y 1 F GLY 273 ? F GLY 2 
# 
loop_
_chem_comp_atom.comp_id 
_chem_comp_atom.atom_id 
_chem_comp_atom.type_symbol 
_chem_comp_atom.pdbx_aromatic_flag 
_chem_comp_atom.pdbx_stereo_config 
_chem_comp_atom.pdbx_ordinal 
ASN N    N N N 1   
ASN CA   C N S 2   
ASN C    C N N 3   
ASN O    O N N 4   
ASN CB   C N N 5   
ASN CG   C N N 6   
ASN OD1  O N N 7   
ASN ND2  N N N 8   
ASN OXT  O N N 9   
ASN H    H N N 10  
ASN H2   H N N 11  
ASN HA   H N N 12  
ASN HB2  H N N 13  
ASN HB3  H N N 14  
ASN HD21 H N N 15  
ASN HD22 H N N 16  
ASN HXT  H N N 17  
ASP N    N N N 18  
ASP CA   C N S 19  
ASP C    C N N 20  
ASP O    O N N 21  
ASP CB   C N N 22  
ASP CG   C N N 23  
ASP OD1  O N N 24  
ASP OD2  O N N 25  
ASP OXT  O N N 26  
ASP H    H N N 27  
ASP H2   H N N 28  
ASP HA   H N N 29  
ASP HB2  H N N 30  
ASP HB3  H N N 31  
ASP HD2  H N N 32  
ASP HXT  H N N 33  
CYS N    N N N 34  
CYS CA   C N R 35  
CYS C    C N N 36  
CYS O    O N N 37  
CYS CB   C N N 38  
CYS SG   S N N 39  
CYS OXT  O N N 40  
CYS H    H N N 41  
CYS H2   H N N 42  
CYS HA   H N N 43  
CYS HB2  H N N 44  
CYS HB3  H N N 45  
CYS HG   H N N 46  
CYS HXT  H N N 47  
GLN N    N N N 48  
GLN CA   C N S 49  
GLN C    C N N 50  
GLN O    O N N 51  
GLN CB   C N N 52  
GLN CG   C N N 53  
GLN CD   C N N 54  
GLN OE1  O N N 55  
GLN NE2  N N N 56  
GLN OXT  O N N 57  
GLN H    H N N 58  
GLN H2   H N N 59  
GLN HA   H N N 60  
GLN HB2  H N N 61  
GLN HB3  H N N 62  
GLN HG2  H N N 63  
GLN HG3  H N N 64  
GLN HE21 H N N 65  
GLN HE22 H N N 66  
GLN HXT  H N N 67  
GLY N    N N N 68  
GLY CA   C N N 69  
GLY C    C N N 70  
GLY O    O N N 71  
GLY OXT  O N N 72  
GLY H    H N N 73  
GLY H2   H N N 74  
GLY HA2  H N N 75  
GLY HA3  H N N 76  
GLY HXT  H N N 77  
HIS N    N N N 78  
HIS CA   C N S 79  
HIS C    C N N 80  
HIS O    O N N 81  
HIS CB   C N N 82  
HIS CG   C Y N 83  
HIS ND1  N Y N 84  
HIS CD2  C Y N 85  
HIS CE1  C Y N 86  
HIS NE2  N Y N 87  
HIS OXT  O N N 88  
HIS H    H N N 89  
HIS H2   H N N 90  
HIS HA   H N N 91  
HIS HB2  H N N 92  
HIS HB3  H N N 93  
HIS HD1  H N N 94  
HIS HD2  H N N 95  
HIS HE1  H N N 96  
HIS HE2  H N N 97  
HIS HXT  H N N 98  
ILE N    N N N 99  
ILE CA   C N S 100 
ILE C    C N N 101 
ILE O    O N N 102 
ILE CB   C N S 103 
ILE CG1  C N N 104 
ILE CG2  C N N 105 
ILE CD1  C N N 106 
ILE OXT  O N N 107 
ILE H    H N N 108 
ILE H2   H N N 109 
ILE HA   H N N 110 
ILE HB   H N N 111 
ILE HG12 H N N 112 
ILE HG13 H N N 113 
ILE HG21 H N N 114 
ILE HG22 H N N 115 
ILE HG23 H N N 116 
ILE HD11 H N N 117 
ILE HD12 H N N 118 
ILE HD13 H N N 119 
ILE HXT  H N N 120 
LEU N    N N N 121 
LEU CA   C N S 122 
LEU C    C N N 123 
LEU O    O N N 124 
LEU CB   C N N 125 
LEU CG   C N N 126 
LEU CD1  C N N 127 
LEU CD2  C N N 128 
LEU OXT  O N N 129 
LEU H    H N N 130 
LEU H2   H N N 131 
LEU HA   H N N 132 
LEU HB2  H N N 133 
LEU HB3  H N N 134 
LEU HG   H N N 135 
LEU HD11 H N N 136 
LEU HD12 H N N 137 
LEU HD13 H N N 138 
LEU HD21 H N N 139 
LEU HD22 H N N 140 
LEU HD23 H N N 141 
LEU HXT  H N N 142 
LYS N    N N N 143 
LYS CA   C N S 144 
LYS C    C N N 145 
LYS O    O N N 146 
LYS CB   C N N 147 
LYS CG   C N N 148 
LYS CD   C N N 149 
LYS CE   C N N 150 
LYS NZ   N N N 151 
LYS OXT  O N N 152 
LYS H    H N N 153 
LYS H2   H N N 154 
LYS HA   H N N 155 
LYS HB2  H N N 156 
LYS HB3  H N N 157 
LYS HG2  H N N 158 
LYS HG3  H N N 159 
LYS HD2  H N N 160 
LYS HD3  H N N 161 
LYS HE2  H N N 162 
LYS HE3  H N N 163 
LYS HZ1  H N N 164 
LYS HZ2  H N N 165 
LYS HZ3  H N N 166 
LYS HXT  H N N 167 
PRO N    N N N 168 
PRO CA   C N S 169 
PRO C    C N N 170 
PRO O    O N N 171 
PRO CB   C N N 172 
PRO CG   C N N 173 
PRO CD   C N N 174 
PRO OXT  O N N 175 
PRO H    H N N 176 
PRO HA   H N N 177 
PRO HB2  H N N 178 
PRO HB3  H N N 179 
PRO HG2  H N N 180 
PRO HG3  H N N 181 
PRO HD2  H N N 182 
PRO HD3  H N N 183 
PRO HXT  H N N 184 
SER N    N N N 185 
SER CA   C N S 186 
SER C    C N N 187 
SER O    O N N 188 
SER CB   C N N 189 
SER OG   O N N 190 
SER OXT  O N N 191 
SER H    H N N 192 
SER H2   H N N 193 
SER HA   H N N 194 
SER HB2  H N N 195 
SER HB3  H N N 196 
SER HG   H N N 197 
SER HXT  H N N 198 
THR N    N N N 199 
THR CA   C N S 200 
THR C    C N N 201 
THR O    O N N 202 
THR CB   C N R 203 
THR OG1  O N N 204 
THR CG2  C N N 205 
THR OXT  O N N 206 
THR H    H N N 207 
THR H2   H N N 208 
THR HA   H N N 209 
THR HB   H N N 210 
THR HG1  H N N 211 
THR HG21 H N N 212 
THR HG22 H N N 213 
THR HG23 H N N 214 
THR HXT  H N N 215 
TYR N    N N N 216 
TYR CA   C N S 217 
TYR C    C N N 218 
TYR O    O N N 219 
TYR CB   C N N 220 
TYR CG   C Y N 221 
TYR CD1  C Y N 222 
TYR CD2  C Y N 223 
TYR CE1  C Y N 224 
TYR CE2  C Y N 225 
TYR CZ   C Y N 226 
TYR OH   O N N 227 
TYR OXT  O N N 228 
TYR H    H N N 229 
TYR H2   H N N 230 
TYR HA   H N N 231 
TYR HB2  H N N 232 
TYR HB3  H N N 233 
TYR HD1  H N N 234 
TYR HD2  H N N 235 
TYR HE1  H N N 236 
TYR HE2  H N N 237 
TYR HH   H N N 238 
TYR HXT  H N N 239 
VAL N    N N N 240 
VAL CA   C N S 241 
VAL C    C N N 242 
VAL O    O N N 243 
VAL CB   C N N 244 
VAL CG1  C N N 245 
VAL CG2  C N N 246 
VAL OXT  O N N 247 
VAL H    H N N 248 
VAL H2   H N N 249 
VAL HA   H N N 250 
VAL HB   H N N 251 
VAL HG11 H N N 252 
VAL HG12 H N N 253 
VAL HG13 H N N 254 
VAL HG21 H N N 255 
VAL HG22 H N N 256 
VAL HG23 H N N 257 
VAL HXT  H N N 258 
# 
loop_
_chem_comp_bond.comp_id 
_chem_comp_bond.atom_id_1 
_chem_comp_bond.atom_id_2 
_chem_comp_bond.value_order 
_chem_comp_bond.pdbx_aromatic_flag 
_chem_comp_bond.pdbx_stereo_config 
_chem_comp_bond.pdbx_ordinal 
ASN N   CA   sing N N 1   
ASN N   H    sing N N 2   
ASN N   H2   sing N N 3   
ASN CA  C    sing N N 4   
ASN CA  CB   sing N N 5   
ASN CA  HA   sing N N 6   
ASN C   O    doub N N 7   
ASN C   OXT  sing N N 8   
ASN CB  CG   sing N N 9   
ASN CB  HB2  sing N N 10  
ASN CB  HB3  sing N N 11  
ASN CG  OD1  doub N N 12  
ASN CG  ND2  sing N N 13  
ASN ND2 HD21 sing N N 14  
ASN ND2 HD22 sing N N 15  
ASN OXT HXT  sing N N 16  
ASP N   CA   sing N N 17  
ASP N   H    sing N N 18  
ASP N   H2   sing N N 19  
ASP CA  C    sing N N 20  
ASP CA  CB   sing N N 21  
ASP CA  HA   sing N N 22  
ASP C   O    doub N N 23  
ASP C   OXT  sing N N 24  
ASP CB  CG   sing N N 25  
ASP CB  HB2  sing N N 26  
ASP CB  HB3  sing N N 27  
ASP CG  OD1  doub N N 28  
ASP CG  OD2  sing N N 29  
ASP OD2 HD2  sing N N 30  
ASP OXT HXT  sing N N 31  
CYS N   CA   sing N N 32  
CYS N   H    sing N N 33  
CYS N   H2   sing N N 34  
CYS CA  C    sing N N 35  
CYS CA  CB   sing N N 36  
CYS CA  HA   sing N N 37  
CYS C   O    doub N N 38  
CYS C   OXT  sing N N 39  
CYS CB  SG   sing N N 40  
CYS CB  HB2  sing N N 41  
CYS CB  HB3  sing N N 42  
CYS SG  HG   sing N N 43  
CYS OXT HXT  sing N N 44  
GLN N   CA   sing N N 45  
GLN N   H    sing N N 46  
GLN N   H2   sing N N 47  
GLN CA  C    sing N N 48  
GLN CA  CB   sing N N 49  
GLN CA  HA   sing N N 50  
GLN C   O    doub N N 51  
GLN C   OXT  sing N N 52  
GLN CB  CG   sing N N 53  
GLN CB  HB2  sing N N 54  
GLN CB  HB3  sing N N 55  
GLN CG  CD   sing N N 56  
GLN CG  HG2  sing N N 57  
GLN CG  HG3  sing N N 58  
GLN CD  OE1  doub N N 59  
GLN CD  NE2  sing N N 60  
GLN NE2 HE21 sing N N 61  
GLN NE2 HE22 sing N N 62  
GLN OXT HXT  sing N N 63  
GLY N   CA   sing N N 64  
GLY N   H    sing N N 65  
GLY N   H2   sing N N 66  
GLY CA  C    sing N N 67  
GLY CA  HA2  sing N N 68  
GLY CA  HA3  sing N N 69  
GLY C   O    doub N N 70  
GLY C   OXT  sing N N 71  
GLY OXT HXT  sing N N 72  
HIS N   CA   sing N N 73  
HIS N   H    sing N N 74  
HIS N   H2   sing N N 75  
HIS CA  C    sing N N 76  
HIS CA  CB   sing N N 77  
HIS CA  HA   sing N N 78  
HIS C   O    doub N N 79  
HIS C   OXT  sing N N 80  
HIS CB  CG   sing N N 81  
HIS CB  HB2  sing N N 82  
HIS CB  HB3  sing N N 83  
HIS CG  ND1  sing Y N 84  
HIS CG  CD2  doub Y N 85  
HIS ND1 CE1  doub Y N 86  
HIS ND1 HD1  sing N N 87  
HIS CD2 NE2  sing Y N 88  
HIS CD2 HD2  sing N N 89  
HIS CE1 NE2  sing Y N 90  
HIS CE1 HE1  sing N N 91  
HIS NE2 HE2  sing N N 92  
HIS OXT HXT  sing N N 93  
ILE N   CA   sing N N 94  
ILE N   H    sing N N 95  
ILE N   H2   sing N N 96  
ILE CA  C    sing N N 97  
ILE CA  CB   sing N N 98  
ILE CA  HA   sing N N 99  
ILE C   O    doub N N 100 
ILE C   OXT  sing N N 101 
ILE CB  CG1  sing N N 102 
ILE CB  CG2  sing N N 103 
ILE CB  HB   sing N N 104 
ILE CG1 CD1  sing N N 105 
ILE CG1 HG12 sing N N 106 
ILE CG1 HG13 sing N N 107 
ILE CG2 HG21 sing N N 108 
ILE CG2 HG22 sing N N 109 
ILE CG2 HG23 sing N N 110 
ILE CD1 HD11 sing N N 111 
ILE CD1 HD12 sing N N 112 
ILE CD1 HD13 sing N N 113 
ILE OXT HXT  sing N N 114 
LEU N   CA   sing N N 115 
LEU N   H    sing N N 116 
LEU N   H2   sing N N 117 
LEU CA  C    sing N N 118 
LEU CA  CB   sing N N 119 
LEU CA  HA   sing N N 120 
LEU C   O    doub N N 121 
LEU C   OXT  sing N N 122 
LEU CB  CG   sing N N 123 
LEU CB  HB2  sing N N 124 
LEU CB  HB3  sing N N 125 
LEU CG  CD1  sing N N 126 
LEU CG  CD2  sing N N 127 
LEU CG  HG   sing N N 128 
LEU CD1 HD11 sing N N 129 
LEU CD1 HD12 sing N N 130 
LEU CD1 HD13 sing N N 131 
LEU CD2 HD21 sing N N 132 
LEU CD2 HD22 sing N N 133 
LEU CD2 HD23 sing N N 134 
LEU OXT HXT  sing N N 135 
LYS N   CA   sing N N 136 
LYS N   H    sing N N 137 
LYS N   H2   sing N N 138 
LYS CA  C    sing N N 139 
LYS CA  CB   sing N N 140 
LYS CA  HA   sing N N 141 
LYS C   O    doub N N 142 
LYS C   OXT  sing N N 143 
LYS CB  CG   sing N N 144 
LYS CB  HB2  sing N N 145 
LYS CB  HB3  sing N N 146 
LYS CG  CD   sing N N 147 
LYS CG  HG2  sing N N 148 
LYS CG  HG3  sing N N 149 
LYS CD  CE   sing N N 150 
LYS CD  HD2  sing N N 151 
LYS CD  HD3  sing N N 152 
LYS CE  NZ   sing N N 153 
LYS CE  HE2  sing N N 154 
LYS CE  HE3  sing N N 155 
LYS NZ  HZ1  sing N N 156 
LYS NZ  HZ2  sing N N 157 
LYS NZ  HZ3  sing N N 158 
LYS OXT HXT  sing N N 159 
PRO N   CA   sing N N 160 
PRO N   CD   sing N N 161 
PRO N   H    sing N N 162 
PRO CA  C    sing N N 163 
PRO CA  CB   sing N N 164 
PRO CA  HA   sing N N 165 
PRO C   O    doub N N 166 
PRO C   OXT  sing N N 167 
PRO CB  CG   sing N N 168 
PRO CB  HB2  sing N N 169 
PRO CB  HB3  sing N N 170 
PRO CG  CD   sing N N 171 
PRO CG  HG2  sing N N 172 
PRO CG  HG3  sing N N 173 
PRO CD  HD2  sing N N 174 
PRO CD  HD3  sing N N 175 
PRO OXT HXT  sing N N 176 
SER N   CA   sing N N 177 
SER N   H    sing N N 178 
SER N   H2   sing N N 179 
SER CA  C    sing N N 180 
SER CA  CB   sing N N 181 
SER CA  HA   sing N N 182 
SER C   O    doub N N 183 
SER C   OXT  sing N N 184 
SER CB  OG   sing N N 185 
SER CB  HB2  sing N N 186 
SER CB  HB3  sing N N 187 
SER OG  HG   sing N N 188 
SER OXT HXT  sing N N 189 
THR N   CA   sing N N 190 
THR N   H    sing N N 191 
THR N   H2   sing N N 192 
THR CA  C    sing N N 193 
THR CA  CB   sing N N 194 
THR CA  HA   sing N N 195 
THR C   O    doub N N 196 
THR C   OXT  sing N N 197 
THR CB  OG1  sing N N 198 
THR CB  CG2  sing N N 199 
THR CB  HB   sing N N 200 
THR OG1 HG1  sing N N 201 
THR CG2 HG21 sing N N 202 
THR CG2 HG22 sing N N 203 
THR CG2 HG23 sing N N 204 
THR OXT HXT  sing N N 205 
TYR N   CA   sing N N 206 
TYR N   H    sing N N 207 
TYR N   H2   sing N N 208 
TYR CA  C    sing N N 209 
TYR CA  CB   sing N N 210 
TYR CA  HA   sing N N 211 
TYR C   O    doub N N 212 
TYR C   OXT  sing N N 213 
TYR CB  CG   sing N N 214 
TYR CB  HB2  sing N N 215 
TYR CB  HB3  sing N N 216 
TYR CG  CD1  doub Y N 217 
TYR CG  CD2  sing Y N 218 
TYR CD1 CE1  sing Y N 219 
TYR CD1 HD1  sing N N 220 
TYR CD2 CE2  doub Y N 221 
TYR CD2 HD2  sing N N 222 
TYR CE1 CZ   doub Y N 223 
TYR CE1 HE1  sing N N 224 
TYR CE2 CZ   sing Y N 225 
TYR CE2 HE2  sing N N 226 
TYR CZ  OH   sing N N 227 
TYR OH  HH   sing N N 228 
TYR OXT HXT  sing N N 229 
VAL N   CA   sing N N 230 
VAL N   H    sing N N 231 
VAL N   H2   sing N N 232 
VAL CA  C    sing N N 233 
VAL CA  CB   sing N N 234 
VAL CA  HA   sing N N 235 
VAL C   O    doub N N 236 
VAL C   OXT  sing N N 237 
VAL CB  CG1  sing N N 238 
VAL CB  CG2  sing N N 239 
VAL CB  HB   sing N N 240 
VAL CG1 HG11 sing N N 241 
VAL CG1 HG12 sing N N 242 
VAL CG1 HG13 sing N N 243 
VAL CG2 HG21 sing N N 244 
VAL CG2 HG22 sing N N 245 
VAL CG2 HG23 sing N N 246 
VAL OXT HXT  sing N N 247 
# 
loop_
_em_buffer_component.buffer_id 
_em_buffer_component.id 
_em_buffer_component.concentration 
_em_buffer_component.concentration_units 
_em_buffer_component.formula 
_em_buffer_component.name 
1 1 0.02 mol/L Tris 'tris(hydroxymethyl)aminomethane' 
1 2 0.1  mol/L NaCl 'sodium chloride'                 
# 
_em_crystal_formation.id                    1 
_em_crystal_formation.specimen_id           1 
_em_crystal_formation.atmosphere            ? 
_em_crystal_formation.details               ? 
_em_crystal_formation.instrument            ? 
_em_crystal_formation.lipid_mixture         ? 
_em_crystal_formation.lipid_protein_ratio   ? 
_em_crystal_formation.temperature           ? 
_em_crystal_formation.time                  ? 
_em_crystal_formation.time_unit             ? 
# 
_em_ctf_correction.id                       1 
_em_ctf_correction.em_image_processing_id   1 
_em_ctf_correction.type                     'PHASE FLIPPING AND AMPLITUDE CORRECTION' 
_em_ctf_correction.details                  
'Aligned, non-dose-weighted micrographs were used to estimate the contrast transfer function (CTF) using CTFFIND4.1' 
# 
_em_entity_assembly_molwt.entity_assembly_id   1 
_em_entity_assembly_molwt.id                   1 
_em_entity_assembly_molwt.experimental_flag    NO 
_em_entity_assembly_molwt.units                KILODALTONS/NANOMETER 
_em_entity_assembly_molwt.value                42.6 
# 
_em_entity_assembly_naturalsource.id                   2 
_em_entity_assembly_naturalsource.entity_assembly_id   1 
_em_entity_assembly_naturalsource.cell                 ? 
_em_entity_assembly_naturalsource.cellular_location    ? 
_em_entity_assembly_naturalsource.ncbi_tax_id          9606 
_em_entity_assembly_naturalsource.organ                ? 
_em_entity_assembly_naturalsource.organelle            ? 
_em_entity_assembly_naturalsource.organism             'Homo sapiens' 
_em_entity_assembly_naturalsource.strain               ? 
_em_entity_assembly_naturalsource.tissue               ? 
# 
_em_entity_assembly_recombinant.id                   2 
_em_entity_assembly_recombinant.entity_assembly_id   1 
_em_entity_assembly_recombinant.cell                 ? 
_em_entity_assembly_recombinant.ncbi_tax_id          562 
_em_entity_assembly_recombinant.organism             'Escherichia coli' 
_em_entity_assembly_recombinant.plasmid              pRK172 
_em_entity_assembly_recombinant.strain               'BL21(DE3)' 
# 
_em_helical_entity.id                             1 
_em_helical_entity.image_processing_id            1 
_em_helical_entity.angular_rotation_per_subunit   -1.05 
_em_helical_entity.axial_rise_per_subunit         4.70 
_em_helical_entity.axial_symmetry                 C1 
_em_helical_entity.details                        ? 
# 
_em_image_processing.id                   1 
_em_image_processing.image_recording_id   1 
_em_image_processing.details              
;Movie frames were gain-corrected, aligned, dose weighted and then summed into a single micrograph using MOTIONCOR2 (Zheng et al., 2017)
;
# 
_em_image_recording.id                            1 
_em_image_recording.imaging_id                    1 
_em_image_recording.avg_electron_dose_per_image   1.134 
_em_image_recording.average_exposure_time         11 
_em_image_recording.details                       'Images were collected in movie-mode at 44 frames every 11 seconds' 
_em_image_recording.detector_mode                 COUNTING 
_em_image_recording.film_or_detector_model        'GATAN K2 SUMMIT (4k x 4k)' 
_em_image_recording.num_diffraction_images        ? 
_em_image_recording.num_grids_imaged              1 
_em_image_recording.num_real_images               2051 
# 
_em_imaging_optics.id                         1 
_em_imaging_optics.imaging_id                 1 
_em_imaging_optics.chr_aberration_corrector   ? 
_em_imaging_optics.energyfilter_lower         ? 
_em_imaging_optics.energyfilter_name          ? 
_em_imaging_optics.energyfilter_upper         ? 
_em_imaging_optics.energyfilter_slit_width    ? 
_em_imaging_optics.phase_plate                ? 
_em_imaging_optics.sph_aberration_corrector   ? 
# 
_em_particle_selection.id                       1 
_em_particle_selection.image_processing_id      1 
_em_particle_selection.details                  'Manually picked' 
_em_particle_selection.method                   ? 
_em_particle_selection.num_particles_selected   788359 
_em_particle_selection.reference_model          ? 
# 
loop_
_em_software.id 
_em_software.category 
_em_software.details 
_em_software.name 
_em_software.version 
_em_software.image_processing_id 
_em_software.fitting_id 
_em_software.imaging_id 
1  'PARTICLE SELECTION'       ? RELION  3.0          1 ? ? 
2  'IMAGE ACQUISITION'        ? EPU     1.10.0.77REL ? ? 1 
3  MASKING                    ? ?       ?            ? ? ? 
4  'CTF CORRECTION'           ? CTFFIND 4.1          1 ? ? 
5  'LAYERLINE INDEXING'       ? ?       ?            ? ? ? 
6  'DIFFRACTION INDEXING'     ? ?       ?            ? ? ? 
7  'MODEL FITTING'            ? Coot    0.8.9.1      ? 1 ? 
8  OTHER                      ? ?       ?            ? ? ? 
9  'INITIAL EULER ASSIGNMENT' ? RELION  3.0          1 ? ? 
10 'FINAL EULER ASSIGNMENT'   ? RELION  3.0          1 ? ? 
11 CLASSIFICATION             ? RELION  3.0          1 ? ? 
12 RECONSTRUCTION             ? RELION  3.0          1 ? ? 
13 'MODEL REFINEMENT'         ? REFMAC  5.8.0236     ? 1 ? 
14 'MODEL REFINEMENT'         ? PHENIX  dev-2919-000 ? 1 ? 
# 
_em_specimen.id                      1 
_em_specimen.experiment_id           1 
_em_specimen.concentration           2.0 
_em_specimen.details                 
'Recombinant tau protein was induced into filaments by incubation with heparin at 37 degree celsius for 3 days' 
_em_specimen.embedding_applied       NO 
_em_specimen.shadowing_applied       NO 
_em_specimen.staining_applied        NO 
_em_specimen.vitrification_applied   YES 
# 
loop_
_pdbx_audit_support.funding_organization 
_pdbx_audit_support.country 
_pdbx_audit_support.grant_number 
_pdbx_audit_support.ordinal 
'Medical Research Council (United Kingdom)' 'United Kingdom' MC_UP_A025_1013 1 
'Medical Research Council (United Kingdom)' 'United Kingdom' MC_U105184291   2 
# 
_atom_sites.entry_id                    6QJQ 
_atom_sites.fract_transf_matrix[1][1]   1.000000 
_atom_sites.fract_transf_matrix[1][2]   0.000000 
_atom_sites.fract_transf_matrix[1][3]   0.000000 
_atom_sites.fract_transf_matrix[2][1]   0.000000 
_atom_sites.fract_transf_matrix[2][2]   1.000000 
_atom_sites.fract_transf_matrix[2][3]   0.000000 
_atom_sites.fract_transf_matrix[3][1]   0.000000 
_atom_sites.fract_transf_matrix[3][2]   0.000000 
_atom_sites.fract_transf_matrix[3][3]   1.000000 
_atom_sites.fract_transf_vector[1]      0.00000 
_atom_sites.fract_transf_vector[2]      0.00000 
_atom_sites.fract_transf_vector[3]      0.00000 
# 
loop_
_atom_type.symbol 
C 
N 
O 
S 
# 
loop_
_atom_site.group_PDB 
_atom_site.id 
_atom_site.type_symbol 
_atom_site.label_atom_id 
_atom_site.label_alt_id 
_atom_site.label_comp_id 
_atom_site.label_asym_id 
_atom_site.label_entity_id 
_atom_site.label_seq_id 
_atom_site.pdbx_PDB_ins_code 
_atom_site.Cartn_x 
_atom_site.Cartn_y 
_atom_site.Cartn_z 
_atom_site.occupancy 
_atom_site.B_iso_or_equiv 
_atom_site.pdbx_formal_charge 
_atom_site.auth_seq_id 
_atom_site.auth_comp_id 
_atom_site.auth_asym_id 
_atom_site.auth_atom_id 
_atom_site.pdbx_PDB_model_num 
ATOM 1    N N   . GLY A 1 1  ? 16.965  -37.937 -10.054 1.00 130.78 ?  272 GLY A N   1 
ATOM 2    C CA  . GLY A 1 1  ? 15.951  -37.307 -9.209  1.00 136.20 ?  272 GLY A CA  1 
ATOM 3    C C   . GLY A 1 1  ? 16.524  -36.251 -8.278  1.00 136.74 ?  272 GLY A C   1 
ATOM 4    O O   . GLY A 1 1  ? 17.627  -36.426 -7.724  1.00 139.72 ?  272 GLY A O   1 
ATOM 5    N N   . GLY A 1 2  ? 15.760  -35.161 -8.081  1.00 132.24 ?  273 GLY A N   1 
ATOM 6    C CA  . GLY A 1 2  ? 16.188  -34.026 -7.235  1.00 127.23 ?  273 GLY A CA  1 
ATOM 7    C C   . GLY A 1 2  ? 15.322  -33.815 -6.005  1.00 122.50 ?  273 GLY A C   1 
ATOM 8    O O   . GLY A 1 2  ? 14.117  -33.533 -6.122  1.00 119.67 ?  273 GLY A O   1 
ATOM 9    N N   . LYS A 1 3  ? 15.941  -33.958 -4.819  1.00 125.15 ?  274 LYS A N   1 
ATOM 10   C CA  . LYS A 1 3  ? 15.256  -33.716 -3.519  1.00 127.33 ?  274 LYS A CA  1 
ATOM 11   C C   . LYS A 1 3  ? 15.398  -32.254 -3.043  1.00 122.01 ?  274 LYS A C   1 
ATOM 12   O O   . LYS A 1 3  ? 16.517  -31.742 -2.901  1.00 125.27 ?  274 LYS A O   1 
ATOM 13   C CB  . LYS A 1 3  ? 15.708  -34.736 -2.416  1.00 134.93 ?  274 LYS A CB  1 
ATOM 14   C CG  . LYS A 1 3  ? 17.236  -34.859 -2.191  1.00 142.56 ?  274 LYS A CG  1 
ATOM 15   C CD  . LYS A 1 3  ? 17.576  -35.710 -0.957  1.00 147.66 ?  274 LYS A CD  1 
ATOM 16   C CE  . LYS A 1 3  ? 17.655  -37.206 -1.283  1.00 150.84 ?  274 LYS A CE  1 
ATOM 17   N NZ  . LYS A 1 3  ? 18.046  -38.016 -0.093  1.00 148.79 ?  274 LYS A NZ  1 
ATOM 18   N N   . VAL A 1 4  ? 14.251  -31.581 -2.850  1.00 110.53 ?  306 VAL A N   1 
ATOM 19   C CA  . VAL A 1 4  ? 14.226  -30.138 -2.471  1.00 99.55  ?  306 VAL A CA  1 
ATOM 20   C C   . VAL A 1 4  ? 13.574  -29.940 -1.087  1.00 97.05  ?  306 VAL A C   1 
ATOM 21   O O   . VAL A 1 4  ? 12.447  -30.416 -0.842  1.00 100.39 ?  306 VAL A O   1 
ATOM 22   C CB  . VAL A 1 4  ? 13.490  -29.238 -3.554  1.00 94.12  ?  306 VAL A CB  1 
ATOM 23   C CG1 . VAL A 1 4  ? 13.761  -27.756 -3.301  1.00 90.45  ?  306 VAL A CG1 1 
ATOM 24   C CG2 . VAL A 1 4  ? 13.923  -29.606 -4.978  1.00 93.15  ?  306 VAL A CG2 1 
ATOM 25   N N   . GLN A 1 5  ? 14.311  -29.270 -0.183  1.00 93.53  ?  307 GLN A N   1 
ATOM 26   C CA  . GLN A 1 5  ? 13.798  -28.891 1.156   1.00 90.45  ?  307 GLN A CA  1 
ATOM 27   C C   . GLN A 1 5  ? 13.678  -27.366 1.284   1.00 83.09  ?  307 GLN A C   1 
ATOM 28   O O   . GLN A 1 5  ? 14.692  -26.638 1.203   1.00 87.07  ?  307 GLN A O   1 
ATOM 29   C CB  . GLN A 1 5  ? 14.694  -29.455 2.277   1.00 97.45  ?  307 GLN A CB  1 
ATOM 30   C CG  . GLN A 1 5  ? 14.466  -30.933 2.593   1.00 107.63 ?  307 GLN A CG  1 
ATOM 31   C CD  . GLN A 1 5  ? 15.206  -31.399 3.854   1.00 114.45 ?  307 GLN A CD  1 
ATOM 32   O OE1 . GLN A 1 5  ? 15.095  -30.784 4.927   1.00 115.42 ?  307 GLN A OE1 1 
ATOM 33   N NE2 . GLN A 1 5  ? 15.921  -32.515 3.739   1.00 116.52 ?  307 GLN A NE2 1 
ATOM 34   N N   . ILE A 1 6  ? 12.432  -26.888 1.416   1.00 71.89  ?  308 ILE A N   1 
ATOM 35   C CA  . ILE A 1 6  ? 12.146  -25.445 1.579   1.00 64.13  ?  308 ILE A CA  1 
ATOM 36   C C   . ILE A 1 6  ? 11.358  -25.212 2.871   1.00 63.56  ?  308 ILE A C   1 
ATOM 37   O O   . ILE A 1 6  ? 10.266  -25.788 3.065   1.00 65.09  ?  308 ILE A O   1 
ATOM 38   C CB  . ILE A 1 6  ? 11.363  -24.844 0.342   1.00 61.30  ?  308 ILE A CB  1 
ATOM 39   C CG1 . ILE A 1 6  ? 12.133  -25.104 -0.981  1.00 61.23  ?  308 ILE A CG1 1 
ATOM 40   C CG2 . ILE A 1 6  ? 11.106  -23.330 0.536   1.00 59.48  ?  308 ILE A CG2 1 
ATOM 41   C CD1 . ILE A 1 6  ? 11.263  -25.111 -2.232  1.00 62.38  ?  308 ILE A CD1 1 
ATOM 42   N N   . VAL A 1 7  ? 11.944  -24.411 3.771   1.00 63.60  ?  309 VAL A N   1 
ATOM 43   C CA  . VAL A 1 7  ? 11.270  -23.974 5.017   1.00 64.58  ?  309 VAL A CA  1 
ATOM 44   C C   . VAL A 1 7  ? 10.980  -22.448 4.892   1.00 64.67  ?  309 VAL A C   1 
ATOM 45   O O   . VAL A 1 7  ? 11.755  -21.592 5.395   1.00 68.37  ?  309 VAL A O   1 
ATOM 46   C CB  . VAL A 1 7  ? 12.113  -24.325 6.329   1.00 65.00  ?  309 VAL A CB  1 
ATOM 47   C CG1 . VAL A 1 7  ? 11.287  -24.069 7.597   1.00 65.02  ?  309 VAL A CG1 1 
ATOM 48   C CG2 . VAL A 1 7  ? 12.592  -25.781 6.305   1.00 64.61  ?  309 VAL A CG2 1 
ATOM 49   N N   . TYR A 1 8  ? 9.922   -22.128 4.137   1.00 62.11  ?  310 TYR A N   1 
ATOM 50   C CA  . TYR A 1 8  ? 9.549   -20.745 3.840   1.00 61.56  ?  310 TYR A CA  1 
ATOM 51   C C   . TYR A 1 8  ? 8.502   -20.216 4.833   1.00 62.76  ?  310 TYR A C   1 
ATOM 52   O O   . TYR A 1 8  ? 7.277   -20.391 4.640   1.00 64.88  ?  310 TYR A O   1 
ATOM 53   C CB  . TYR A 1 8  ? 9.102   -20.611 2.341   1.00 62.36  ?  310 TYR A CB  1 
ATOM 54   C CG  . TYR A 1 8  ? 8.513   -19.243 1.910   1.00 66.58  ?  310 TYR A CG  1 
ATOM 55   C CD1 . TYR A 1 8  ? 9.063   -18.003 2.388   1.00 70.52  ?  310 TYR A CD1 1 
ATOM 56   C CD2 . TYR A 1 8  ? 7.500   -19.179 0.908   1.00 67.61  ?  310 TYR A CD2 1 
ATOM 57   C CE1 . TYR A 1 8  ? 8.537   -16.763 1.960   1.00 74.08  ?  310 TYR A CE1 1 
ATOM 58   C CE2 . TYR A 1 8  ? 6.973   -17.940 0.469   1.00 68.53  ?  310 TYR A CE2 1 
ATOM 59   C CZ  . TYR A 1 8  ? 7.482   -16.739 0.997   1.00 71.87  ?  310 TYR A CZ  1 
ATOM 60   O OH  . TYR A 1 8  ? 6.971   -15.534 0.565   1.00 72.24  ?  310 TYR A OH  1 
ATOM 61   N N   . LYS A 1 9  ? 9.006   -19.614 5.924   1.00 67.89  ?  311 LYS A N   1 
ATOM 62   C CA  . LYS A 1 9  ? 8.155   -18.993 6.971   1.00 75.31  ?  311 LYS A CA  1 
ATOM 63   C C   . LYS A 1 9  ? 8.389   -17.434 7.108   1.00 75.74  ?  311 LYS A C   1 
ATOM 64   O O   . LYS A 1 9  ? 9.197   -16.984 7.956   1.00 76.03  ?  311 LYS A O   1 
ATOM 65   C CB  . LYS A 1 9  ? 8.263   -19.750 8.352   1.00 79.78  ?  311 LYS A CB  1 
ATOM 66   C CG  . LYS A 1 9  ? 9.686   -20.038 8.858   1.00 83.63  ?  311 LYS A CG  1 
ATOM 67   C CD  . LYS A 1 9  ? 9.656   -20.704 10.230  1.00 90.11  ?  311 LYS A CD  1 
ATOM 68   C CE  . LYS A 1 9  ? 11.062  -21.004 10.738  1.00 94.60  ?  311 LYS A CE  1 
ATOM 69   N NZ  . LYS A 1 9  ? 11.048  -21.703 12.059  1.00 93.70  1  311 LYS A NZ  1 
ATOM 70   N N   . PRO A 1 10 ? 7.691   -16.615 6.238   1.00 76.65  ?  312 PRO A N   1 
ATOM 71   C CA  . PRO A 1 10 ? 7.850   -15.151 6.295   1.00 78.88  ?  312 PRO A CA  1 
ATOM 72   C C   . PRO A 1 10 ? 7.114   -14.515 7.480   1.00 82.49  ?  312 PRO A C   1 
ATOM 73   O O   . PRO A 1 10 ? 5.970   -14.911 7.799   1.00 84.80  ?  312 PRO A O   1 
ATOM 74   C CB  . PRO A 1 10 ? 7.254   -14.678 4.963   1.00 78.54  ?  312 PRO A CB  1 
ATOM 75   C CG  . PRO A 1 10 ? 6.277   -15.731 4.586   1.00 78.61  ?  312 PRO A CG  1 
ATOM 76   C CD  . PRO A 1 10 ? 6.820   -17.027 5.107   1.00 76.04  ?  312 PRO A CD  1 
ATOM 77   N N   . VAL A 1 11 ? 7.793   -13.581 8.157   1.00 85.61  ?  313 VAL A N   1 
ATOM 78   C CA  . VAL A 1 11 ? 7.190   -12.796 9.257   1.00 89.05  ?  313 VAL A CA  1 
ATOM 79   C C   . VAL A 1 11 ? 7.061   -11.324 8.785   1.00 90.39  ?  313 VAL A C   1 
ATOM 80   O O   . VAL A 1 11 ? 8.035   -10.535 8.855   1.00 93.83  ?  313 VAL A O   1 
ATOM 81   C CB  . VAL A 1 11 ? 8.009   -12.926 10.623  1.00 89.39  ?  313 VAL A CB  1 
ATOM 82   C CG1 . VAL A 1 11 ? 7.299   -12.187 11.764  1.00 87.44  ?  313 VAL A CG1 1 
ATOM 83   C CG2 . VAL A 1 11 ? 8.213   -14.396 11.006  1.00 89.33  ?  313 VAL A CG2 1 
ATOM 84   N N   . ASP A 1 12 ? 5.888   -11.002 8.221   1.00 90.45  ?  314 ASP A N   1 
ATOM 85   C CA  . ASP A 1 12 ? 5.610   -9.670  7.679   1.00 90.94  ?  314 ASP A CA  1 
ATOM 86   C C   . ASP A 1 12 ? 4.773   -8.826  8.658   1.00 90.62  ?  314 ASP A C   1 
ATOM 87   O O   . ASP A 1 12 ? 3.545   -9.032  8.802   1.00 92.18  ?  314 ASP A O   1 
ATOM 88   C CB  . ASP A 1 12 ? 4.928   -9.774  6.288   1.00 93.91  ?  314 ASP A CB  1 
ATOM 89   C CG  . ASP A 1 12 ? 4.833   -8.415  5.564   1.00 97.24  ?  314 ASP A CG  1 
ATOM 90   O OD1 . ASP A 1 12 ? 5.880   -7.744  5.387   1.00 100.07 ?  314 ASP A OD1 1 
ATOM 91   O OD2 . ASP A 1 12 ? 3.721   -8.055  5.126   1.00 98.55  -1 314 ASP A OD2 1 
ATOM 92   N N   . LEU A 1 13 ? 5.464   -7.930  9.374   1.00 91.89  ?  315 LEU A N   1 
ATOM 93   C CA  . LEU A 1 13 ? 4.832   -6.994  10.327  1.00 95.18  ?  315 LEU A CA  1 
ATOM 94   C C   . LEU A 1 13 ? 4.804   -5.536  9.765   1.00 97.44  ?  315 LEU A C   1 
ATOM 95   O O   . LEU A 1 13 ? 4.692   -4.547  10.537  1.00 97.53  ?  315 LEU A O   1 
ATOM 96   C CB  . LEU A 1 13 ? 5.565   -7.045  11.688  1.00 95.83  ?  315 LEU A CB  1 
ATOM 97   C CG  . LEU A 1 13 ? 5.282   -8.212  12.648  1.00 97.20  ?  315 LEU A CG  1 
ATOM 98   C CD1 . LEU A 1 13 ? 6.534   -8.584  13.427  1.00 98.61  ?  315 LEU A CD1 1 
ATOM 99   C CD2 . LEU A 1 13 ? 4.140   -7.875  13.599  1.00 99.79  ?  315 LEU A CD2 1 
ATOM 100  N N   . SER A 1 14 ? 4.852   -5.427  8.422   1.00 99.05  ?  316 SER A N   1 
ATOM 101  C CA  . SER A 1 14 ? 4.889   -4.129  7.711   1.00 100.00 ?  316 SER A CA  1 
ATOM 102  C C   . SER A 1 14 ? 3.551   -3.391  7.786   1.00 96.29  ?  316 SER A C   1 
ATOM 103  O O   . SER A 1 14 ? 2.486   -3.987  7.557   1.00 97.32  ?  316 SER A O   1 
ATOM 104  C CB  . SER A 1 14 ? 5.303   -4.333  6.242   1.00 104.07 ?  316 SER A CB  1 
ATOM 105  O OG  . SER A 1 14 ? 4.396   -5.193  5.563   1.00 102.58 ?  316 SER A OG  1 
ATOM 106  N N   . LYS A 1 15 ? 3.613   -2.092  8.117   1.00 88.76  ?  317 LYS A N   1 
ATOM 107  C CA  . LYS A 1 15 ? 2.404   -1.246  8.213   1.00 84.10  ?  317 LYS A CA  1 
ATOM 108  C C   . LYS A 1 15 ? 2.407   -0.035  7.257   1.00 78.62  ?  317 LYS A C   1 
ATOM 109  O O   . LYS A 1 15 ? 3.247   0.878   7.377   1.00 77.43  ?  317 LYS A O   1 
ATOM 110  C CB  . LYS A 1 15 ? 2.081   -0.848  9.690   1.00 87.22  ?  317 LYS A CB  1 
ATOM 111  C CG  . LYS A 1 15 ? 3.234   -0.194  10.488  1.00 90.04  ?  317 LYS A CG  1 
ATOM 112  C CD  . LYS A 1 15 ? 3.004   -0.263  12.017  1.00 93.17  ?  317 LYS A CD  1 
ATOM 113  C CE  . LYS A 1 15 ? 1.976   0.771   12.529  1.00 96.32  ?  317 LYS A CE  1 
ATOM 114  N NZ  . LYS A 1 15 ? 2.453   2.182   12.419  1.00 97.52  1  317 LYS A NZ  1 
ATOM 115  N N   . VAL A 1 16 ? 1.500   -0.088  6.267   1.00 76.81  ?  318 VAL A N   1 
ATOM 116  C CA  . VAL A 1 16 ? 1.330   0.989   5.256   1.00 74.68  ?  318 VAL A CA  1 
ATOM 117  C C   . VAL A 1 16 ? 0.114   1.853   5.642   1.00 73.51  ?  318 VAL A C   1 
ATOM 118  O O   . VAL A 1 16 ? -1.033  1.353   5.701   1.00 76.37  ?  318 VAL A O   1 
ATOM 119  C CB  . VAL A 1 16 ? 1.159   0.407   3.789   1.00 73.93  ?  318 VAL A CB  1 
ATOM 120  C CG1 . VAL A 1 16 ? 1.014   1.534   2.761   1.00 73.73  ?  318 VAL A CG1 1 
ATOM 121  C CG2 . VAL A 1 16 ? 2.335   -0.501  3.416   1.00 73.68  ?  318 VAL A CG2 1 
ATOM 122  N N   . THR A 1 17 ? 0.377   3.134   5.931   1.00 70.54  ?  319 THR A N   1 
ATOM 123  C CA  . THR A 1 17 ? -0.672  4.087   6.365   1.00 69.36  ?  319 THR A CA  1 
ATOM 124  C C   . THR A 1 17 ? -0.777  5.262   5.390   1.00 66.31  ?  319 THR A C   1 
ATOM 125  O O   . THR A 1 17 ? 0.251   5.852   4.997   1.00 67.87  ?  319 THR A O   1 
ATOM 126  C CB  . THR A 1 17 ? -0.411  4.636   7.818   1.00 72.53  ?  319 THR A CB  1 
ATOM 127  O OG1 . THR A 1 17 ? 0.785   5.416   7.833   1.00 78.03  ?  319 THR A OG1 1 
ATOM 128  C CG2 . THR A 1 17 ? -0.283  3.480   8.863   1.00 71.82  ?  319 THR A CG2 1 
ATOM 129  N N   . SER A 1 18 ? -2.013  5.582   4.982   1.00 65.94  ?  320 SER A N   1 
ATOM 130  C CA  . SER A 1 18 ? -2.286  6.746   4.113   1.00 67.95  ?  320 SER A CA  1 
ATOM 131  C C   . SER A 1 18 ? -3.301  7.705   4.770   1.00 69.34  ?  320 SER A C   1 
ATOM 132  O O   . SER A 1 18 ? -4.531  7.611   4.538   1.00 70.68  ?  320 SER A O   1 
ATOM 133  C CB  . SER A 1 18 ? -2.740  6.298   2.705   1.00 67.85  ?  320 SER A CB  1 
ATOM 134  O OG  . SER A 1 18 ? -3.965  5.593   2.761   1.00 71.96  ?  320 SER A OG  1 
ATOM 135  N N   . LYS A 1 19 ? -2.778  8.582   5.635   1.00 73.78  ?  321 LYS A N   1 
ATOM 136  C CA  . LYS A 1 19 ? -3.592  9.559   6.379   1.00 78.98  ?  321 LYS A CA  1 
ATOM 137  C C   . LYS A 1 19 ? -3.692  10.867  5.614   1.00 80.10  ?  321 LYS A C   1 
ATOM 138  O O   . LYS A 1 19 ? -2.665  11.410  5.146   1.00 82.59  ?  321 LYS A O   1 
ATOM 139  C CB  . LYS A 1 19 ? -2.994  9.811   7.780   1.00 84.09  ?  321 LYS A CB  1 
ATOM 140  C CG  . LYS A 1 19 ? -3.103  8.625   8.752   1.00 90.48  ?  321 LYS A CG  1 
ATOM 141  C CD  . LYS A 1 19 ? -2.277  8.845   10.032  1.00 96.85  ?  321 LYS A CD  1 
ATOM 142  C CE  . LYS A 1 19 ? -3.037  9.662   11.087  1.00 101.09 ?  321 LYS A CE  1 
ATOM 143  N NZ  . LYS A 1 19 ? -2.226  9.872   12.322  1.00 100.84 ?  321 LYS A NZ  1 
ATOM 144  N N   . CYS A 1 20 ? -4.931  11.360  5.452   1.00 81.94  ?  322 CYS A N   1 
ATOM 145  C CA  . CYS A 1 20 ? -5.182  12.660  4.802   1.00 85.58  ?  322 CYS A CA  1 
ATOM 146  C C   . CYS A 1 20 ? -6.333  13.431  5.435   1.00 87.04  ?  322 CYS A C   1 
ATOM 147  O O   . CYS A 1 20 ? -7.406  12.864  5.721   1.00 87.09  ?  322 CYS A O   1 
ATOM 148  C CB  . CYS A 1 20 ? -5.383  12.501  3.286   1.00 87.59  ?  322 CYS A CB  1 
ATOM 149  S SG  . CYS A 1 20 ? -6.834  11.569  2.769   1.00 90.86  ?  322 CYS A SG  1 
ATOM 150  N N   . GLY A 1 21 ? -6.084  14.720  5.695   1.00 91.32  ?  323 GLY A N   1 
ATOM 151  C CA  . GLY A 1 21 ? -7.074  15.619  6.292   1.00 96.09  ?  323 GLY A CA  1 
ATOM 152  C C   . GLY A 1 21 ? -7.225  16.883  5.484   1.00 98.43  ?  323 GLY A C   1 
ATOM 153  O O   . GLY A 1 21 ? -6.241  17.620  5.269   1.00 99.26  ?  323 GLY A O   1 
ATOM 154  N N   . SER A 1 22 ? -8.454  17.128  5.011   1.00 99.20  ?  324 SER A N   1 
ATOM 155  C CA  . SER A 1 22 ? -8.773  18.317  4.210   1.00 99.53  ?  324 SER A CA  1 
ATOM 156  C C   . SER A 1 22 ? -9.553  19.347  5.032   1.00 96.66  ?  324 SER A C   1 
ATOM 157  O O   . SER A 1 22 ? -10.630 19.040  5.583   1.00 96.44  ?  324 SER A O   1 
ATOM 158  C CB  . SER A 1 22 ? -9.541  17.925  2.936   1.00 102.70 ?  324 SER A CB  1 
ATOM 159  O OG  . SER A 1 22 ? -10.748 17.252  3.250   1.00 107.77 ?  324 SER A OG  1 
ATOM 160  N N   . LEU A 1 23 ? -8.970  20.551  5.156   1.00 94.22  ?  325 LEU A N   1 
ATOM 161  C CA  . LEU A 1 23 ? -9.563  21.663  5.924   1.00 92.57  ?  325 LEU A CA  1 
ATOM 162  C C   . LEU A 1 23 ? -9.592  22.937  5.084   1.00 86.89  ?  325 LEU A C   1 
ATOM 163  O O   . LEU A 1 23 ? -8.548  23.380  4.565   1.00 86.58  ?  325 LEU A O   1 
ATOM 164  C CB  . LEU A 1 23 ? -8.775  21.898  7.236   1.00 102.61 ?  325 LEU A CB  1 
ATOM 165  C CG  . LEU A 1 23 ? -8.943  20.892  8.400   1.00 112.13 ?  325 LEU A CG  1 
ATOM 166  C CD1 . LEU A 1 23 ? -7.638  20.702  9.168   1.00 112.37 ?  325 LEU A CD1 1 
ATOM 167  C CD2 . LEU A 1 23 ? -10.066 21.313  9.340   1.00 116.28 ?  325 LEU A CD2 1 
ATOM 168  N N   . GLY A 1 24 ? -10.792 23.514  4.935   1.00 83.82  ?  326 GLY A N   1 
ATOM 169  C CA  . GLY A 1 24 ? -10.995 24.721  4.111   1.00 81.12  ?  326 GLY A CA  1 
ATOM 170  C C   . GLY A 1 24 ? -11.891 25.747  4.764   1.00 78.19  ?  326 GLY A C   1 
ATOM 171  O O   . GLY A 1 24 ? -13.016 25.426  5.176   1.00 81.44  ?  326 GLY A O   1 
ATOM 172  N N   . ASN A 1 25 ? -11.384 26.998  4.835   1.00 77.67  ?  327 ASN A N   1 
ATOM 173  C CA  . ASN A 1 25 ? -12.107 28.184  5.408   1.00 78.98  ?  327 ASN A CA  1 
ATOM 174  C C   . ASN A 1 25 ? -12.531 28.027  6.896   1.00 77.64  ?  327 ASN A C   1 
ATOM 175  O O   . ASN A 1 25 ? -13.580 27.430  7.205   1.00 80.53  ?  327 ASN A O   1 
ATOM 176  C CB  . ASN A 1 25 ? -13.302 28.628  4.496   1.00 82.87  ?  327 ASN A CB  1 
ATOM 177  C CG  . ASN A 1 25 ? -13.876 29.993  4.890   1.00 87.49  ?  327 ASN A CG  1 
ATOM 178  O OD1 . ASN A 1 25 ? -15.002 30.085  5.377   1.00 89.29  ?  327 ASN A OD1 1 
ATOM 179  N ND2 . ASN A 1 25 ? -13.097 31.055  4.671   1.00 91.27  ?  327 ASN A ND2 1 
ATOM 180  N N   . ILE A 1 26 ? -11.693 28.560  7.796   1.00 79.65  ?  328 ILE A N   1 
ATOM 181  C CA  . ILE A 1 26 ? -11.948 28.519  9.261   1.00 84.54  ?  328 ILE A CA  1 
ATOM 182  C C   . ILE A 1 26 ? -11.961 29.961  9.832   1.00 92.69  ?  328 ILE A C   1 
ATOM 183  O O   . ILE A 1 26 ? -11.009 30.737  9.617   1.00 98.23  ?  328 ILE A O   1 
ATOM 184  C CB  . ILE A 1 26 ? -10.902 27.639  10.013  1.00 81.60  ?  328 ILE A CB  1 
ATOM 185  C CG1 . ILE A 1 26 ? -10.875 26.173  9.426   1.00 80.87  ?  328 ILE A CG1 1 
ATOM 186  C CG2 . ILE A 1 26 ? -11.186 27.561  11.537  1.00 80.36  ?  328 ILE A CG2 1 
ATOM 187  C CD1 . ILE A 1 26 ? -9.544  25.443  9.556   1.00 83.68  ?  328 ILE A CD1 1 
ATOM 188  N N   . HIS A 1 27 ? -13.060 30.310  10.528  1.00 102.35 ?  329 HIS A N   1 
ATOM 189  C CA  . HIS A 1 27 ? -13.242 31.655  11.141  1.00 112.74 ?  329 HIS A CA  1 
ATOM 190  C C   . HIS A 1 27 ? -13.201 31.606  12.681  1.00 121.57 ?  329 HIS A C   1 
ATOM 191  O O   . HIS A 1 27 ? -13.628 30.610  13.298  1.00 123.33 ?  329 HIS A O   1 
ATOM 192  C CB  . HIS A 1 27 ? -14.563 32.284  10.677  1.00 115.11 ?  329 HIS A CB  1 
ATOM 193  C CG  . HIS A 1 27 ? -14.599 32.613  9.215   1.00 119.55 ?  329 HIS A CG  1 
ATOM 194  N ND1 . HIS A 1 27 ? -14.379 33.885  8.733   1.00 121.93 ?  329 HIS A ND1 1 
ATOM 195  C CD2 . HIS A 1 27 ? -14.844 31.838  8.132   1.00 121.05 ?  329 HIS A CD2 1 
ATOM 196  C CE1 . HIS A 1 27 ? -14.482 33.879  7.416   1.00 123.99 ?  329 HIS A CE1 1 
ATOM 197  N NE2 . HIS A 1 27 ? -14.764 32.649  7.026   1.00 122.39 ?  329 HIS A NE2 1 
ATOM 198  N N   . HIS A 1 28 ? -12.688 32.695  13.289  1.00 133.98 ?  330 HIS A N   1 
ATOM 199  C CA  . HIS A 1 28 ? -12.638 32.859  14.769  1.00 141.54 ?  330 HIS A CA  1 
ATOM 200  C C   . HIS A 1 28 ? -12.993 34.290  15.198  1.00 138.96 ?  330 HIS A C   1 
ATOM 201  O O   . HIS A 1 28 ? -12.510 35.268  14.616  1.00 136.03 ?  330 HIS A O   1 
ATOM 202  C CB  . HIS A 1 28 ? -11.261 32.461  15.324  1.00 147.99 ?  330 HIS A CB  1 
ATOM 203  C CG  . HIS A 1 28 ? -11.146 31.009  15.679  1.00 151.78 ?  330 HIS A CG  1 
ATOM 204  N ND1 . HIS A 1 28 ? -11.495 30.516  16.919  1.00 151.55 ?  330 HIS A ND1 1 
ATOM 205  C CD2 . HIS A 1 28 ? -10.700 29.946  14.964  1.00 152.55 ?  330 HIS A CD2 1 
ATOM 206  C CE1 . HIS A 1 28 ? -11.280 29.212  16.949  1.00 151.65 ?  330 HIS A CE1 1 
ATOM 207  N NE2 . HIS A 1 28 ? -10.798 28.842  15.776  1.00 152.47 ?  330 HIS A NE2 1 
ATOM 208  N N   . GLY B 1 1  ? 21.513  -35.664 -9.802  1.00 130.78 ?  272 GLY B N   1 
ATOM 209  C CA  . GLY B 1 1  ? 20.491  -35.021 -8.979  1.00 136.20 ?  272 GLY B CA  1 
ATOM 210  C C   . GLY B 1 1  ? 21.054  -33.948 -8.061  1.00 136.74 ?  272 GLY B C   1 
ATOM 211  O O   . GLY B 1 1  ? 22.151  -34.113 -7.492  1.00 139.72 ?  272 GLY B O   1 
ATOM 212  N N   . GLY B 1 2  ? 20.288  -32.855 -7.891  1.00 132.24 ?  273 GLY B N   1 
ATOM 213  C CA  . GLY B 1 2  ? 20.708  -31.705 -7.059  1.00 127.23 ?  273 GLY B CA  1 
ATOM 214  C C   . GLY B 1 2  ? 19.829  -31.474 -5.842  1.00 122.50 ?  273 GLY B C   1 
ATOM 215  O O   . GLY B 1 2  ? 18.625  -31.194 -5.977  1.00 119.67 ?  273 GLY B O   1 
ATOM 216  N N   . LYS B 1 3  ? 20.436  -31.595 -4.648  1.00 125.15 ?  274 LYS B N   1 
ATOM 217  C CA  . LYS B 1 3  ? 19.738  -31.331 -3.358  1.00 127.33 ?  274 LYS B CA  1 
ATOM 218  C C   . LYS B 1 3  ? 19.876  -29.860 -2.908  1.00 122.01 ?  274 LYS B C   1 
ATOM 219  O O   . LYS B 1 3  ? 20.993  -29.346 -2.763  1.00 125.27 ?  274 LYS B O   1 
ATOM 220  C CB  . LYS B 1 3  ? 20.180  -32.331 -2.233  1.00 134.93 ?  274 LYS B CB  1 
ATOM 221  C CG  . LYS B 1 3  ? 21.706  -32.449 -1.992  1.00 142.56 ?  274 LYS B CG  1 
ATOM 222  C CD  . LYS B 1 3  ? 22.033  -33.279 -0.740  1.00 147.66 ?  274 LYS B CD  1 
ATOM 223  C CE  . LYS B 1 3  ? 22.116  -34.780 -1.039  1.00 150.84 ?  274 LYS B CE  1 
ATOM 224  N NZ  . LYS B 1 3  ? 22.496  -35.569 0.169   1.00 148.79 ?  274 LYS B NZ  1 
ATOM 225  N N   . VAL B 1 4  ? 18.726  -29.185 -2.737  1.00 110.53 ?  306 VAL B N   1 
ATOM 226  C CA  . VAL B 1 4  ? 18.698  -27.735 -2.384  1.00 99.55  ?  306 VAL B CA  1 
ATOM 227  C C   . VAL B 1 4  ? 18.031  -27.513 -1.010  1.00 97.05  ?  306 VAL B C   1 
ATOM 228  O O   . VAL B 1 4  ? 16.902  -27.986 -0.768  1.00 100.39 ?  306 VAL B O   1 
ATOM 229  C CB  . VAL B 1 4  ? 17.971  -26.856 -3.490  1.00 94.12  ?  306 VAL B CB  1 
ATOM 230  C CG1 . VAL B 1 4  ? 18.240  -25.370 -3.260  1.00 90.45  ?  306 VAL B CG1 1 
ATOM 231  C CG2 . VAL B 1 4  ? 18.419  -27.248 -4.903  1.00 93.15  ?  306 VAL B CG2 1 
ATOM 232  N N   . GLN B 1 5  ? 18.759  -26.828 -0.111  1.00 93.53  ?  307 GLN B N   1 
ATOM 233  C CA  . GLN B 1 5  ? 18.234  -26.426 1.217   1.00 90.45  ?  307 GLN B CA  1 
ATOM 234  C C   . GLN B 1 5  ? 18.111  -24.900 1.316   1.00 83.09  ?  307 GLN B C   1 
ATOM 235  O O   . GLN B 1 5  ? 19.126  -24.171 1.233   1.00 87.07  ?  307 GLN B O   1 
ATOM 236  C CB  . GLN B 1 5  ? 19.117  -26.970 2.356   1.00 97.45  ?  307 GLN B CB  1 
ATOM 237  C CG  . GLN B 1 5  ? 18.887  -28.443 2.695   1.00 107.63 ?  307 GLN B CG  1 
ATOM 238  C CD  . GLN B 1 5  ? 19.615  -28.886 3.971   1.00 114.45 ?  307 GLN B CD  1 
ATOM 239  O OE1 . GLN B 1 5  ? 19.493  -28.253 5.032   1.00 115.42 ?  307 GLN B OE1 1 
ATOM 240  N NE2 . GLN B 1 5  ? 20.331  -30.004 3.884   1.00 116.52 ?  307 GLN B NE2 1 
ATOM 241  N N   . ILE B 1 6  ? 16.864  -24.419 1.428   1.00 71.89  ?  308 ILE B N   1 
ATOM 242  C CA  . ILE B 1 6  ? 16.576  -22.973 1.562   1.00 64.13  ?  308 ILE B CA  1 
ATOM 243  C C   . ILE B 1 6  ? 15.774  -22.719 2.842   1.00 63.56  ?  308 ILE B C   1 
ATOM 244  O O   . ILE B 1 6  ? 14.681  -23.291 3.035   1.00 65.09  ?  308 ILE B O   1 
ATOM 245  C CB  . ILE B 1 6  ? 15.805  -22.396 0.308   1.00 61.30  ?  308 ILE B CB  1 
ATOM 246  C CG1 . ILE B 1 6  ? 16.588  -22.678 -1.003  1.00 61.23  ?  308 ILE B CG1 1 
ATOM 247  C CG2 . ILE B 1 6  ? 15.546  -20.878 0.473   1.00 59.48  ?  308 ILE B CG2 1 
ATOM 248  C CD1 . ILE B 1 6  ? 15.730  -22.707 -2.262  1.00 62.38  ?  308 ILE B CD1 1 
ATOM 249  N N   . VAL B 1 7  ? 16.352  -21.902 3.734   1.00 63.60  ?  309 VAL B N   1 
ATOM 250  C CA  . VAL B 1 7  ? 15.665  -21.443 4.966   1.00 64.58  ?  309 VAL B CA  1 
ATOM 251  C C   . VAL B 1 7  ? 15.377  -19.919 4.811   1.00 64.67  ?  309 VAL B C   1 
ATOM 252  O O   . VAL B 1 7  ? 16.145  -19.055 5.307   1.00 68.37  ?  309 VAL B O   1 
ATOM 253  C CB  . VAL B 1 7  ? 16.496  -21.771 6.292   1.00 65.00  ?  309 VAL B CB  1 
ATOM 254  C CG1 . VAL B 1 7  ? 15.657  -21.494 7.547   1.00 65.02  ?  309 VAL B CG1 1 
ATOM 255  C CG2 . VAL B 1 7  ? 16.975  -23.227 6.298   1.00 64.61  ?  309 VAL B CG2 1 
ATOM 256  N N   . TYR B 1 8  ? 14.325  -19.614 4.040   1.00 62.11  ?  310 TYR B N   1 
ATOM 257  C CA  . TYR B 1 8  ? 13.955  -18.237 3.715   1.00 61.56  ?  310 TYR B CA  1 
ATOM 258  C C   . TYR B 1 8  ? 12.899  -17.691 4.688   1.00 62.76  ?  310 TYR B C   1 
ATOM 259  O O   . TYR B 1 8  ? 11.676  -17.869 4.486   1.00 64.88  ?  310 TYR B O   1 
ATOM 260  C CB  . TYR B 1 8  ? 13.523  -18.129 2.210   1.00 62.36  ?  310 TYR B CB  1 
ATOM 261  C CG  . TYR B 1 8  ? 12.939  -16.768 1.750   1.00 66.58  ?  310 TYR B CG  1 
ATOM 262  C CD1 . TYR B 1 8  ? 13.483  -15.520 2.211   1.00 70.52  ?  310 TYR B CD1 1 
ATOM 263  C CD2 . TYR B 1 8  ? 11.935  -16.723 0.736   1.00 67.61  ?  310 TYR B CD2 1 
ATOM 264  C CE1 . TYR B 1 8  ? 12.961  -14.288 1.757   1.00 74.08  ?  310 TYR B CE1 1 
ATOM 265  C CE2 . TYR B 1 8  ? 11.411  -15.492 0.271   1.00 68.53  ?  310 TYR B CE2 1 
ATOM 266  C CZ  . TYR B 1 8  ? 11.916  -14.282 0.783   1.00 71.87  ?  310 TYR B CZ  1 
ATOM 267  O OH  . TYR B 1 8  ? 11.408  -13.084 0.325   1.00 72.24  ?  310 TYR B OH  1 
ATOM 268  N N   . LYS B 1 9  ? 13.390  -17.070 5.774   1.00 67.89  ?  311 LYS B N   1 
ATOM 269  C CA  . LYS B 1 9  ? 12.529  -16.431 6.802   1.00 75.31  ?  311 LYS B CA  1 
ATOM 270  C C   . LYS B 1 9  ? 12.762  -14.870 6.913   1.00 75.74  ?  311 LYS B C   1 
ATOM 271  O O   . LYS B 1 9  ? 13.561  -14.404 7.762   1.00 76.03  ?  311 LYS B O   1 
ATOM 272  C CB  . LYS B 1 9  ? 12.624  -17.163 8.197   1.00 79.78  ?  311 LYS B CB  1 
ATOM 273  C CG  . LYS B 1 9  ? 14.042  -17.441 8.722   1.00 83.63  ?  311 LYS B CG  1 
ATOM 274  C CD  . LYS B 1 9  ? 13.998  -18.084 10.105  1.00 90.11  ?  311 LYS B CD  1 
ATOM 275  C CE  . LYS B 1 9  ? 15.400  -18.375 10.632  1.00 94.60  ?  311 LYS B CE  1 
ATOM 276  N NZ  . LYS B 1 9  ? 15.372  -19.050 11.964  1.00 93.70  1  311 LYS B NZ  1 
ATOM 277  N N   . PRO B 1 10 ? 12.073  -14.065 6.022   1.00 76.65  ?  312 PRO B N   1 
ATOM 278  C CA  . PRO B 1 10 ? 12.231  -12.601 6.056   1.00 78.88  ?  312 PRO B CA  1 
ATOM 279  C C   . PRO B 1 10 ? 11.483  -11.944 7.221   1.00 82.49  ?  312 PRO B C   1 
ATOM 280  O O   . PRO B 1 10 ? 10.335  -12.337 7.536   1.00 84.80  ?  312 PRO B O   1 
ATOM 281  C CB  . PRO B 1 10 ? 11.648  -12.151 4.709   1.00 78.54  ?  312 PRO B CB  1 
ATOM 282  C CG  . PRO B 1 10 ? 10.675  -13.212 4.341   1.00 78.61  ?  312 PRO B CG  1 
ATOM 283  C CD  . PRO B 1 10 ? 11.213  -14.498 4.891   1.00 76.04  ?  312 PRO B CD  1 
ATOM 284  N N   . VAL B 1 11 ? 12.155  -10.999 7.890   1.00 85.61  ?  313 VAL B N   1 
ATOM 285  C CA  . VAL B 1 11 ? 11.540  -10.195 8.969   1.00 89.05  ?  313 VAL B CA  1 
ATOM 286  C C   . VAL B 1 11 ? 11.417  -8.732  8.471   1.00 90.39  ?  313 VAL B C   1 
ATOM 287  O O   . VAL B 1 11 ? 12.388  -7.940  8.536   1.00 93.83  ?  313 VAL B O   1 
ATOM 288  C CB  . VAL B 1 11 ? 12.346  -10.300 10.345  1.00 89.39  ?  313 VAL B CB  1 
ATOM 289  C CG1 . VAL B 1 11 ? 11.625  -9.541  11.466  1.00 87.44  ?  313 VAL B CG1 1 
ATOM 290  C CG2 . VAL B 1 11 ? 12.546  -11.764 10.757  1.00 89.33  ?  313 VAL B CG2 1 
ATOM 291  N N   . ASP B 1 12 ? 10.248  -8.421  7.889   1.00 90.45  ?  314 ASP B N   1 
ATOM 292  C CA  . ASP B 1 12 ? 9.975   -7.098  7.321   1.00 90.94  ?  314 ASP B CA  1 
ATOM 293  C C   . ASP B 1 12 ? 9.128   -6.238  8.277   1.00 90.62  ?  314 ASP B C   1 
ATOM 294  O O   . ASP B 1 12 ? 7.899   -6.442  8.412   1.00 92.18  ?  314 ASP B O   1 
ATOM 295  C CB  . ASP B 1 12 ? 9.307   -7.226  5.926   1.00 93.91  ?  314 ASP B CB  1 
ATOM 296  C CG  . ASP B 1 12 ? 9.219   -5.880  5.176   1.00 97.24  ?  314 ASP B CG  1 
ATOM 297  O OD1 . ASP B 1 12 ? 10.268  -5.212  4.999   1.00 100.07 ?  314 ASP B OD1 1 
ATOM 298  O OD2 . ASP B 1 12 ? 8.111   -5.528  4.722   1.00 98.55  -1 314 ASP B OD2 1 
ATOM 299  N N   . LEU B 1 13 ? 9.812   -5.329  8.983   1.00 91.89  ?  315 LEU B N   1 
ATOM 300  C CA  . LEU B 1 13 ? 9.170   -4.376  9.915   1.00 95.18  ?  315 LEU B CA  1 
ATOM 301  C C   . LEU B 1 13 ? 9.147   -2.928  9.326   1.00 97.44  ?  315 LEU B C   1 
ATOM 302  O O   . LEU B 1 13 ? 9.027   -1.926  10.080  1.00 97.53  ?  315 LEU B O   1 
ATOM 303  C CB  . LEU B 1 13 ? 9.889   -4.403  11.283  1.00 95.83  ?  315 LEU B CB  1 
ATOM 304  C CG  . LEU B 1 13 ? 9.598   -5.554  12.260  1.00 97.20  ?  315 LEU B CG  1 
ATOM 305  C CD1 . LEU B 1 13 ? 10.842  -5.911  13.058  1.00 98.61  ?  315 LEU B CD1 1 
ATOM 306  C CD2 . LEU B 1 13 ? 8.446   -5.200  13.194  1.00 99.79  ?  315 LEU B CD2 1 
ATOM 307  N N   . SER B 1 14 ? 9.209   -2.842  7.982   1.00 99.05  ?  316 SER B N   1 
ATOM 308  C CA  . SER B 1 14 ? 9.252   -1.557  7.250   1.00 100.00 ?  316 SER B CA  1 
ATOM 309  C C   . SER B 1 14 ? 7.914   -0.819  7.299   1.00 96.29  ?  316 SER B C   1 
ATOM 310  O O   . SER B 1 14 ? 6.852   -1.420  7.070   1.00 97.32  ?  316 SER B O   1 
ATOM 311  C CB  . SER B 1 14 ? 9.680   -1.787  5.789   1.00 104.07 ?  316 SER B CB  1 
ATOM 312  O OG  . SER B 1 14 ? 8.781   -2.658  5.116   1.00 102.58 ?  316 SER B OG  1 
ATOM 313  N N   . LYS B 1 15 ? 7.973   0.486   7.608   1.00 88.76  ?  317 LYS B N   1 
ATOM 314  C CA  . LYS B 1 15 ? 6.761   1.333   7.676   1.00 84.10  ?  317 LYS B CA  1 
ATOM 315  C C   . LYS B 1 15 ? 6.774   2.527   6.699   1.00 78.62  ?  317 LYS B C   1 
ATOM 316  O O   . LYS B 1 15 ? 7.612   3.442   6.811   1.00 77.43  ?  317 LYS B O   1 
ATOM 317  C CB  . LYS B 1 15 ? 6.424   1.756   9.143   1.00 87.22  ?  317 LYS B CB  1 
ATOM 318  C CG  . LYS B 1 15 ? 7.569   2.426   9.940   1.00 90.04  ?  317 LYS B CG  1 
ATOM 319  C CD  . LYS B 1 15 ? 7.323   2.382   11.468  1.00 93.17  ?  317 LYS B CD  1 
ATOM 320  C CE  . LYS B 1 15 ? 6.291   3.425   11.952  1.00 96.32  ?  317 LYS B CE  1 
ATOM 321  N NZ  . LYS B 1 15 ? 6.769   4.833   11.822  1.00 97.52  1  317 LYS B NZ  1 
ATOM 322  N N   . VAL B 1 16 ? 5.877   2.456   5.702   1.00 76.81  ?  318 VAL B N   1 
ATOM 323  C CA  . VAL B 1 16 ? 5.717   3.515   4.670   1.00 74.68  ?  318 VAL B CA  1 
ATOM 324  C C   . VAL B 1 16 ? 4.497   4.385   5.029   1.00 73.51  ?  318 VAL B C   1 
ATOM 325  O O   . VAL B 1 16 ? 3.349   3.886   5.085   1.00 76.37  ?  318 VAL B O   1 
ATOM 326  C CB  . VAL B 1 16 ? 5.561   2.907   3.213   1.00 73.93  ?  318 VAL B CB  1 
ATOM 327  C CG1 . VAL B 1 16 ? 5.425   4.017   2.163   1.00 73.73  ?  318 VAL B CG1 1 
ATOM 328  C CG2 . VAL B 1 16 ? 6.740   1.995   2.867   1.00 73.68  ?  318 VAL B CG2 1 
ATOM 329  N N   . THR B 1 17 ? 4.757   5.672   5.298   1.00 70.54  ?  319 THR B N   1 
ATOM 330  C CA  . THR B 1 17 ? 3.703   6.632   5.705   1.00 69.36  ?  319 THR B CA  1 
ATOM 331  C C   . THR B 1 17 ? 3.608   7.789   4.708   1.00 66.31  ?  319 THR B C   1 
ATOM 332  O O   . THR B 1 17 ? 4.639   8.373   4.316   1.00 67.87  ?  319 THR B O   1 
ATOM 333  C CB  . THR B 1 17 ? 3.950   7.207   7.151   1.00 72.53  ?  319 THR B CB  1 
ATOM 334  O OG1 . THR B 1 17 ? 5.145   7.987   7.164   1.00 78.03  ?  319 THR B OG1 1 
ATOM 335  C CG2 . THR B 1 17 ? 4.067   6.069   8.217   1.00 71.82  ?  319 THR B CG2 1 
ATOM 336  N N   . SER B 1 18 ? 2.375   8.102   4.282   1.00 65.94  ?  320 SER B N   1 
ATOM 337  C CA  . SER B 1 18 ? 2.111   9.250   3.391   1.00 67.95  ?  320 SER B CA  1 
ATOM 338  C C   . SER B 1 18 ? 1.089   10.221  4.021   1.00 69.34  ?  320 SER B C   1 
ATOM 339  O O   . SER B 1 18 ? -0.139  10.121  3.779   1.00 70.68  ?  320 SER B O   1 
ATOM 340  C CB  . SER B 1 18 ? 1.670   8.777   1.987   1.00 67.85  ?  320 SER B CB  1 
ATOM 341  O OG  . SER B 1 18 ? 0.445   8.073   2.042   1.00 71.96  ?  320 SER B OG  1 
ATOM 342  N N   . LYS B 1 19 ? 1.603   11.112  4.876   1.00 73.78  ?  321 LYS B N   1 
ATOM 343  C CA  . LYS B 1 19 ? 0.781   12.101  5.594   1.00 78.98  ?  321 LYS B CA  1 
ATOM 344  C C   . LYS B 1 19 ? 0.689   13.396  4.807   1.00 80.10  ?  321 LYS B C   1 
ATOM 345  O O   . LYS B 1 19 ? 1.720   13.932  4.339   1.00 82.59  ?  321 LYS B O   1 
ATOM 346  C CB  . LYS B 1 19 ? 1.365   12.379  6.997   1.00 84.09  ?  321 LYS B CB  1 
ATOM 347  C CG  . LYS B 1 19 ? 1.247   11.209  7.989   1.00 90.48  ?  321 LYS B CG  1 
ATOM 348  C CD  . LYS B 1 19 ? 2.061   11.453  9.273   1.00 96.85  ?  321 LYS B CD  1 
ATOM 349  C CE  . LYS B 1 19 ? 1.289   12.287  10.305  1.00 101.09 ?  321 LYS B CE  1 
ATOM 350  N NZ  . LYS B 1 19 ? 2.088   12.518  11.544  1.00 100.84 ?  321 LYS B NZ  1 
ATOM 351  N N   . CYS B 1 20 ? -0.549  13.885  4.624   1.00 81.94  ?  322 CYS B N   1 
ATOM 352  C CA  . CYS B 1 20 ? -0.794  15.174  3.948   1.00 85.58  ?  322 CYS B CA  1 
ATOM 353  C C   . CYS B 1 20 ? -1.952  15.956  4.556   1.00 87.04  ?  322 CYS B C   1 
ATOM 354  O O   . CYS B 1 20 ? -3.026  15.392  4.840   1.00 87.09  ?  322 CYS B O   1 
ATOM 355  C CB  . CYS B 1 20 ? -0.980  14.988  2.432   1.00 87.59  ?  322 CYS B CB  1 
ATOM 356  S SG  . CYS B 1 20 ? -2.425  14.048  1.918   1.00 90.86  ?  322 CYS B SG  1 
ATOM 357  N N   . GLY B 1 21 ? -1.705  17.249  4.796   1.00 91.32  ?  323 GLY B N   1 
ATOM 358  C CA  . GLY B 1 21 ? -2.701  18.158  5.367   1.00 96.09  ?  323 GLY B CA  1 
ATOM 359  C C   . GLY B 1 21 ? -2.844  19.407  4.536   1.00 98.43  ?  323 GLY B C   1 
ATOM 360  O O   . GLY B 1 21 ? -1.858  20.141  4.318   1.00 99.26  ?  323 GLY B O   1 
ATOM 361  N N   . SER B 1 22 ? -4.069  19.643  4.046   1.00 99.20  ?  324 SER B N   1 
ATOM 362  C CA  . SER B 1 22 ? -4.380  20.818  3.222   1.00 99.53  ?  324 SER B CA  1 
ATOM 363  C C   . SER B 1 22 ? -5.169  21.862  4.018   1.00 96.66  ?  324 SER B C   1 
ATOM 364  O O   . SER B 1 22 ? -6.250  21.564  4.564   1.00 96.44  ?  324 SER B O   1 
ATOM 365  C CB  . SER B 1 22 ? -5.136  20.404  1.947   1.00 102.70 ?  324 SER B CB  1 
ATOM 366  O OG  . SER B 1 22 ? -6.345  19.736  2.260   1.00 107.77 ?  324 SER B OG  1 
ATOM 367  N N   . LEU B 1 23 ? -4.587  23.068  4.127   1.00 94.22  ?  325 LEU B N   1 
ATOM 368  C CA  . LEU B 1 23 ? -5.188  24.194  4.869   1.00 92.57  ?  325 LEU B CA  1 
ATOM 369  C C   . LEU B 1 23 ? -5.209  25.452  4.006   1.00 86.89  ?  325 LEU B C   1 
ATOM 370  O O   . LEU B 1 23 ? -4.160  25.887  3.490   1.00 86.58  ?  325 LEU B O   1 
ATOM 371  C CB  . LEU B 1 23 ? -4.413  24.452  6.185   1.00 102.61 ?  325 LEU B CB  1 
ATOM 372  C CG  . LEU B 1 23 ? -4.592  23.465  7.364   1.00 112.13 ?  325 LEU B CG  1 
ATOM 373  C CD1 . LEU B 1 23 ? -3.295  23.289  8.149   1.00 112.37 ?  325 LEU B CD1 1 
ATOM 374  C CD2 . LEU B 1 23 ? -5.725  23.902  8.286   1.00 116.28 ?  325 LEU B CD2 1 
ATOM 375  N N   . GLY B 1 24 ? -6.407  26.027  3.836   1.00 83.82  ?  326 GLY B N   1 
ATOM 376  C CA  . GLY B 1 24 ? -6.603  27.218  2.989   1.00 81.12  ?  326 GLY B CA  1 
ATOM 377  C C   . GLY B 1 24 ? -7.505  28.255  3.615   1.00 78.19  ?  326 GLY B C   1 
ATOM 378  O O   . GLY B 1 24 ? -8.634  27.941  4.022   1.00 81.44  ?  326 GLY B O   1 
ATOM 379  N N   . ASN B 1 25 ? -7.000  29.508  3.670   1.00 77.67  ?  327 ASN B N   1 
ATOM 380  C CA  . ASN B 1 25 ? -7.728  30.703  4.215   1.00 78.98  ?  327 ASN B CA  1 
ATOM 381  C C   . ASN B 1 25 ? -8.167  30.572  5.700   1.00 77.64  ?  327 ASN B C   1 
ATOM 382  O O   . ASN B 1 25 ? -9.219  29.979  6.010   1.00 80.53  ?  327 ASN B O   1 
ATOM 383  C CB  . ASN B 1 25 ? -8.914  31.130  3.283   1.00 82.87  ?  327 ASN B CB  1 
ATOM 384  C CG  . ASN B 1 25 ? -9.493  32.501  3.646   1.00 87.49  ?  327 ASN B CG  1 
ATOM 385  O OD1 . ASN B 1 25 ? -10.623 32.602  4.121   1.00 89.29  ?  327 ASN B OD1 1 
ATOM 386  N ND2 . ASN B 1 25 ? -8.712  33.560  3.417   1.00 91.27  ?  327 ASN B ND2 1 
ATOM 387  N N   . ILE B 1 26 ? -7.339  31.121  6.599   1.00 79.65  ?  328 ILE B N   1 
ATOM 388  C CA  . ILE B 1 26 ? -7.607  31.106  8.062   1.00 84.54  ?  328 ILE B CA  1 
ATOM 389  C C   . ILE B 1 26 ? -7.627  32.557  8.608   1.00 92.69  ?  328 ILE B C   1 
ATOM 390  O O   . ILE B 1 26 ? -6.673  33.329  8.389   1.00 98.23  ?  328 ILE B O   1 
ATOM 391  C CB  . ILE B 1 26 ? -6.558  30.211  8.847   1.00 81.60  ?  328 ILE B CB  1 
ATOM 392  C CG1 . ILE B 1 26 ? -6.536  28.762  8.279   1.00 80.87  ?  328 ILE B CG1 1 
ATOM 393  C CG2 . ILE B 1 26 ? -6.868  30.188  10.362  1.00 80.36  ?  328 ILE B CG2 1 
ATOM 394  C CD1 . ILE B 1 26 ? -5.206  28.036  8.435   1.00 83.68  ?  328 ILE B CD1 1 
ATOM 395  N N   . HIS B 1 27 ? -8.733  32.917  9.287   1.00 102.35 ?  329 HIS B N   1 
ATOM 396  C CA  . HIS B 1 27 ? -8.921  34.273  9.875   1.00 112.74 ?  329 HIS B CA  1 
ATOM 397  C C   . HIS B 1 27 ? -8.896  34.251  11.415  1.00 121.57 ?  329 HIS B C   1 
ATOM 398  O O   . HIS B 1 27 ? -9.329  33.265  12.045  1.00 123.33 ?  329 HIS B O   1 
ATOM 399  C CB  . HIS B 1 27 ? -10.238 34.893  9.385   1.00 115.11 ?  329 HIS B CB  1 
ATOM 400  C CG  . HIS B 1 27 ? -10.260 35.197  7.918   1.00 119.55 ?  329 HIS B CG  1 
ATOM 401  N ND1 . HIS B 1 27 ? -10.035 36.461  7.416   1.00 121.93 ?  329 HIS B ND1 1 
ATOM 402  C CD2 . HIS B 1 27 ? -10.493 34.402  6.847   1.00 121.05 ?  329 HIS B CD2 1 
ATOM 403  C CE1 . HIS B 1 27 ? -10.125 36.431  6.098   1.00 123.99 ?  329 HIS B CE1 1 
ATOM 404  N NE2 . HIS B 1 27 ? -10.403 35.194  5.728   1.00 122.39 ?  329 HIS B NE2 1 
ATOM 405  N N   . HIS B 1 28 ? -8.388  35.350  12.008  1.00 133.98 ?  330 HIS B N   1 
ATOM 406  C CA  . HIS B 1 28 ? -8.354  35.541  13.486  1.00 141.54 ?  330 HIS B CA  1 
ATOM 407  C C   . HIS B 1 28 ? -8.713  36.979  13.887  1.00 138.96 ?  330 HIS B C   1 
ATOM 408  O O   . HIS B 1 28 ? -8.225  37.945  13.292  1.00 136.03 ?  330 HIS B O   1 
ATOM 409  C CB  . HIS B 1 28 ? -6.983  35.152  14.062  1.00 147.99 ?  330 HIS B CB  1 
ATOM 410  C CG  . HIS B 1 28 ? -6.870  33.707  14.443  1.00 151.78 ?  330 HIS B CG  1 
ATOM 411  N ND1 . HIS B 1 28 ? -7.231  33.236  15.688  1.00 151.55 ?  330 HIS B ND1 1 
ATOM 412  C CD2 . HIS B 1 28 ? -6.417  32.632  13.752  1.00 152.55 ?  330 HIS B CD2 1 
ATOM 413  C CE1 . HIS B 1 28 ? -7.016  31.933  15.744  1.00 151.65 ?  330 HIS B CE1 1 
ATOM 414  N NE2 . HIS B 1 28 ? -6.523  31.542  14.582  1.00 152.47 ?  330 HIS B NE2 1 
ATOM 415  N N   . GLY C 1 1  ? 12.575  -40.097 -10.455 1.00 130.78 ?  272 GLY C N   1 
ATOM 416  C CA  . GLY C 1 1  ? 11.573  -39.478 -9.587  1.00 136.20 ?  272 GLY C CA  1 
ATOM 417  C C   . GLY C 1 1  ? 12.161  -38.441 -8.645  1.00 136.74 ?  272 GLY C C   1 
ATOM 418  O O   . GLY C 1 1  ? 13.269  -38.631 -8.105  1.00 139.72 ?  272 GLY C O   1 
ATOM 419  N N   . GLY C 1 2  ? 11.403  -37.353 -8.418  1.00 132.24 ?  273 GLY C N   1 
ATOM 420  C CA  . GLY C 1 2  ? 11.846  -36.234 -7.557  1.00 127.23 ?  273 GLY C CA  1 
ATOM 421  C C   . GLY C 1 2  ? 10.994  -36.042 -6.314  1.00 122.50 ?  273 GLY C C   1 
ATOM 422  O O   . GLY C 1 2  ? 9.790   -35.754 -6.412  1.00 119.67 ?  273 GLY C O   1 
ATOM 423  N N   . LYS C 1 3  ? 11.625  -36.208 -5.138  1.00 125.15 ?  274 LYS C N   1 
ATOM 424  C CA  . LYS C 1 3  ? 10.956  -35.988 -3.826  1.00 127.33 ?  274 LYS C CA  1 
ATOM 425  C C   . LYS C 1 3  ? 11.110  -34.535 -3.326  1.00 122.01 ?  274 LYS C C   1 
ATOM 426  O O   . LYS C 1 3  ? 12.231  -34.029 -3.187  1.00 125.27 ?  274 LYS C O   1 
ATOM 427  C CB  . LYS C 1 3  ? 11.417  -37.029 -2.747  1.00 134.93 ?  274 LYS C CB  1 
ATOM 428  C CG  . LYS C 1 3  ? 12.946  -37.161 -2.541  1.00 142.56 ?  274 LYS C CG  1 
ATOM 429  C CD  . LYS C 1 3  ? 13.297  -38.036 -1.327  1.00 147.66 ?  274 LYS C CD  1 
ATOM 430  C CE  . LYS C 1 3  ? 13.367  -39.526 -1.681  1.00 150.84 ?  274 LYS C CE  1 
ATOM 431  N NZ  . LYS C 1 3  ? 13.768  -40.358 -0.509  1.00 148.79 ?  274 LYS C NZ  1 
ATOM 432  N N   . VAL C 1 4  ? 9.967   -33.862 -3.107  1.00 110.53 ?  306 VAL C N   1 
ATOM 433  C CA  . VAL C 1 4  ? 9.953   -32.425 -2.702  1.00 99.55  ?  306 VAL C CA  1 
ATOM 434  C C   . VAL C 1 4  ? 9.317   -32.250 -1.308  1.00 97.05  ?  306 VAL C C   1 
ATOM 435  O O   . VAL C 1 4  ? 8.191   -32.727 -1.059  1.00 100.39 ?  306 VAL C O   1 
ATOM 436  C CB  . VAL C 1 4  ? 9.207   -31.503 -3.760  1.00 94.12  ?  306 VAL C CB  1 
ATOM 437  C CG1 . VAL C 1 4  ? 9.487   -30.028 -3.483  1.00 90.45  ?  306 VAL C CG1 1 
ATOM 438  C CG2 . VAL C 1 4  ? 9.623   -31.848 -5.196  1.00 93.15  ?  306 VAL C CG2 1 
ATOM 439  N N   . GLN C 1 5  ? 10.067  -31.599 -0.399  1.00 93.53  ?  307 GLN C N   1 
ATOM 440  C CA  . GLN C 1 5  ? 9.570   -31.242 0.952   1.00 90.45  ?  307 GLN C CA  1 
ATOM 441  C C   . GLN C 1 5  ? 9.458   -29.720 1.107   1.00 83.09  ?  307 GLN C C   1 
ATOM 442  O O   . GLN C 1 5  ? 10.474  -28.993 1.028   1.00 87.07  ?  307 GLN C O   1 
ATOM 443  C CB  . GLN C 1 5  ? 10.477  -31.830 2.052   1.00 97.45  ?  307 GLN C CB  1 
ATOM 444  C CG  . GLN C 1 5  ? 10.246  -33.313 2.343   1.00 107.63 ?  307 GLN C CG  1 
ATOM 445  C CD  . GLN C 1 5  ? 10.999  -33.804 3.587   1.00 114.45 ?  307 GLN C CD  1 
ATOM 446  O OE1 . GLN C 1 5  ? 10.903  -33.208 4.673   1.00 115.42 ?  307 GLN C OE1 1 
ATOM 447  N NE2 . GLN C 1 5  ? 11.709  -34.921 3.444   1.00 116.52 ?  307 GLN C NE2 1 
ATOM 448  N N   . ILE C 1 6  ? 8.215   -29.239 1.263   1.00 71.89  ?  308 ILE C N   1 
ATOM 449  C CA  . ILE C 1 6  ? 7.936   -27.798 1.454   1.00 64.13  ?  308 ILE C CA  1 
ATOM 450  C C   . ILE C 1 6  ? 7.164   -27.586 2.759   1.00 63.56  ?  308 ILE C C   1 
ATOM 451  O O   . ILE C 1 6  ? 6.071   -28.161 2.955   1.00 65.09  ?  308 ILE C O   1 
ATOM 452  C CB  . ILE C 1 6  ? 7.142   -27.173 0.238   1.00 61.30  ?  308 ILE C CB  1 
ATOM 453  C CG1 . ILE C 1 6  ? 7.897   -27.411 -1.098  1.00 61.23  ?  308 ILE C CG1 1 
ATOM 454  C CG2 . ILE C 1 6  ? 6.894   -25.661 0.462   1.00 59.48  ?  308 ILE C CG2 1 
ATOM 455  C CD1 . ILE C 1 6  ? 7.012   -27.393 -2.339  1.00 62.38  ?  308 ILE C CD1 1 
ATOM 456  N N   . VAL C 1 7  ? 7.763   -26.803 3.668   1.00 63.60  ?  309 VAL C N   1 
ATOM 457  C CA  . VAL C 1 7  ? 7.105   -26.386 4.928   1.00 64.58  ?  309 VAL C CA  1 
ATOM 458  C C   . VAL C 1 7  ? 6.820   -24.857 4.834   1.00 64.67  ?  309 VAL C C   1 
ATOM 459  O O   . VAL C 1 7  ? 7.604   -24.014 5.344   1.00 68.37  ?  309 VAL C O   1 
ATOM 460  C CB  . VAL C 1 7  ? 7.962   -26.764 6.225   1.00 65.00  ?  309 VAL C CB  1 
ATOM 461  C CG1 . VAL C 1 7  ? 7.151   -26.529 7.507   1.00 65.02  ?  309 VAL C CG1 1 
ATOM 462  C CG2 . VAL C 1 7  ? 8.435   -28.221 6.168   1.00 64.61  ?  309 VAL C CG2 1 
ATOM 463  N N   . TYR C 1 8  ? 5.754   -24.520 4.097   1.00 62.11  ?  310 TYR C N   1 
ATOM 464  C CA  . TYR C 1 8  ? 5.384   -23.131 3.829   1.00 61.56  ?  310 TYR C CA  1 
ATOM 465  C C   . TYR C 1 8  ? 4.351   -22.615 4.843   1.00 62.76  ?  310 TYR C C   1 
ATOM 466  O O   . TYR C 1 8  ? 3.122   -22.783 4.661   1.00 64.88  ?  310 TYR C O   1 
ATOM 467  C CB  . TYR C 1 8  ? 4.920   -22.967 2.338   1.00 62.36  ?  310 TYR C CB  1 
ATOM 468  C CG  . TYR C 1 8  ? 4.333   -21.590 1.939   1.00 66.58  ?  310 TYR C CG  1 
ATOM 469  C CD1 . TYR C 1 8  ? 4.892   -20.362 2.432   1.00 70.52  ?  310 TYR C CD1 1 
ATOM 470  C CD2 . TYR C 1 8  ? 3.308   -21.505 0.950   1.00 67.61  ?  310 TYR C CD2 1 
ATOM 471  C CE1 . TYR C 1 8  ? 4.366   -19.111 2.033   1.00 74.08  ?  310 TYR C CE1 1 
ATOM 472  C CE2 . TYR C 1 8  ? 2.781   -20.256 0.538   1.00 68.53  ?  310 TYR C CE2 1 
ATOM 473  C CZ  . TYR C 1 8  ? 3.301   -19.067 1.082   1.00 71.87  ?  310 TYR C CZ  1 
ATOM 474  O OH  . TYR C 1 8  ? 2.789   -17.851 0.678   1.00 72.24  ?  310 TYR C OH  1 
ATOM 475  N N   . LYS C 1 9  ? 4.869   -22.035 5.939   1.00 67.89  ?  311 LYS C N   1 
ATOM 476  C CA  . LYS C 1 9  ? 4.031   -21.429 7.007   1.00 75.31  ?  311 LYS C CA  1 
ATOM 477  C C   . LYS C 1 9  ? 4.273   -19.875 7.169   1.00 75.74  ?  311 LYS C C   1 
ATOM 478  O O   . LYS C 1 9  ? 5.093   -19.443 8.015   1.00 76.03  ?  311 LYS C O   1 
ATOM 479  C CB  . LYS C 1 9  ? 4.153   -22.212 8.372   1.00 79.78  ?  311 LYS C CB  1 
ATOM 480  C CG  . LYS C 1 9  ? 5.580   -22.514 8.857   1.00 83.63  ?  311 LYS C CG  1 
ATOM 481  C CD  . LYS C 1 9  ? 5.563   -23.205 10.218  1.00 90.11  ?  311 LYS C CD  1 
ATOM 482  C CE  . LYS C 1 9  ? 6.974   -23.520 10.704  1.00 94.60  ?  311 LYS C CE  1 
ATOM 483  N NZ  . LYS C 1 9  ? 6.972   -24.241 12.012  1.00 93.70  1  311 LYS C NZ  1 
ATOM 484  N N   . PRO C 1 10 ? 3.569   -19.038 6.322   1.00 76.65  ?  312 PRO C N   1 
ATOM 485  C CA  . PRO C 1 10 ? 3.735   -17.576 6.403   1.00 78.88  ?  312 PRO C CA  1 
ATOM 486  C C   . PRO C 1 10 ? 3.015   -16.958 7.608   1.00 82.49  ?  312 PRO C C   1 
ATOM 487  O O   . PRO C 1 10 ? 1.872   -17.356 7.933   1.00 84.80  ?  312 PRO C O   1 
ATOM 488  C CB  . PRO C 1 10 ? 3.125   -17.076 5.087   1.00 78.54  ?  312 PRO C CB  1 
ATOM 489  C CG  . PRO C 1 10 ? 2.140   -18.119 4.702   1.00 78.61  ?  312 PRO C CG  1 
ATOM 490  C CD  . PRO C 1 10 ? 2.683   -19.426 5.195   1.00 76.04  ?  312 PRO C CD  1 
ATOM 491  N N   . VAL C 1 11 ? 3.704   -16.038 8.294   1.00 85.61  ?  313 VAL C N   1 
ATOM 492  C CA  . VAL C 1 11 ? 3.117   -15.272 9.414   1.00 89.05  ?  313 VAL C CA  1 
ATOM 493  C C   . VAL C 1 11 ? 2.989   -13.791 8.970   1.00 90.39  ?  313 VAL C C   1 
ATOM 494  O O   . VAL C 1 11 ? 3.966   -13.007 9.043   1.00 93.83  ?  313 VAL C O   1 
ATOM 495  C CB  . VAL C 1 11 ? 3.951   -15.429 10.769  1.00 89.39  ?  313 VAL C CB  1 
ATOM 496  C CG1 . VAL C 1 11 ? 3.257   -14.708 11.930  1.00 87.44  ?  313 VAL C CG1 1 
ATOM 497  C CG2 . VAL C 1 11 ? 4.153   -16.907 11.124  1.00 89.33  ?  313 VAL C CG2 1 
ATOM 498  N N   . ASP C 1 12 ? 1.810   -13.455 8.425   1.00 90.45  ?  314 ASP C N   1 
ATOM 499  C CA  . ASP C 1 12 ? 1.531   -12.112 7.911   1.00 90.94  ?  314 ASP C CA  1 
ATOM 500  C C   . ASP C 1 12 ? 0.709   -11.283 8.914   1.00 90.62  ?  314 ASP C C   1 
ATOM 501  O O   . ASP C 1 12 ? -0.518  -11.487 9.068   1.00 92.18  ?  314 ASP C O   1 
ATOM 502  C CB  . ASP C 1 12 ? 0.833   -12.188 6.526   1.00 93.91  ?  314 ASP C CB  1 
ATOM 503  C CG  . ASP C 1 12 ? 0.736   -10.816 5.827   1.00 97.24  ?  314 ASP C CG  1 
ATOM 504  O OD1 . ASP C 1 12 ? 1.783   -10.146 5.650   1.00 100.07 ?  314 ASP C OD1 1 
ATOM 505  O OD2 . ASP C 1 12 ? -0.380  -10.443 5.410   1.00 98.55  -1 314 ASP C OD2 1 
ATOM 506  N N   . LEU C 1 13 ? 1.412   -10.403 9.638   1.00 91.89  ?  315 LEU C N   1 
ATOM 507  C CA  . LEU C 1 13 ? 0.794   -9.481  10.616  1.00 95.18  ?  315 LEU C CA  1 
ATOM 508  C C   . LEU C 1 13 ? 0.765   -8.012  10.080  1.00 97.44  ?  315 LEU C C   1 
ATOM 509  O O   . LEU C 1 13 ? 0.666   -7.039  10.871  1.00 97.53  ?  315 LEU C O   1 
ATOM 510  C CB  . LEU C 1 13 ? 1.542   -9.559  11.967  1.00 95.83  ?  315 LEU C CB  1 
ATOM 511  C CG  . LEU C 1 13 ? 1.265   -10.742 12.908  1.00 97.20  ?  315 LEU C CG  1 
ATOM 512  C CD1 . LEU C 1 13 ? 2.525   -11.133 13.667  1.00 98.61  ?  315 LEU C CD1 1 
ATOM 513  C CD2 . LEU C 1 13 ? 0.135   -10.418 13.879  1.00 99.79  ?  315 LEU C CD2 1 
ATOM 514  N N   . SER C 1 14 ? 0.799   -7.879  8.739   1.00 99.05  ?  316 SER C N   1 
ATOM 515  C CA  . SER C 1 14 ? 0.832   -6.570  8.051   1.00 100.00 ?  316 SER C CA  1 
ATOM 516  C C   . SER C 1 14 ? -0.502  -5.829  8.154   1.00 96.29  ?  316 SER C C   1 
ATOM 517  O O   . SER C 1 14 ? -1.571  -6.416  7.927   1.00 97.32  ?  316 SER C O   1 
ATOM 518  C CB  . SER C 1 14 ? 1.229   -6.749  6.573   1.00 104.07 ?  316 SER C CB  1 
ATOM 519  O OG  . SER C 1 14 ? 0.311   -7.593  5.890   1.00 102.58 ?  316 SER C OG  1 
ATOM 520  N N   . LYS C 1 15 ? -0.431  -4.536  8.508   1.00 88.76  ?  317 LYS C N   1 
ATOM 521  C CA  . LYS C 1 15 ? -1.636  -3.687  8.632   1.00 84.10  ?  317 LYS C CA  1 
ATOM 522  C C   . LYS C 1 15 ? -1.639  -2.458  7.698   1.00 78.62  ?  317 LYS C C   1 
ATOM 523  O O   . LYS C 1 15 ? -0.794  -1.552  7.825   1.00 77.43  ?  317 LYS C O   1 
ATOM 524  C CB  . LYS C 1 15 ? -1.940  -3.315  10.120  1.00 87.22  ?  317 LYS C CB  1 
ATOM 525  C CG  . LYS C 1 15 ? -0.776  -2.679  10.916  1.00 90.04  ?  317 LYS C CG  1 
ATOM 526  C CD  . LYS C 1 15 ? -0.989  -2.775  12.447  1.00 93.17  ?  317 LYS C CD  1 
ATOM 527  C CE  . LYS C 1 15 ? -2.006  -1.747  12.988  1.00 96.32  ?  317 LYS C CE  1 
ATOM 528  N NZ  . LYS C 1 15 ? -1.525  -0.336  12.899  1.00 97.52  1  317 LYS C NZ  1 
ATOM 529  N N   . VAL C 1 16 ? -2.556  -2.491  6.718   1.00 76.81  ?  318 VAL C N   1 
ATOM 530  C CA  . VAL C 1 16 ? -2.734  -1.395  5.729   1.00 74.68  ?  318 VAL C CA  1 
ATOM 531  C C   . VAL C 1 16 ? -3.943  -0.534  6.144   1.00 73.51  ?  318 VAL C C   1 
ATOM 532  O O   . VAL C 1 16 ? -5.091  -1.030  6.207   1.00 76.37  ?  318 VAL C O   1 
ATOM 533  C CB  . VAL C 1 16 ? -2.924  -1.950  4.254   1.00 73.93  ?  318 VAL C CB  1 
ATOM 534  C CG1 . VAL C 1 16 ? -3.076  -0.804  3.248   1.00 73.73  ?  318 VAL C CG1 1 
ATOM 535  C CG2 . VAL C 1 16 ? -1.756  -2.855  3.852   1.00 73.68  ?  318 VAL C CG2 1 
ATOM 536  N N   . THR C 1 17 ? -3.671  0.741   6.453   1.00 70.54  ?  319 THR C N   1 
ATOM 537  C CA  . THR C 1 17 ? -4.712  1.690   6.916   1.00 69.36  ?  319 THR C CA  1 
ATOM 538  C C   . THR C 1 17 ? -4.823  2.882   5.963   1.00 66.31  ?  319 THR C C   1 
ATOM 539  O O   . THR C 1 17 ? -3.796  3.476   5.569   1.00 67.87  ?  319 THR C O   1 
ATOM 540  C CB  . THR C 1 17 ? -4.431  2.211   8.376   1.00 72.53  ?  319 THR C CB  1 
ATOM 541  O OG1 . THR C 1 17 ? -3.232  2.987   8.390   1.00 78.03  ?  319 THR C OG1 1 
ATOM 542  C CG2 . THR C 1 17 ? -4.295  1.036   9.398   1.00 71.82  ?  319 THR C CG2 1 
ATOM 543  N N   . SER C 1 18 ? -6.062  3.215   5.575   1.00 65.94  ?  320 SER C N   1 
ATOM 544  C CA  . SER C 1 18 ? -6.340  4.394   4.730   1.00 67.95  ?  320 SER C CA  1 
ATOM 545  C C   . SER C 1 18 ? -7.344  5.346   5.416   1.00 69.34  ?  320 SER C C   1 
ATOM 546  O O   . SER C 1 18 ? -8.577  5.260   5.197   1.00 70.68  ?  320 SER C O   1 
ATOM 547  C CB  . SER C 1 18 ? -6.812  3.974   3.320   1.00 67.85  ?  320 SER C CB  1 
ATOM 548  O OG  . SER C 1 18 ? -8.039  3.273   3.376   1.00 71.96  ?  320 SER C OG  1 
ATOM 549  N N   . LYS C 1 19 ? -6.808  6.204   6.291   1.00 73.78  ?  321 LYS C N   1 
ATOM 550  C CA  . LYS C 1 19 ? -7.610  7.171   7.061   1.00 78.98  ?  321 LYS C CA  1 
ATOM 551  C C   . LYS C 1 19 ? -7.713  8.494   6.321   1.00 80.10  ?  321 LYS C C   1 
ATOM 552  O O   . LYS C 1 19 ? -6.690  9.041   5.851   1.00 82.59  ?  321 LYS C O   1 
ATOM 553  C CB  . LYS C 1 19 ? -6.995  7.397   8.460   1.00 84.09  ?  321 LYS C CB  1 
ATOM 554  C CG  . LYS C 1 19 ? -7.097  6.192   9.412   1.00 90.48  ?  321 LYS C CG  1 
ATOM 555  C CD  . LYS C 1 19 ? -6.255  6.387   10.686  1.00 96.85  ?  321 LYS C CD  1 
ATOM 556  C CE  . LYS C 1 19 ? -7.001  7.188   11.764  1.00 101.09 ?  321 LYS C CE  1 
ATOM 557  N NZ  . LYS C 1 19 ? -6.175  7.372   12.993  1.00 100.84 ?  321 LYS C NZ  1 
ATOM 558  N N   . CYS C 1 20 ? -8.951  8.993   6.182   1.00 81.94  ?  322 CYS C N   1 
ATOM 559  C CA  . CYS C 1 20 ? -9.205  10.306  5.558   1.00 85.58  ?  322 CYS C CA  1 
ATOM 560  C C   . CYS C 1 20 ? -10.346 11.070  6.219   1.00 87.04  ?  322 CYS C C   1 
ATOM 561  O O   . CYS C 1 20 ? -11.418 10.502  6.505   1.00 87.09  ?  322 CYS C O   1 
ATOM 562  C CB  . CYS C 1 20 ? -9.424  10.175  4.042   1.00 87.59  ?  322 CYS C CB  1 
ATOM 563  S SG  . CYS C 1 20 ? -10.884 9.259   3.525   1.00 90.86  ?  322 CYS C SG  1 
ATOM 564  N N   . GLY C 1 21 ? -10.089 12.353  6.498   1.00 91.32  ?  323 GLY C N   1 
ATOM 565  C CA  . GLY C 1 21 ? -11.069 13.244  7.122   1.00 96.09  ?  323 GLY C CA  1 
ATOM 566  C C   . GLY C 1 21 ? -11.224 14.523  6.339   1.00 98.43  ?  323 GLY C C   1 
ATOM 567  O O   . GLY C 1 21 ? -10.239 15.262  6.127   1.00 99.26  ?  323 GLY C O   1 
ATOM 568  N N   . SER C 1 22 ? -12.457 14.781  5.884   1.00 99.20  ?  324 SER C N   1 
ATOM 569  C CA  . SER C 1 22 ? -12.781 15.986  5.109   1.00 99.53  ?  324 SER C CA  1 
ATOM 570  C C   . SER C 1 22 ? -13.547 17.004  5.958   1.00 96.66  ?  324 SER C C   1 
ATOM 571  O O   . SER C 1 22 ? -14.619 16.691  6.516   1.00 96.44  ?  324 SER C O   1 
ATOM 572  C CB  . SER C 1 22 ? -13.564 15.620  3.837   1.00 102.70 ?  324 SER C CB  1 
ATOM 573  O OG  . SER C 1 22 ? -14.771 14.946  4.152   1.00 107.77 ?  324 SER C OG  1 
ATOM 574  N N   . LEU C 1 23 ? -12.958 18.203  6.097   1.00 94.22  ?  325 LEU C N   1 
ATOM 575  C CA  . LEU C 1 23 ? -13.539 19.304  6.892   1.00 92.57  ?  325 LEU C CA  1 
ATOM 576  C C   . LEU C 1 23 ? -13.571 20.593  6.074   1.00 86.89  ?  325 LEU C C   1 
ATOM 577  O O   . LEU C 1 23 ? -12.532 21.041  5.553   1.00 86.58  ?  325 LEU C O   1 
ATOM 578  C CB  . LEU C 1 23 ? -12.734 19.513  8.199   1.00 102.61 ?  325 LEU C CB  1 
ATOM 579  C CG  . LEU C 1 23 ? -12.893 18.486  9.346   1.00 112.13 ?  325 LEU C CG  1 
ATOM 580  C CD1 . LEU C 1 23 ? -11.580 18.277  10.096  1.00 112.37 ?  325 LEU C CD1 1 
ATOM 581  C CD2 . LEU C 1 23 ? -14.004 18.894  10.306  1.00 116.28 ?  325 LEU C CD2 1 
ATOM 582  N N   . GLY C 1 24 ? -14.770 21.177  5.949   1.00 83.82  ?  326 GLY C N   1 
ATOM 583  C CA  . GLY C 1 24 ? -14.978 22.399  5.150   1.00 81.12  ?  326 GLY C CA  1 
ATOM 584  C C   . GLY C 1 24 ? -15.863 23.417  5.831   1.00 78.19  ?  326 GLY C C   1 
ATOM 585  O O   . GLY C 1 24 ? -16.985 23.092  6.251   1.00 81.44  ?  326 GLY C O   1 
ATOM 586  N N   . ASN C 1 25 ? -15.351 24.664  5.920   1.00 77.67  ?  327 ASN C N   1 
ATOM 587  C CA  . ASN C 1 25 ? -16.062 25.842  6.522   1.00 78.98  ?  327 ASN C CA  1 
ATOM 588  C C   . ASN C 1 25 ? -16.470 25.659  8.011   1.00 77.64  ?  327 ASN C C   1 
ATOM 589  O O   . ASN C 1 25 ? -17.518 25.062  8.322   1.00 80.53  ?  327 ASN C O   1 
ATOM 590  C CB  . ASN C 1 25 ? -17.265 26.307  5.632   1.00 82.87  ?  327 ASN C CB  1 
ATOM 591  C CG  . ASN C 1 25 ? -17.829 27.666  6.056   1.00 87.49  ?  327 ASN C CG  1 
ATOM 592  O OD1 . ASN C 1 25 ? -18.950 27.754  6.558   1.00 89.29  ?  327 ASN C OD1 1 
ATOM 593  N ND2 . ASN C 1 25 ? -17.049 28.730  5.848   1.00 91.27  ?  327 ASN C ND2 1 
ATOM 594  N N   . ILE C 1 26 ? -15.620 26.174  8.911   1.00 79.65  ?  328 ILE C N   1 
ATOM 595  C CA  . ILE C 1 26 ? -15.858 26.107  10.378  1.00 84.54  ?  328 ILE C CA  1 
ATOM 596  C C   . ILE C 1 26 ? -15.860 27.538  10.975  1.00 92.69  ?  328 ILE C C   1 
ATOM 597  O O   . ILE C 1 26 ? -14.907 28.315  10.763  1.00 98.23  ?  328 ILE C O   1 
ATOM 598  C CB  . ILE C 1 26 ? -14.796 25.182  11.108  1.00 81.60  ?  328 ILE C CB  1 
ATOM 599  C CG1 . ILE C 1 26 ? -14.793 23.754  10.489  1.00 80.87  ?  328 ILE C CG1 1 
ATOM 600  C CG2 . ILE C 1 26 ? -15.074 25.106  12.628  1.00 80.36  ?  328 ILE C CG2 1 
ATOM 601  C CD1 . ILE C 1 26 ? -13.463 23.017  10.591  1.00 83.68  ?  328 ILE C CD1 1 
ATOM 602  N N   . HIS C 1 27 ? -16.950 27.878  11.690  1.00 102.35 ?  329 HIS C N   1 
ATOM 603  C CA  . HIS C 1 27 ? -17.119 29.213  12.330  1.00 112.74 ?  329 HIS C CA  1 
ATOM 604  C C   . HIS C 1 27 ? -17.061 29.137  13.868  1.00 121.57 ?  329 HIS C C   1 
ATOM 605  O O   . HIS C 1 27 ? -17.484 28.131  14.471  1.00 123.33 ?  329 HIS C O   1 
ATOM 606  C CB  . HIS C 1 27 ? -18.443 29.855  11.891  1.00 115.11 ?  329 HIS C CB  1 
ATOM 607  C CG  . HIS C 1 27 ? -18.495 30.211  10.437  1.00 119.55 ?  329 HIS C CG  1 
ATOM 608  N ND1 . HIS C 1 27 ? -18.274 31.491  9.974   1.00 121.93 ?  329 HIS C ND1 1 
ATOM 609  C CD2 . HIS C 1 27 ? -18.753 29.456  9.342   1.00 121.05 ?  329 HIS C CD2 1 
ATOM 610  C CE1 . HIS C 1 27 ? -18.392 31.508  8.659   1.00 123.99 ?  329 HIS C CE1 1 
ATOM 611  N NE2 . HIS C 1 27 ? -18.683 30.286  8.250   1.00 122.39 ?  329 HIS C NE2 1 
ATOM 612  N N   . HIS C 1 28 ? -16.536 30.212  14.488  1.00 133.98 ?  330 HIS C N   1 
ATOM 613  C CA  . HIS C 1 28 ? -16.469 30.350  15.971  1.00 141.54 ?  330 HIS C CA  1 
ATOM 614  C C   . HIS C 1 28 ? -16.813 31.774  16.430  1.00 138.96 ?  330 HIS C C   1 
ATOM 615  O O   . HIS C 1 28 ? -16.334 32.761  15.859  1.00 136.03 ?  330 HIS C O   1 
ATOM 616  C CB  . HIS C 1 28 ? -15.088 29.937  16.503  1.00 147.99 ?  330 HIS C CB  1 
ATOM 617  C CG  . HIS C 1 28 ? -14.974 28.478  16.831  1.00 151.78 ?  330 HIS C CG  1 
ATOM 618  N ND1 . HIS C 1 28 ? -15.311 27.964  18.065  1.00 151.55 ?  330 HIS C ND1 1 
ATOM 619  C CD2 . HIS C 1 28 ? -14.540 27.427  16.092  1.00 152.55 ?  330 HIS C CD2 1 
ATOM 620  C CE1 . HIS C 1 28 ? -15.101 26.659  18.069  1.00 151.65 ?  330 HIS C CE1 1 
ATOM 621  N NE2 . HIS C 1 28 ? -14.633 26.308  16.884  1.00 152.47 ?  330 HIS C NE2 1 
ATOM 622  N N   . LYS D 1 3  ? 17.421  -31.857 -12.650 1.00 115.94 ?  274 LYS D N   1 
ATOM 623  C CA  . LYS D 1 3  ? 17.447  -30.371 -12.842 1.00 114.18 ?  274 LYS D CA  1 
ATOM 624  C C   . LYS D 1 3  ? 16.428  -29.678 -11.930 1.00 105.30 ?  274 LYS D C   1 
ATOM 625  O O   . LYS D 1 3  ? 15.235  -30.043 -11.918 1.00 105.71 ?  274 LYS D O   1 
ATOM 626  C CB  . LYS D 1 3  ? 17.187  -30.003 -14.319 1.00 124.64 ?  274 LYS D CB  1 
ATOM 627  C CG  . LYS D 1 3  ? 18.322  -30.376 -15.274 1.00 139.08 ?  274 LYS D CG  1 
ATOM 628  C CD  . LYS D 1 3  ? 17.961  -30.064 -16.721 1.00 149.10 ?  274 LYS D CD  1 
ATOM 629  C CE  . LYS D 1 3  ? 19.076  -30.480 -17.673 1.00 154.48 ?  274 LYS D CE  1 
ATOM 630  N NZ  . LYS D 1 3  ? 18.730  -30.211 -19.099 1.00 151.94 ?  274 LYS D NZ  1 
ATOM 631  N N   . VAL D 1 4  ? 16.912  -28.694 -11.150 1.00 96.59  ?  306 VAL D N   1 
ATOM 632  C CA  . VAL D 1 4  ? 16.061  -27.921 -10.196 1.00 89.62  ?  306 VAL D CA  1 
ATOM 633  C C   . VAL D 1 4  ? 15.907  -26.469 -10.680 1.00 86.81  ?  306 VAL D C   1 
ATOM 634  O O   . VAL D 1 4  ? 16.912  -25.745 -10.859 1.00 92.19  ?  306 VAL D O   1 
ATOM 635  C CB  . VAL D 1 4  ? 16.634  -27.955 -8.716  1.00 87.48  ?  306 VAL D CB  1 
ATOM 636  C CG1 . VAL D 1 4  ? 15.696  -27.226 -7.745  1.00 83.87  ?  306 VAL D CG1 1 
ATOM 637  C CG2 . VAL D 1 4  ? 16.858  -29.390 -8.246  1.00 89.96  ?  306 VAL D CG2 1 
ATOM 638  N N   . GLN D 1 5  ? 14.652  -26.063 -10.912 1.00 80.33  ?  307 GLN D N   1 
ATOM 639  C CA  . GLN D 1 5  ? 14.327  -24.701 -11.359 1.00 75.98  ?  307 GLN D CA  1 
ATOM 640  C C   . GLN D 1 5  ? 13.295  -24.070 -10.439 1.00 71.48  ?  307 GLN D C   1 
ATOM 641  O O   . GLN D 1 5  ? 12.111  -24.477 -10.428 1.00 74.23  ?  307 GLN D O   1 
ATOM 642  C CB  . GLN D 1 5  ? 13.834  -24.700 -12.822 1.00 81.03  ?  307 GLN D CB  1 
ATOM 643  C CG  . GLN D 1 5  ? 14.930  -24.965 -13.862 1.00 90.82  ?  307 GLN D CG  1 
ATOM 644  C CD  . GLN D 1 5  ? 14.384  -25.138 -15.285 1.00 97.65  ?  307 GLN D CD  1 
ATOM 645  O OE1 . GLN D 1 5  ? 13.614  -24.304 -15.783 1.00 100.48 ?  307 GLN D OE1 1 
ATOM 646  N NE2 . GLN D 1 5  ? 14.826  -26.198 -15.960 1.00 99.07  ?  307 GLN D NE2 1 
ATOM 647  N N   . ILE D 1 6  ? 13.761  -23.132 -9.607  1.00 67.93  ?  308 ILE D N   1 
ATOM 648  C CA  . ILE D 1 6  ? 12.886  -22.378 -8.686  1.00 66.57  ?  308 ILE D CA  1 
ATOM 649  C C   . ILE D 1 6  ? 12.758  -20.929 -9.196  1.00 65.52  ?  308 ILE D C   1 
ATOM 650  O O   . ILE D 1 6  ? 13.648  -20.077 -8.954  1.00 67.08  ?  308 ILE D O   1 
ATOM 651  C CB  . ILE D 1 6  ? 13.395  -22.433 -7.185  1.00 66.22  ?  308 ILE D CB  1 
ATOM 652  C CG1 . ILE D 1 6  ? 13.624  -23.899 -6.739  1.00 67.32  ?  308 ILE D CG1 1 
ATOM 653  C CG2 . ILE D 1 6  ? 12.396  -21.730 -6.238  1.00 64.96  ?  308 ILE D CG2 1 
ATOM 654  C CD1 . ILE D 1 6  ? 14.707  -24.077 -5.685  1.00 69.27  ?  308 ILE D CD1 1 
ATOM 655  N N   . VAL D 1 7  ? 11.700  -20.689 -9.975  1.00 65.52  ?  309 VAL D N   1 
ATOM 656  C CA  . VAL D 1 7  ? 11.429  -19.364 -10.540 1.00 67.60  ?  309 VAL D CA  1 
ATOM 657  C C   . VAL D 1 7  ? 10.551  -18.577 -9.555  1.00 69.45  ?  309 VAL D C   1 
ATOM 658  O O   . VAL D 1 7  ? 9.305   -18.713 -9.542  1.00 70.99  ?  309 VAL D O   1 
ATOM 659  C CB  . VAL D 1 7  ? 10.786  -19.441 -11.986 1.00 69.58  ?  309 VAL D CB  1 
ATOM 660  C CG1 . VAL D 1 7  ? 10.691  -18.048 -12.612 1.00 70.57  ?  309 VAL D CG1 1 
ATOM 661  C CG2 . VAL D 1 7  ? 11.598  -20.368 -12.903 1.00 69.94  ?  309 VAL D CG2 1 
ATOM 662  N N   . TYR D 1 8  ? 11.223  -17.838 -8.670  1.00 76.67  ?  310 TYR D N   1 
ATOM 663  C CA  . TYR D 1 8  ? 10.574  -17.017 -7.654  1.00 85.08  ?  310 TYR D CA  1 
ATOM 664  C C   . TYR D 1 8  ? 10.427  -15.574 -8.190  1.00 91.26  ?  310 TYR D C   1 
ATOM 665  O O   . TYR D 1 8  ? 11.348  -14.731 -8.038  1.00 96.91  ?  310 TYR D O   1 
ATOM 666  C CB  . TYR D 1 8  ? 11.402  -17.059 -6.339  1.00 89.49  ?  310 TYR D CB  1 
ATOM 667  C CG  . TYR D 1 8  ? 10.720  -16.457 -5.122  1.00 94.70  ?  310 TYR D CG  1 
ATOM 668  C CD1 . TYR D 1 8  ? 10.837  -15.063 -4.829  1.00 99.30  ?  310 TYR D CD1 1 
ATOM 669  C CD2 . TYR D 1 8  ? 10.028  -17.286 -4.189  1.00 100.39 ?  310 TYR D CD2 1 
ATOM 670  C CE1 . TYR D 1 8  ? 10.232  -14.501 -3.685  1.00 104.52 ?  310 TYR D CE1 1 
ATOM 671  C CE2 . TYR D 1 8  ? 9.428   -16.736 -3.027  1.00 106.83 ?  310 TYR D CE2 1 
ATOM 672  C CZ  . TYR D 1 8  ? 9.526   -15.344 -2.783  1.00 107.78 ?  310 TYR D CZ  1 
ATOM 673  O OH  . TYR D 1 8  ? 8.932   -14.798 -1.669  1.00 109.88 ?  310 TYR D OH  1 
ATOM 674  N N   . LYS D 1 9  ? 9.319   -15.329 -8.906  1.00 94.68  ?  311 LYS D N   1 
ATOM 675  C CA  . LYS D 1 9  ? 9.007   -13.981 -9.436  1.00 99.97  ?  311 LYS D CA  1 
ATOM 676  C C   . LYS D 1 9  ? 7.605   -13.427 -8.981  1.00 104.13 ?  311 LYS D C   1 
ATOM 677  O O   . LYS D 1 9  ? 6.597   -13.585 -9.702  1.00 103.31 ?  311 LYS D O   1 
ATOM 678  C CB  . LYS D 1 9  ? 9.237   -13.878 -10.989 1.00 103.05 ?  311 LYS D CB  1 
ATOM 679  C CG  . LYS D 1 9  ? 8.557   -14.947 -11.854 1.00 107.45 ?  311 LYS D CG  1 
ATOM 680  C CD  . LYS D 1 9  ? 8.845   -14.706 -13.335 1.00 113.61 ?  311 LYS D CD  1 
ATOM 681  C CE  . LYS D 1 9  ? 8.116   -15.704 -14.226 1.00 117.30 ?  311 LYS D CE  1 
ATOM 682  N NZ  . LYS D 1 9  ? 8.447   -15.512 -15.669 1.00 113.80 1  311 LYS D NZ  1 
ATOM 683  N N   . PRO D 1 10 ? 7.544   -12.810 -7.740  1.00 110.78 ?  312 PRO D N   1 
ATOM 684  C CA  . PRO D 1 10 ? 6.278   -12.204 -7.284  1.00 115.98 ?  312 PRO D CA  1 
ATOM 685  C C   . PRO D 1 10 ? 6.049   -10.808 -7.882  1.00 117.60 ?  312 PRO D C   1 
ATOM 686  O O   . PRO D 1 10 ? 6.976   -9.964  -7.895  1.00 117.42 ?  312 PRO D O   1 
ATOM 687  C CB  . PRO D 1 10 ? 6.443   -12.138 -5.754  1.00 117.60 ?  312 PRO D CB  1 
ATOM 688  C CG  . PRO D 1 10 ? 7.911   -12.110 -5.520  1.00 114.82 ?  312 PRO D CG  1 
ATOM 689  C CD  . PRO D 1 10 ? 8.560   -12.850 -6.653  1.00 112.27 ?  312 PRO D CD  1 
ATOM 690  N N   . VAL D 1 11 ? 4.847   -10.597 -8.431  1.00 117.89 ?  313 VAL D N   1 
ATOM 691  C CA  . VAL D 1 11 ? 4.456   -9.300  -9.010  1.00 118.81 ?  313 VAL D CA  1 
ATOM 692  C C   . VAL D 1 11 ? 3.535   -8.580  -8.016  1.00 118.39 ?  313 VAL D C   1 
ATOM 693  O O   . VAL D 1 11 ? 2.426   -9.071  -7.697  1.00 118.97 ?  313 VAL D O   1 
ATOM 694  C CB  . VAL D 1 11 ? 3.763   -9.455  -10.428 1.00 122.44 ?  313 VAL D CB  1 
ATOM 695  C CG1 . VAL D 1 11 ? 3.527   -8.088  -11.071 1.00 124.48 ?  313 VAL D CG1 1 
ATOM 696  C CG2 . VAL D 1 11 ? 4.606   -10.329 -11.364 1.00 124.52 ?  313 VAL D CG2 1 
ATOM 697  N N   . ASP D 1 12 ? 4.027   -7.454  -7.482  1.00 119.93 ?  314 ASP D N   1 
ATOM 698  C CA  . ASP D 1 12 ? 3.285   -6.650  -6.505  1.00 122.16 ?  314 ASP D CA  1 
ATOM 699  C C   . ASP D 1 12 ? 2.828   -5.319  -7.131  1.00 120.90 ?  314 ASP D C   1 
ATOM 700  O O   . ASP D 1 12 ? 3.645   -4.400  -7.357  1.00 119.73 ?  314 ASP D O   1 
ATOM 701  C CB  . ASP D 1 12 ? 4.136   -6.418  -5.232  1.00 125.25 ?  314 ASP D CB  1 
ATOM 702  C CG  . ASP D 1 12 ? 3.287   -6.071  -4.005  1.00 126.72 ?  314 ASP D CG  1 
ATOM 703  O OD1 . ASP D 1 12 ? 2.718   -4.960  -3.957  1.00 128.51 ?  314 ASP D OD1 1 
ATOM 704  O OD2 . ASP D 1 12 ? 3.242   -6.893  -3.066  1.00 128.14 -1 314 ASP D OD2 1 
ATOM 705  N N   . LEU D 1 13 ? 1.532   -5.258  -7.465  1.00 122.46 ?  315 LEU D N   1 
ATOM 706  C CA  . LEU D 1 13 ? 0.909   -4.062  -8.078  1.00 125.50 ?  315 LEU D CA  1 
ATOM 707  C C   . LEU D 1 13 ? -0.164  -3.417  -7.149  1.00 126.03 ?  315 LEU D C   1 
ATOM 708  O O   . LEU D 1 13 ? -1.018  -2.617  -7.610  1.00 127.48 ?  315 LEU D O   1 
ATOM 709  C CB  . LEU D 1 13 ? 0.297   -4.426  -9.452  1.00 129.64 ?  315 LEU D CB  1 
ATOM 710  C CG  . LEU D 1 13 ? 1.235   -4.580  -10.662 1.00 133.66 ?  315 LEU D CG  1 
ATOM 711  C CD1 . LEU D 1 13 ? 0.674   -5.587  -11.653 1.00 137.46 ?  315 LEU D CD1 1 
ATOM 712  C CD2 . LEU D 1 13 ? 1.486   -3.237  -11.345 1.00 137.14 ?  315 LEU D CD2 1 
ATOM 713  N N   . SER D 1 14 ? -0.078  -3.735  -5.841  1.00 124.74 ?  316 SER D N   1 
ATOM 714  C CA  . SER D 1 14 ? -1.017  -3.228  -4.823  1.00 122.43 ?  316 SER D CA  1 
ATOM 715  C C   . SER D 1 14 ? -0.808  -1.732  -4.558  1.00 115.12 ?  316 SER D C   1 
ATOM 716  O O   . SER D 1 14 ? 0.290   -1.306  -4.158  1.00 116.27 ?  316 SER D O   1 
ATOM 717  C CB  . SER D 1 14 ? -0.886  -4.033  -3.516  1.00 129.49 ?  316 SER D CB  1 
ATOM 718  O OG  . SER D 1 14 ? 0.419   -3.925  -2.972  1.00 131.59 ?  316 SER D OG  1 
ATOM 719  N N   . LYS D 1 15 ? -1.854  -0.941  -4.818  1.00 104.33 ?  317 LYS D N   1 
ATOM 720  C CA  . LYS D 1 15 ? -1.805  0.519   -4.624  1.00 97.01  ?  317 LYS D CA  1 
ATOM 721  C C   . LYS D 1 15 ? -2.694  0.997   -3.481  1.00 88.87  ?  317 LYS D C   1 
ATOM 722  O O   . LYS D 1 15 ? -3.876  0.620   -3.392  1.00 88.09  ?  317 LYS D O   1 
ATOM 723  C CB  . LYS D 1 15 ? -2.098  1.286   -5.948  1.00 102.68 ?  317 LYS D CB  1 
ATOM 724  C CG  . LYS D 1 15 ? -3.377  0.861   -6.707  1.00 109.16 ?  317 LYS D CG  1 
ATOM 725  C CD  . LYS D 1 15 ? -3.468  1.507   -8.100  1.00 114.04 ?  317 LYS D CD  1 
ATOM 726  C CE  . LYS D 1 15 ? -4.102  2.905   -8.057  1.00 117.77 ?  317 LYS D CE  1 
ATOM 727  N NZ  . LYS D 1 15 ? -4.203  3.521   -9.411  1.00 116.41 1  317 LYS D NZ  1 
ATOM 728  N N   . VAL D 1 16 ? -2.090  1.775   -2.571  1.00 85.51  ?  318 VAL D N   1 
ATOM 729  C CA  . VAL D 1 16 ? -2.796  2.357   -1.406  1.00 83.22  ?  318 VAL D CA  1 
ATOM 730  C C   . VAL D 1 16 ? -2.962  3.879   -1.632  1.00 82.08  ?  318 VAL D C   1 
ATOM 731  O O   . VAL D 1 16 ? -2.000  4.667   -1.464  1.00 84.33  ?  318 VAL D O   1 
ATOM 732  C CB  . VAL D 1 16 ? -2.047  2.051   -0.042  1.00 82.99  ?  318 VAL D CB  1 
ATOM 733  C CG1 . VAL D 1 16 ? -2.828  2.603   1.153   1.00 84.73  ?  318 VAL D CG1 1 
ATOM 734  C CG2 . VAL D 1 16 ? -1.818  0.547   0.130   1.00 83.27  ?  318 VAL D CG2 1 
ATOM 735  N N   . THR D 1 17 ? -4.171  4.268   -2.052  1.00 80.37  ?  319 THR D N   1 
ATOM 736  C CA  . THR D 1 17 ? -4.477  5.668   -2.429  1.00 80.41  ?  319 THR D CA  1 
ATOM 737  C C   . THR D 1 17 ? -5.337  6.369   -1.368  1.00 77.24  ?  319 THR D C   1 
ATOM 738  O O   . THR D 1 17 ? -6.133  5.718   -0.660  1.00 77.79  ?  319 THR D O   1 
ATOM 739  C CB  . THR D 1 17 ? -5.196  5.755   -3.817  1.00 84.56  ?  319 THR D CB  1 
ATOM 740  O OG1 . THR D 1 17 ? -6.442  5.063   -3.757  1.00 91.41  ?  319 THR D OG1 1 
ATOM 741  C CG2 . THR D 1 17 ? -4.324  5.141   -4.948  1.00 82.32  ?  319 THR D CG2 1 
ATOM 742  N N   . SER D 1 18 ? -5.171  7.697   -1.268  1.00 77.32  ?  320 SER D N   1 
ATOM 743  C CA  . SER D 1 18 ? -5.955  8.534   -0.345  1.00 79.68  ?  320 SER D CA  1 
ATOM 744  C C   . SER D 1 18 ? -6.227  9.922   -0.954  1.00 80.76  ?  320 SER D C   1 
ATOM 745  O O   . SER D 1 18 ? -5.312  10.774  -1.049  1.00 82.75  ?  320 SER D O   1 
ATOM 746  C CB  . SER D 1 18 ? -5.250  8.650   1.022   1.00 82.09  ?  320 SER D CB  1 
ATOM 747  O OG  . SER D 1 18 ? -3.937  9.165   0.879   1.00 85.89  ?  320 SER D OG  1 
ATOM 748  N N   . LYS D 1 19 ? -7.474  10.120  -1.409  1.00 83.52  ?  321 LYS D N   1 
ATOM 749  C CA  . LYS D 1 19 ? -7.899  11.380  -2.065  1.00 87.97  ?  321 LYS D CA  1 
ATOM 750  C C   . LYS D 1 19 ? -8.839  12.185  -1.177  1.00 88.40  ?  321 LYS D C   1 
ATOM 751  O O   . LYS D 1 19 ? -9.768  11.621  -0.557  1.00 89.61  ?  321 LYS D O   1 
ATOM 752  C CB  . LYS D 1 19 ? -8.577  11.092  -3.426  1.00 92.33  ?  321 LYS D CB  1 
ATOM 753  C CG  . LYS D 1 19 ? -7.637  10.578  -4.519  1.00 96.78  ?  321 LYS D CG  1 
ATOM 754  C CD  . LYS D 1 19 ? -8.392  10.304  -5.818  1.00 100.57 ?  321 LYS D CD  1 
ATOM 755  C CE  . LYS D 1 19 ? -7.482  9.689   -6.877  1.00 103.08 ?  321 LYS D CE  1 
ATOM 756  N NZ  . LYS D 1 19 ? -8.208  9.402   -8.149  1.00 100.90 1  321 LYS D NZ  1 
ATOM 757  N N   . CYS D 1 20 ? -8.585  13.502  -1.101  1.00 90.97  ?  322 CYS D N   1 
ATOM 758  C CA  . CYS D 1 20 ? -9.447  14.451  -0.351  1.00 95.59  ?  322 CYS D CA  1 
ATOM 759  C C   . CYS D 1 20 ? -9.432  15.855  -0.960  1.00 96.86  ?  322 CYS D C   1 
ATOM 760  O O   . CYS D 1 20 ? -8.395  16.315  -1.474  1.00 98.69  ?  322 CYS D O   1 
ATOM 761  C CB  . CYS D 1 20 ? -9.055  14.506  1.134   1.00 99.05  ?  322 CYS D CB  1 
ATOM 762  S SG  . CYS D 1 20 ? -7.369  15.027  1.463   1.00 106.76 ?  322 CYS D SG  1 
ATOM 763  N N   . GLY D 1 21 ? -10.591 16.526  -0.898  1.00 98.99  ?  323 GLY D N   1 
ATOM 764  C CA  . GLY D 1 21 ? -10.751 17.890  -1.426  1.00 101.74 ?  323 GLY D CA  1 
ATOM 765  C C   . GLY D 1 21 ? -11.726 18.702  -0.607  1.00 102.69 ?  323 GLY D C   1 
ATOM 766  O O   . GLY D 1 21 ? -12.868 18.263  -0.364  1.00 103.46 ?  323 GLY D O   1 
ATOM 767  N N   . SER D 1 22 ? -11.278 19.888  -0.171  1.00 105.04 ?  324 SER D N   1 
ATOM 768  C CA  . SER D 1 22 ? -12.101 20.798  0.643   1.00 110.64 ?  324 SER D CA  1 
ATOM 769  C C   . SER D 1 22 ? -12.340 22.136  -0.056  1.00 114.00 ?  324 SER D C   1 
ATOM 770  O O   . SER D 1 22 ? -11.378 22.855  -0.412  1.00 116.77 ?  324 SER D O   1 
ATOM 771  C CB  . SER D 1 22 ? -11.468 21.015  2.028   1.00 112.82 ?  324 SER D CB  1 
ATOM 772  O OG  . SER D 1 22 ? -10.146 21.517  1.916   1.00 114.50 ?  324 SER D OG  1 
ATOM 773  N N   . LEU D 1 23 ? -13.625 22.444  -0.292  1.00 115.51 ?  325 LEU D N   1 
ATOM 774  C CA  . LEU D 1 23 ? -14.043 23.728  -0.882  1.00 116.24 ?  325 LEU D CA  1 
ATOM 775  C C   . LEU D 1 23 ? -14.980 24.452  0.077   1.00 116.94 ?  325 LEU D C   1 
ATOM 776  O O   . LEU D 1 23 ? -16.038 23.908  0.465   1.00 117.16 ?  325 LEU D O   1 
ATOM 777  C CB  . LEU D 1 23 ? -14.721 23.525  -2.280  1.00 119.27 ?  325 LEU D CB  1 
ATOM 778  C CG  . LEU D 1 23 ? -14.095 22.605  -3.385  1.00 125.44 ?  325 LEU D CG  1 
ATOM 779  C CD1 . LEU D 1 23 ? -14.909 22.680  -4.673  1.00 124.27 ?  325 LEU D CD1 1 
ATOM 780  C CD2 . LEU D 1 23 ? -12.630 22.905  -3.673  1.00 132.12 ?  325 LEU D CD2 1 
ATOM 781  N N   . GLY D 1 24 ? -14.568 25.656  0.498   1.00 119.48 ?  326 GLY D N   1 
ATOM 782  C CA  . GLY D 1 24 ? -15.318 26.452  1.481   1.00 121.18 ?  326 GLY D CA  1 
ATOM 783  C C   . GLY D 1 24 ? -15.843 27.755  0.925   1.00 117.73 ?  326 GLY D C   1 
ATOM 784  O O   . GLY D 1 24 ? -15.083 28.537  0.321   1.00 117.75 ?  326 GLY D O   1 
ATOM 785  N N   . ASN D 1 25 ? -17.154 27.992  1.150   1.00 117.24 ?  327 ASN D N   1 
ATOM 786  C CA  . ASN D 1 25 ? -17.878 29.237  0.729   1.00 122.11 ?  327 ASN D CA  1 
ATOM 787  C C   . ASN D 1 25 ? -17.778 29.581  -0.784  1.00 120.97 ?  327 ASN D C   1 
ATOM 788  O O   . ASN D 1 25 ? -16.884 30.348  -1.215  1.00 127.34 ?  327 ASN D O   1 
ATOM 789  C CB  . ASN D 1 25 ? -17.493 30.462  1.633   1.00 128.65 ?  327 ASN D CB  1 
ATOM 790  C CG  . ASN D 1 25 ? -17.952 30.301  3.101   1.00 134.06 ?  327 ASN D CG  1 
ATOM 791  O OD1 . ASN D 1 25 ? -18.602 29.312  3.472   1.00 137.55 ?  327 ASN D OD1 1 
ATOM 792  N ND2 . ASN D 1 25 ? -17.618 31.289  3.929   1.00 134.15 ?  327 ASN D ND2 1 
ATOM 793  N N   . ILE D 1 26 ? -18.681 28.982  -1.575  1.00 116.48 ?  328 ILE D N   1 
ATOM 794  C CA  . ILE D 1 26 ? -18.801 29.283  -3.022  1.00 113.69 ?  328 ILE D CA  1 
ATOM 795  C C   . ILE D 1 26 ? -19.953 30.285  -3.227  1.00 115.81 ?  328 ILE D C   1 
ATOM 796  O O   . ILE D 1 26 ? -21.112 30.009  -2.844  1.00 118.98 ?  328 ILE D O   1 
ATOM 797  C CB  . ILE D 1 26 ? -19.025 27.966  -3.899  1.00 110.84 ?  328 ILE D CB  1 
ATOM 798  C CG1 . ILE D 1 26 ? -18.009 26.813  -3.519  1.00 111.75 ?  328 ILE D CG1 1 
ATOM 799  C CG2 . ILE D 1 26 ? -19.046 28.283  -5.414  1.00 106.71 ?  328 ILE D CG2 1 
ATOM 800  C CD1 . ILE D 1 26 ? -16.517 27.116  -3.729  1.00 117.39 ?  328 ILE D CD1 1 
ATOM 801  N N   . HIS D 1 27 ? -19.615 31.458  -3.784  1.00 117.61 ?  329 HIS D N   1 
ATOM 802  C CA  . HIS D 1 27 ? -20.594 32.544  -4.012  1.00 122.68 ?  329 HIS D CA  1 
ATOM 803  C C   . HIS D 1 27 ? -20.599 32.998  -5.481  1.00 130.72 ?  329 HIS D C   1 
ATOM 804  O O   . HIS D 1 27 ? -19.563 33.475  -6.004  1.00 135.67 ?  329 HIS D O   1 
ATOM 805  C CB  . HIS D 1 27 ? -20.306 33.749  -3.081  1.00 119.31 ?  329 HIS D CB  1 
ATOM 806  C CG  . HIS D 1 27 ? -20.281 33.403  -1.622  1.00 117.94 ?  329 HIS D CG  1 
ATOM 807  N ND1 . HIS D 1 27 ? -21.423 33.326  -0.854  1.00 121.02 ?  329 HIS D ND1 1 
ATOM 808  C CD2 . HIS D 1 27 ? -19.247 33.155  -0.782  1.00 114.93 ?  329 HIS D CD2 1 
ATOM 809  C CE1 . HIS D 1 27 ? -21.094 33.026  0.391   1.00 119.71 ?  329 HIS D CE1 1 
ATOM 810  N NE2 . HIS D 1 27 ? -19.781 32.918  0.461   1.00 114.88 ?  329 HIS D NE2 1 
ATOM 811  N N   . HIS D 1 28 ? -21.749 32.795  -6.159  1.00 135.26 ?  330 HIS D N   1 
ATOM 812  C CA  . HIS D 1 28 ? -21.967 33.277  -7.557  1.00 139.60 ?  330 HIS D CA  1 
ATOM 813  C C   . HIS D 1 28 ? -23.448 33.532  -7.862  1.00 138.54 ?  330 HIS D C   1 
ATOM 814  O O   . HIS D 1 28 ? -23.907 34.676  -7.851  1.00 133.79 ?  330 HIS D O   1 
ATOM 815  C CB  . HIS D 1 28 ? -21.342 32.312  -8.598  1.00 142.92 ?  330 HIS D CB  1 
ATOM 816  C CG  . HIS D 1 28 ? -21.996 30.962  -8.657  1.00 145.22 ?  330 HIS D CG  1 
ATOM 817  N ND1 . HIS D 1 28 ? -22.805 30.574  -9.705  1.00 146.06 ?  330 HIS D ND1 1 
ATOM 818  C CD2 . HIS D 1 28 ? -21.933 29.901  -7.818  1.00 146.71 ?  330 HIS D CD2 1 
ATOM 819  C CE1 . HIS D 1 28 ? -23.218 29.335  -9.504  1.00 147.04 ?  330 HIS D CE1 1 
ATOM 820  N NE2 . HIS D 1 28 ? -22.710 28.907  -8.363  1.00 148.27 ?  330 HIS D NE2 1 
ATOM 821  N N   . LYS E 1 3  ? 21.994  -29.631 -12.499 1.00 115.94 ?  274 LYS E N   1 
ATOM 822  C CA  . LYS E 1 3  ? 22.021  -28.148 -12.716 1.00 114.18 ?  274 LYS E CA  1 
ATOM 823  C C   . LYS E 1 3  ? 20.993  -27.440 -11.827 1.00 105.30 ?  274 LYS E C   1 
ATOM 824  O O   . LYS E 1 3  ? 19.800  -27.805 -11.821 1.00 105.71 ?  274 LYS E O   1 
ATOM 825  C CB  . LYS E 1 3  ? 21.776  -27.806 -14.203 1.00 124.64 ?  274 LYS E CB  1 
ATOM 826  C CG  . LYS E 1 3  ? 22.920  -28.195 -15.139 1.00 139.08 ?  274 LYS E CG  1 
ATOM 827  C CD  . LYS E 1 3  ? 22.574  -27.909 -16.595 1.00 149.10 ?  274 LYS E CD  1 
ATOM 828  C CE  . LYS E 1 3  ? 23.699  -28.341 -17.529 1.00 154.48 ?  274 LYS E CE  1 
ATOM 829  N NZ  . LYS E 1 3  ? 23.366  -28.097 -18.963 1.00 151.94 ?  274 LYS E NZ  1 
ATOM 830  N N   . VAL E 1 4  ? 21.469  -26.442 -11.060 1.00 96.59  ?  306 VAL E N   1 
ATOM 831  C CA  . VAL E 1 4  ? 20.608  -25.654 -10.127 1.00 89.62  ?  306 VAL E CA  1 
ATOM 832  C C   . VAL E 1 4  ? 20.459  -24.210 -10.639 1.00 86.81  ?  306 VAL E C   1 
ATOM 833  O O   . VAL E 1 4  ? 21.465  -23.488 -10.820 1.00 92.19  ?  306 VAL E O   1 
ATOM 834  C CB  . VAL E 1 4  ? 21.166  -25.661 -8.642  1.00 87.48  ?  306 VAL E CB  1 
ATOM 835  C CG1 . VAL E 1 4  ? 20.219  -24.916 -7.694  1.00 83.87  ?  306 VAL E CG1 1 
ATOM 836  C CG2 . VAL E 1 4  ? 21.386  -27.087 -8.145  1.00 89.96  ?  306 VAL E CG2 1 
ATOM 837  N N   . GLN E 1 5  ? 19.207  -23.808 -10.890 1.00 80.33  ?  307 GLN E N   1 
ATOM 838  C CA  . GLN E 1 5  ? 18.885  -22.455 -11.364 1.00 75.98  ?  307 GLN E CA  1 
ATOM 839  C C   . GLN E 1 5  ? 17.844  -21.808 -10.466 1.00 71.48  ?  307 GLN E C   1 
ATOM 840  O O   . GLN E 1 5  ? 16.660  -22.215 -10.459 1.00 74.23  ?  307 GLN E O   1 
ATOM 841  C CB  . GLN E 1 5  ? 18.406  -22.479 -12.832 1.00 81.03  ?  307 GLN E CB  1 
ATOM 842  C CG  . GLN E 1 5  ? 19.513  -22.762 -13.857 1.00 90.82  ?  307 GLN E CG  1 
ATOM 843  C CD  . GLN E 1 5  ? 18.981  -22.960 -15.281 1.00 97.65  ?  307 GLN E CD  1 
ATOM 844  O OE1 . GLN E 1 5  ? 18.216  -22.134 -15.801 1.00 100.48 ?  307 GLN E OE1 1 
ATOM 845  N NE2 . GLN E 1 5  ? 19.430  -24.032 -15.933 1.00 99.07  ?  307 GLN E NE2 1 
ATOM 846  N N   . ILE E 1 6  ? 18.301  -20.856 -9.645  1.00 67.93  ?  308 ILE E N   1 
ATOM 847  C CA  . ILE E 1 6  ? 17.416  -20.085 -8.747  1.00 66.57  ?  308 ILE E CA  1 
ATOM 848  C C   . ILE E 1 6  ? 17.294  -18.646 -9.282  1.00 65.52  ?  308 ILE E C   1 
ATOM 849  O O   . ILE E 1 6  ? 18.181  -17.789 -9.047  1.00 67.08  ?  308 ILE E O   1 
ATOM 850  C CB  . ILE E 1 6  ? 17.912  -20.114 -7.239  1.00 66.22  ?  308 ILE E CB  1 
ATOM 851  C CG1 . ILE E 1 6  ? 18.135  -21.572 -6.766  1.00 67.32  ?  308 ILE E CG1 1 
ATOM 852  C CG2 . ILE E 1 6  ? 16.902  -19.395 -6.316  1.00 64.96  ?  308 ILE E CG2 1 
ATOM 853  C CD1 . ILE E 1 6  ? 19.208  -21.732 -5.698  1.00 69.27  ?  308 ILE E CD1 1 
ATOM 854  N N   . VAL E 1 7  ? 16.244  -18.420 -10.076 1.00 65.52  ?  309 VAL E N   1 
ATOM 855  C CA  . VAL E 1 7  ? 15.978  -17.106 -10.666 1.00 67.60  ?  309 VAL E CA  1 
ATOM 856  C C   . VAL E 1 7  ? 15.089  -16.302 -9.705  1.00 69.45  ?  309 VAL E C   1 
ATOM 857  O O   . VAL E 1 7  ? 13.844  -16.438 -9.702  1.00 70.99  ?  309 VAL E O   1 
ATOM 858  C CB  . VAL E 1 7  ? 15.349  -17.208 -12.118 1.00 69.58  ?  309 VAL E CB  1 
ATOM 859  C CG1 . VAL E 1 7  ? 15.260  -15.825 -12.768 1.00 70.57  ?  309 VAL E CG1 1 
ATOM 860  C CG2 . VAL E 1 7  ? 16.170  -18.150 -13.011 1.00 69.94  ?  309 VAL E CG2 1 
ATOM 861  N N   . TYR E 1 8  ? 15.752  -15.547 -8.826  1.00 76.67  ?  310 TYR E N   1 
ATOM 862  C CA  . TYR E 1 8  ? 15.094  -14.709 -7.832  1.00 85.08  ?  310 TYR E CA  1 
ATOM 863  C C   . TYR E 1 8  ? 14.951  -13.275 -8.394  1.00 91.26  ?  310 TYR E C   1 
ATOM 864  O O   . TYR E 1 8  ? 15.870  -12.430 -8.247  1.00 96.91  ?  310 TYR E O   1 
ATOM 865  C CB  . TYR E 1 8  ? 15.908  -14.728 -6.507  1.00 89.49  ?  310 TYR E CB  1 
ATOM 866  C CG  . TYR E 1 8  ? 15.214  -14.105 -5.307  1.00 94.70  ?  310 TYR E CG  1 
ATOM 867  C CD1 . TYR E 1 8  ? 15.328  -12.706 -5.038  1.00 99.30  ?  310 TYR E CD1 1 
ATOM 868  C CD2 . TYR E 1 8  ? 14.512  -14.918 -4.368  1.00 100.39 ?  310 TYR E CD2 1 
ATOM 869  C CE1 . TYR E 1 8  ? 14.711  -12.125 -3.910  1.00 104.52 ?  310 TYR E CE1 1 
ATOM 870  C CE2 . TYR E 1 8  ? 13.901  -14.348 -3.222  1.00 106.83 ?  310 TYR E CE2 1 
ATOM 871  C CZ  . TYR E 1 8  ? 13.996  -12.952 -3.001  1.00 107.78 ?  310 TYR E CZ  1 
ATOM 872  O OH  . TYR E 1 8  ? 13.392  -12.386 -1.902  1.00 109.88 ?  310 TYR E OH  1 
ATOM 873  N N   . LYS E 1 9  ? 13.850  -13.043 -9.125  1.00 94.68  ?  311 LYS E N   1 
ATOM 874  C CA  . LYS E 1 9  ? 13.543  -11.704 -9.681  1.00 99.97  ?  311 LYS E CA  1 
ATOM 875  C C   . LYS E 1 9  ? 12.136  -11.144 -9.251  1.00 104.13 ?  311 LYS E C   1 
ATOM 876  O O   . LYS E 1 9  ? 11.136  -11.316 -9.978  1.00 103.31 ?  311 LYS E O   1 
ATOM 877  C CB  . LYS E 1 9  ? 13.789  -11.629 -11.234 1.00 103.05 ?  311 LYS E CB  1 
ATOM 878  C CG  . LYS E 1 9  ? 13.118  -12.713 -12.086 1.00 107.45 ?  311 LYS E CG  1 
ATOM 879  C CD  . LYS E 1 9  ? 13.421  -12.499 -13.569 1.00 113.61 ?  311 LYS E CD  1 
ATOM 880  C CE  . LYS E 1 9  ? 12.700  -13.512 -14.450 1.00 117.30 ?  311 LYS E CE  1 
ATOM 881  N NZ  . LYS E 1 9  ? 13.046  -13.345 -15.892 1.00 113.80 1  311 LYS E NZ  1 
ATOM 882  N N   . PRO E 1 10 ? 12.063  -10.505 -8.021  1.00 110.78 ?  312 PRO E N   1 
ATOM 883  C CA  . PRO E 1 10 ? 10.793  -9.892  -7.588  1.00 115.98 ?  312 PRO E CA  1 
ATOM 884  C C   . PRO E 1 10 ? 10.569  -8.507  -8.212  1.00 117.60 ?  312 PRO E C   1 
ATOM 885  O O   . PRO E 1 10 ? 11.496  -7.663  -8.231  1.00 117.42 ?  312 PRO E O   1 
ATOM 886  C CB  . PRO E 1 10 ? 10.942  -9.800  -6.058  1.00 117.60 ?  312 PRO E CB  1 
ATOM 887  C CG  . PRO E 1 10 ? 12.408  -9.767  -5.810  1.00 114.82 ?  312 PRO E CG  1 
ATOM 888  C CD  . PRO E 1 10 ? 13.069  -10.526 -6.924  1.00 112.27 ?  312 PRO E CD  1 
ATOM 889  N N   . VAL E 1 11 ? 9.372   -8.307  -8.777  1.00 117.89 ?  313 VAL E N   1 
ATOM 890  C CA  . VAL E 1 11 ? 8.987   -7.020  -9.382  1.00 118.81 ?  313 VAL E CA  1 
ATOM 891  C C   . VAL E 1 11 ? 8.056   -6.282  -8.410  1.00 118.39 ?  313 VAL E C   1 
ATOM 892  O O   . VAL E 1 11 ? 6.944   -6.768  -8.093  1.00 118.97 ?  313 VAL E O   1 
ATOM 893  C CB  . VAL E 1 11 ? 8.308   -7.200  -10.804 1.00 122.44 ?  313 VAL E CB  1 
ATOM 894  C CG1 . VAL E 1 11 ? 8.079   -5.844  -11.474 1.00 124.48 ?  313 VAL E CG1 1 
ATOM 895  C CG2 . VAL E 1 11 ? 9.162   -8.089  -11.717 1.00 124.52 ?  313 VAL E CG2 1 
ATOM 896  N N   . ASP E 1 12 ? 8.542   -5.147  -7.891  1.00 119.93 ?  314 ASP E N   1 
ATOM 897  C CA  . ASP E 1 12 ? 7.791   -4.327  -6.936  1.00 122.16 ?  314 ASP E CA  1 
ATOM 898  C C   . ASP E 1 12 ? 7.339   -3.007  -7.589  1.00 120.90 ?  314 ASP E C   1 
ATOM 899  O O   . ASP E 1 12 ? 8.158   -2.092  -7.824  1.00 119.73 ?  314 ASP E O   1 
ATOM 900  C CB  . ASP E 1 12 ? 8.629   -4.072  -5.658  1.00 125.25 ?  314 ASP E CB  1 
ATOM 901  C CG  . ASP E 1 12 ? 7.768   -3.705  -4.446  1.00 126.72 ?  314 ASP E CG  1 
ATOM 902  O OD1 . ASP E 1 12 ? 7.198   -2.593  -4.423  1.00 128.51 ?  314 ASP E OD1 1 
ATOM 903  O OD2 . ASP E 1 12 ? 7.714   -4.509  -3.493  1.00 128.14 -1 314 ASP E OD2 1 
ATOM 904  N N   . LEU E 1 13 ? 6.047   -2.952  -7.937  1.00 122.46 ?  315 LEU E N   1 
ATOM 905  C CA  . LEU E 1 13 ? 5.429   -1.768  -8.577  1.00 125.50 ?  315 LEU E CA  1 
ATOM 906  C C   . LEU E 1 13 ? 4.347   -1.107  -7.670  1.00 126.03 ?  315 LEU E C   1 
ATOM 907  O O   . LEU E 1 13 ? 3.498   -0.316  -8.154  1.00 127.48 ?  315 LEU E O   1 
ATOM 908  C CB  . LEU E 1 13 ? 4.831   -2.156  -9.951  1.00 129.64 ?  315 LEU E CB  1 
ATOM 909  C CG  . LEU E 1 13 ? 5.781   -2.330  -11.148 1.00 133.66 ?  315 LEU E CG  1 
ATOM 910  C CD1 . LEU E 1 13 ? 5.230   -3.355  -12.126 1.00 137.46 ?  315 LEU E CD1 1 
ATOM 911  C CD2 . LEU E 1 13 ? 6.039   -0.999  -11.852 1.00 137.14 ?  315 LEU E CD2 1 
ATOM 912  N N   . SER E 1 14 ? 4.420   -1.402  -6.356  1.00 124.74 ?  316 SER E N   1 
ATOM 913  C CA  . SER E 1 14 ? 3.471   -0.878  -5.356  1.00 122.43 ?  316 SER E CA  1 
ATOM 914  C C   . SER E 1 14 ? 3.677   0.623   -5.116  1.00 115.12 ?  316 SER E C   1 
ATOM 915  O O   . SER E 1 14 ? 4.770   1.056   -4.713  1.00 116.27 ?  316 SER E O   1 
ATOM 916  C CB  . SER E 1 14 ? 3.589   -1.660  -4.034  1.00 129.49 ?  316 SER E CB  1 
ATOM 917  O OG  . SER E 1 14 ? 4.889   -1.542  -3.479  1.00 131.59 ?  316 SER E OG  1 
ATOM 918  N N   . LYS E 1 15 ? 2.634   1.408   -5.399  1.00 104.33 ?  317 LYS E N   1 
ATOM 919  C CA  . LYS E 1 15 ? 2.681   2.872   -5.230  1.00 97.01  ?  317 LYS E CA  1 
ATOM 920  C C   . LYS E 1 15 ? 1.780   3.369   -4.105  1.00 88.87  ?  317 LYS E C   1 
ATOM 921  O O   . LYS E 1 15 ? 0.597   2.994   -4.022  1.00 88.09  ?  317 LYS E O   1 
ATOM 922  C CB  . LYS E 1 15 ? 2.400   3.616   -6.571  1.00 102.68 ?  317 LYS E CB  1 
ATOM 923  C CG  . LYS E 1 15 ? 1.128   3.177   -7.335  1.00 109.16 ?  317 LYS E CG  1 
ATOM 924  C CD  . LYS E 1 15 ? 1.051   3.798   -8.740  1.00 114.04 ?  317 LYS E CD  1 
ATOM 925  C CE  . LYS E 1 15 ? 0.417   5.196   -8.727  1.00 117.77 ?  317 LYS E CE  1 
ATOM 926  N NZ  . LYS E 1 15 ? 0.329   5.788   -10.093 1.00 116.41 1  317 LYS E NZ  1 
ATOM 927  N N   . VAL E 1 16 ? 2.374   4.163   -3.203  1.00 85.51  ?  318 VAL E N   1 
ATOM 928  C CA  . VAL E 1 16 ? 1.657   4.765   -2.055  1.00 83.22  ?  318 VAL E CA  1 
ATOM 929  C C   . VAL E 1 16 ? 1.492   6.283   -2.309  1.00 82.08  ?  318 VAL E C   1 
ATOM 930  O O   . VAL E 1 16 ? 2.452   7.074   -2.146  1.00 84.33  ?  318 VAL E O   1 
ATOM 931  C CB  . VAL E 1 16 ? 2.392   4.483   -0.679  1.00 82.99  ?  318 VAL E CB  1 
ATOM 932  C CG1 . VAL E 1 16 ? 1.600   5.056   0.499   1.00 84.73  ?  318 VAL E CG1 1 
ATOM 933  C CG2 . VAL E 1 16 ? 2.620   2.983   -0.479  1.00 83.27  ?  318 VAL E CG2 1 
ATOM 934  N N   . THR E 1 17 ? 0.287   6.664   -2.748  1.00 80.37  ?  319 THR E N   1 
ATOM 935  C CA  . THR E 1 17 ? -0.015  8.057   -3.152  1.00 80.41  ?  319 THR E CA  1 
ATOM 936  C C   . THR E 1 17 ? -0.886  8.777   -2.113  1.00 77.24  ?  319 THR E C   1 
ATOM 937  O O   . THR E 1 17 ? -1.689  8.137   -1.401  1.00 77.79  ?  319 THR E O   1 
ATOM 938  C CB  . THR E 1 17 ? -0.721  8.120   -4.548  1.00 84.56  ?  319 THR E CB  1 
ATOM 939  O OG1 . THR E 1 17 ? -1.966  7.427   -4.489  1.00 91.41  ?  319 THR E OG1 1 
ATOM 940  C CG2 . THR E 1 17 ? 0.163   7.487   -5.660  1.00 82.32  ?  319 THR E CG2 1 
ATOM 941  N N   . SER E 1 18 ? -0.722  10.106  -2.034  1.00 77.32  ?  320 SER E N   1 
ATOM 942  C CA  . SER E 1 18 ? -1.514  10.958  -1.134  1.00 79.68  ?  320 SER E CA  1 
ATOM 943  C C   . SER E 1 18 ? -1.781  12.336  -1.769  1.00 80.76  ?  320 SER E C   1 
ATOM 944  O O   . SER E 1 18 ? -0.865  13.186  -1.871  1.00 82.75  ?  320 SER E O   1 
ATOM 945  C CB  . SER E 1 18 ? -0.823  11.099  0.238   1.00 82.09  ?  320 SER E CB  1 
ATOM 946  O OG  . SER E 1 18 ? 0.491   11.612  0.100   1.00 85.89  ?  320 SER E OG  1 
ATOM 947  N N   . LYS E 1 19 ? -3.023  12.525  -2.240  1.00 83.52  ?  321 LYS E N   1 
ATOM 948  C CA  . LYS E 1 19 ? -3.442  13.773  -2.922  1.00 87.97  ?  321 LYS E CA  1 
ATOM 949  C C   . LYS E 1 19 ? -4.392  14.593  -2.057  1.00 88.40  ?  321 LYS E C   1 
ATOM 950  O O   . LYS E 1 19 ? -5.325  14.040  -1.437  1.00 89.61  ?  321 LYS E O   1 
ATOM 951  C CB  . LYS E 1 19 ? -4.106  13.461  -4.285  1.00 92.33  ?  321 LYS E CB  1 
ATOM 952  C CG  . LYS E 1 19 ? -3.155  12.928  -5.359  1.00 96.78  ?  321 LYS E CG  1 
ATOM 953  C CD  . LYS E 1 19 ? -3.897  12.632  -6.660  1.00 100.57 ?  321 LYS E CD  1 
ATOM 954  C CE  . LYS E 1 19 ? -2.976  11.999  -7.700  1.00 103.08 ?  321 LYS E CE  1 
ATOM 955  N NZ  . LYS E 1 19 ? -3.690  11.690  -8.974  1.00 100.90 1  321 LYS E NZ  1 
ATOM 956  N N   . CYS E 1 20 ? -4.138  15.912  -2.003  1.00 90.97  ?  322 CYS E N   1 
ATOM 957  C CA  . CYS E 1 20 ? -5.007  16.873  -1.277  1.00 95.59  ?  322 CYS E CA  1 
ATOM 958  C C   . CYS E 1 20 ? -4.987  18.265  -1.911  1.00 96.86  ?  322 CYS E C   1 
ATOM 959  O O   . CYS E 1 20 ? -3.945  18.717  -2.423  1.00 98.69  ?  322 CYS E O   1 
ATOM 960  C CB  . CYS E 1 20 ? -4.631  16.954  0.210   1.00 99.05  ?  322 CYS E CB  1 
ATOM 961  S SG  . CYS E 1 20 ? -2.948  17.481  0.546   1.00 106.76 ?  322 CYS E SG  1 
ATOM 962  N N   . GLY E 1 21 ? -6.146  18.938  -1.872  1.00 98.99  ?  323 GLY E N   1 
ATOM 963  C CA  . GLY E 1 21 ? -6.302  20.292  -2.426  1.00 101.74 ?  323 GLY E CA  1 
ATOM 964  C C   . GLY E 1 21 ? -7.285  21.118  -1.631  1.00 102.69 ?  323 GLY E C   1 
ATOM 965  O O   . GLY E 1 21 ? -8.430  20.683  -1.391  1.00 103.46 ?  323 GLY E O   1 
ATOM 966  N N   . SER E 1 22 ? -6.842  22.311  -1.211  1.00 105.04 ?  324 SER E N   1 
ATOM 967  C CA  . SER E 1 22 ? -7.673  23.235  -0.421  1.00 110.64 ?  324 SER E CA  1 
ATOM 968  C C   . SER E 1 22 ? -7.907  24.561  -1.146  1.00 114.00 ?  324 SER E C   1 
ATOM 969  O O   . SER E 1 22 ? -6.940  25.273  -1.504  1.00 116.77 ?  324 SER E O   1 
ATOM 970  C CB  . SER E 1 22 ? -7.055  23.476  0.966   1.00 112.82 ?  324 SER E CB  1 
ATOM 971  O OG  . SER E 1 22 ? -5.731  23.977  0.859   1.00 114.50 ?  324 SER E OG  1 
ATOM 972  N N   . LEU E 1 23 ? -9.188  24.863  -1.400  1.00 115.51 ?  325 LEU E N   1 
ATOM 973  C CA  . LEU E 1 23 ? -9.600  26.137  -2.016  1.00 116.24 ?  325 LEU E CA  1 
ATOM 974  C C   . LEU E 1 23 ? -10.548 26.877  -1.079  1.00 116.94 ?  325 LEU E C   1 
ATOM 975  O O   . LEU E 1 23 ? -11.610 26.340  -0.692  1.00 117.16 ?  325 LEU E O   1 
ATOM 976  C CB  . LEU E 1 23 ? -10.265 25.909  -3.417  1.00 119.27 ?  325 LEU E CB  1 
ATOM 977  C CG  . LEU E 1 23 ? -9.627  24.971  -4.499  1.00 125.44 ?  325 LEU E CG  1 
ATOM 978  C CD1 . LEU E 1 23 ? -10.429 25.023  -5.796  1.00 124.27 ?  325 LEU E CD1 1 
ATOM 979  C CD2 . LEU E 1 23 ? -8.160  25.265  -4.778  1.00 132.12 ?  325 LEU E CD2 1 
ATOM 980  N N   . GLY E 1 24 ? -10.139 28.088  -0.674  1.00 119.48 ?  326 GLY E N   1 
ATOM 981  C CA  . GLY E 1 24 ? -10.900 28.902  0.287   1.00 121.18 ?  326 GLY E CA  1 
ATOM 982  C C   . GLY E 1 24 ? -11.420 30.195  -0.297  1.00 117.73 ?  326 GLY E C   1 
ATOM 983  O O   . GLY E 1 24 ? -10.654 30.966  -0.907  1.00 117.75 ?  326 GLY E O   1 
ATOM 984  N N   . ASN E 1 25 ? -12.733 30.435  -0.090  1.00 117.24 ?  327 ASN E N   1 
ATOM 985  C CA  . ASN E 1 25 ? -13.453 31.672  -0.540  1.00 122.11 ?  327 ASN E CA  1 
ATOM 986  C C   . ASN E 1 25 ? -13.338 31.989  -2.057  1.00 120.97 ?  327 ASN E C   1 
ATOM 987  O O   . ASN E 1 25 ? -12.440 32.749  -2.492  1.00 127.34 ?  327 ASN E O   1 
ATOM 988  C CB  . ASN E 1 25 ? -13.077 32.913  0.348   1.00 128.65 ?  327 ASN E CB  1 
ATOM 989  C CG  . ASN E 1 25 ? -13.551 32.777  1.812   1.00 134.06 ?  327 ASN E CG  1 
ATOM 990  O OD1 . ASN E 1 25 ? -14.204 31.794  2.195   1.00 137.55 ?  327 ASN E OD1 1 
ATOM 991  N ND2 . ASN E 1 25 ? -13.225 33.779  2.626   1.00 134.15 ?  327 ASN E ND2 1 
ATOM 992  N N   . ILE E 1 26 ? -14.233 31.376  -2.846  1.00 116.48 ?  328 ILE E N   1 
ATOM 993  C CA  . ILE E 1 26 ? -14.338 31.651  -4.299  1.00 113.69 ?  328 ILE E CA  1 
ATOM 994  C C   . ILE E 1 26 ? -15.489 32.649  -4.533  1.00 115.81 ?  328 ILE E C   1 
ATOM 995  O O   . ILE E 1 26 ? -16.652 32.380  -4.157  1.00 118.98 ?  328 ILE E O   1 
ATOM 996  C CB  . ILE E 1 26 ? -14.554 30.320  -5.155  1.00 110.84 ?  328 ILE E CB  1 
ATOM 997  C CG1 . ILE E 1 26 ? -13.541 29.174  -4.746  1.00 111.75 ?  328 ILE E CG1 1 
ATOM 998  C CG2 . ILE E 1 26 ? -14.560 30.610  -6.676  1.00 106.71 ?  328 ILE E CG2 1 
ATOM 999  C CD1 . ILE E 1 26 ? -12.047 29.474  -4.946  1.00 117.39 ?  328 ILE E CD1 1 
ATOM 1000 N N   . HIS E 1 27 ? -15.146 33.813  -5.107  1.00 117.61 ?  329 HIS E N   1 
ATOM 1001 C CA  . HIS E 1 27 ? -16.123 34.893  -5.364  1.00 122.68 ?  329 HIS E CA  1 
ATOM 1002 C C   . HIS E 1 27 ? -16.113 35.322  -6.841  1.00 130.72 ?  329 HIS E C   1 
ATOM 1003 O O   . HIS E 1 27 ? -15.072 35.791  -7.362  1.00 135.67 ?  329 HIS E O   1 
ATOM 1004 C CB  . HIS E 1 27 ? -15.845 36.115  -4.452  1.00 119.31 ?  329 HIS E CB  1 
ATOM 1005 C CG  . HIS E 1 27 ? -15.834 35.795  -2.987  1.00 117.94 ?  329 HIS E CG  1 
ATOM 1006 N ND1 . HIS E 1 27 ? -16.983 35.731  -2.229  1.00 121.02 ?  329 HIS E ND1 1 
ATOM 1007 C CD2 . HIS E 1 27 ? -14.807 35.562  -2.132  1.00 114.93 ?  329 HIS E CD2 1 
ATOM 1008 C CE1 . HIS E 1 27 ? -16.667 35.453  -0.975  1.00 119.71 ?  329 HIS E CE1 1 
ATOM 1009 N NE2 . HIS E 1 27 ? -15.355 35.347  -0.891  1.00 114.88 ?  329 HIS E NE2 1 
ATOM 1010 N N   . HIS E 1 28 ? -17.257 35.107  -7.527  1.00 135.26 ?  330 HIS E N   1 
ATOM 1011 C CA  . HIS E 1 28 ? -17.461 35.564  -8.935  1.00 139.60 ?  330 HIS E CA  1 
ATOM 1012 C C   . HIS E 1 28 ? -18.939 35.813  -9.259  1.00 138.54 ?  330 HIS E C   1 
ATOM 1013 O O   . HIS E 1 28 ? -19.398 36.957  -9.272  1.00 133.79 ?  330 HIS E O   1 
ATOM 1014 C CB  . HIS E 1 28 ? -16.825 34.582  -9.952  1.00 142.92 ?  330 HIS E CB  1 
ATOM 1015 C CG  . HIS E 1 28 ? -17.478 33.230  -9.995  1.00 145.22 ?  330 HIS E CG  1 
ATOM 1016 N ND1 . HIS E 1 28 ? -18.276 32.824  -11.044 1.00 146.06 ?  330 HIS E ND1 1 
ATOM 1017 C CD2 . HIS E 1 28 ? -17.424 32.184  -9.136  1.00 146.71 ?  330 HIS E CD2 1 
ATOM 1018 C CE1 . HIS E 1 28 ? -18.691 31.588  -10.825 1.00 147.04 ?  330 HIS E CE1 1 
ATOM 1019 N NE2 . HIS E 1 28 ? -18.195 31.180  -9.671  1.00 148.27 ?  330 HIS E NE2 1 
ATOM 1020 N N   . LYS F 1 3  ? 13.025  -33.973 -12.945 1.00 115.94 ?  274 LYS F N   1 
ATOM 1021 C CA  . LYS F 1 3  ? 13.055  -32.484 -13.111 1.00 114.18 ?  274 LYS F CA  1 
ATOM 1022 C C   . LYS F 1 3  ? 12.049  -31.803 -12.175 1.00 105.30 ?  274 LYS F C   1 
ATOM 1023 O O   . LYS F 1 3  ? 10.855  -32.164 -12.158 1.00 105.71 ?  274 LYS F O   1 
ATOM 1024 C CB  . LYS F 1 3  ? 12.780  -32.088 -14.579 1.00 124.64 ?  274 LYS F CB  1 
ATOM 1025 C CG  . LYS F 1 3  ? 13.902  -32.448 -15.552 1.00 139.08 ?  274 LYS F CG  1 
ATOM 1026 C CD  . LYS F 1 3  ? 13.526  -32.109 -16.990 1.00 149.10 ?  274 LYS F CD  1 
ATOM 1027 C CE  . LYS F 1 3  ? 14.629  -32.512 -17.962 1.00 154.48 ?  274 LYS F CE  1 
ATOM 1028 N NZ  . LYS F 1 3  ? 14.268  -32.216 -19.378 1.00 151.94 ?  274 LYS F NZ  1 
ATOM 1029 N N   . VAL F 1 4  ? 12.546  -30.836 -11.384 1.00 96.59  ?  306 VAL F N   1 
ATOM 1030 C CA  . VAL F 1 4  ? 11.709  -30.077 -10.406 1.00 89.62  ?  306 VAL F CA  1 
ATOM 1031 C C   . VAL F 1 4  ? 11.555  -28.615 -10.863 1.00 86.81  ?  306 VAL F C   1 
ATOM 1032 O O   . VAL F 1 4  ? 12.560  -27.892 -11.040 1.00 92.19  ?  306 VAL F O   1 
ATOM 1033 C CB  . VAL F 1 4  ? 12.298  -30.139 -8.934  1.00 87.48  ?  306 VAL F CB  1 
ATOM 1034 C CG1 . VAL F 1 4  ? 11.375  -29.425 -7.940  1.00 83.87  ?  306 VAL F CG1 1 
ATOM 1035 C CG2 . VAL F 1 4  ? 12.522  -31.583 -8.493  1.00 89.96  ?  306 VAL F CG2 1 
ATOM 1036 N N   . GLN F 1 5  ? 10.299  -28.200 -11.073 1.00 80.33  ?  307 GLN F N   1 
ATOM 1037 C CA  . GLN F 1 5  ? 9.974   -26.829 -11.491 1.00 75.98  ?  307 GLN F CA  1 
ATOM 1038 C C   . GLN F 1 5  ? 8.955   -26.212 -10.549 1.00 71.48  ?  307 GLN F C   1 
ATOM 1039 O O   . GLN F 1 5  ? 7.770   -26.614 -10.532 1.00 74.23  ?  307 GLN F O   1 
ATOM 1040 C CB  . GLN F 1 5  ? 9.464   -26.800 -12.948 1.00 81.03  ?  307 GLN F CB  1 
ATOM 1041 C CG  . GLN F 1 5  ? 10.547  -27.050 -14.006 1.00 90.82  ?  307 GLN F CG  1 
ATOM 1042 C CD  . GLN F 1 5  ? 9.985   -27.197 -15.426 1.00 97.65  ?  307 GLN F CD  1 
ATOM 1043 O OE1 . GLN F 1 5  ? 9.212   -26.350 -15.900 1.00 100.48 ?  307 GLN F OE1 1 
ATOM 1044 N NE2 . GLN F 1 5  ? 10.416  -28.246 -16.125 1.00 99.07  ?  307 GLN F NE2 1 
ATOM 1045 N N   . ILE F 1 6  ? 9.434   -25.291 -9.705  1.00 67.93  ?  308 ILE F N   1 
ATOM 1046 C CA  . ILE F 1 6  ? 8.572   -24.550 -8.762  1.00 66.57  ?  308 ILE F CA  1 
ATOM 1047 C C   . ILE F 1 6  ? 8.444   -23.092 -9.244  1.00 65.52  ?  308 ILE F C   1 
ATOM 1048 O O   . ILE F 1 6  ? 9.341   -22.248 -8.997  1.00 67.08  ?  308 ILE F O   1 
ATOM 1049 C CB  . ILE F 1 6  ? 9.099   -24.634 -7.267  1.00 66.22  ?  308 ILE F CB  1 
ATOM 1050 C CG1 . ILE F 1 6  ? 9.326   -26.108 -6.850  1.00 67.32  ?  308 ILE F CG1 1 
ATOM 1051 C CG2 . ILE F 1 6  ? 8.113   -23.944 -6.296  1.00 64.96  ?  308 ILE F CG2 1 
ATOM 1052 C CD1 . ILE F 1 6  ? 10.421  -26.309 -5.811  1.00 69.27  ?  308 ILE F CD1 1 
ATOM 1053 N N   . VAL F 1 7  ? 7.379   -22.833 -10.006 1.00 65.52  ?  309 VAL F N   1 
ATOM 1054 C CA  . VAL F 1 7  ? 7.106   -21.498 -10.544 1.00 67.60  ?  309 VAL F CA  1 
ATOM 1055 C C   . VAL F 1 7  ? 6.243   -20.726 -9.535  1.00 69.45  ?  309 VAL F C   1 
ATOM 1056 O O   . VAL F 1 7  ? 4.997   -20.858 -9.511  1.00 70.99  ?  309 VAL F O   1 
ATOM 1057 C CB  . VAL F 1 7  ? 6.447   -21.546 -11.983 1.00 69.58  ?  309 VAL F CB  1 
ATOM 1058 C CG1 . VAL F 1 7  ? 6.350   -20.142 -12.583 1.00 70.57  ?  309 VAL F CG1 1 
ATOM 1059 C CG2 . VAL F 1 7  ? 7.244   -22.460 -12.927 1.00 69.94  ?  309 VAL F CG2 1 
ATOM 1060 N N   . TYR F 1 8  ? 6.927   -20.005 -8.645  1.00 76.67  ?  310 TYR F N   1 
ATOM 1061 C CA  . TYR F 1 8  ? 6.294   -19.200 -7.607  1.00 85.08  ?  310 TYR F CA  1 
ATOM 1062 C C   . TYR F 1 8  ? 6.146   -17.747 -8.115  1.00 91.26  ?  310 TYR F C   1 
ATOM 1063 O O   . TYR F 1 8  ? 7.071   -16.910 -7.959  1.00 96.91  ?  310 TYR F O   1 
ATOM 1064 C CB  . TYR F 1 8  ? 7.136   -19.269 -6.302  1.00 89.49  ?  310 TYR F CB  1 
ATOM 1065 C CG  . TYR F 1 8  ? 6.470   -18.687 -5.067  1.00 94.70  ?  310 TYR F CG  1 
ATOM 1066 C CD1 . TYR F 1 8  ? 6.596   -17.299 -4.750  1.00 99.30  ?  310 TYR F CD1 1 
ATOM 1067 C CD2 . TYR F 1 8  ? 5.785   -19.529 -4.141  1.00 100.39 ?  310 TYR F CD2 1 
ATOM 1068 C CE1 . TYR F 1 8  ? 6.007   -16.755 -3.590  1.00 104.52 ?  310 TYR F CE1 1 
ATOM 1069 C CE2 . TYR F 1 8  ? 5.201   -18.998 -2.963  1.00 106.83 ?  310 TYR F CE2 1 
ATOM 1070 C CZ  . TYR F 1 8  ? 5.307   -17.611 -2.695  1.00 107.78 ?  310 TYR F CZ  1 
ATOM 1071 O OH  . TYR F 1 8  ? 4.728   -17.083 -1.565  1.00 109.88 ?  310 TYR F OH  1 
ATOM 1072 N N   . LYS F 1 9  ? 5.031   -17.485 -8.814  1.00 94.68  ?  311 LYS F N   1 
ATOM 1073 C CA  . LYS F 1 9  ? 4.718   -16.126 -9.316  1.00 99.97  ?  311 LYS F CA  1 
ATOM 1074 C C   . LYS F 1 9  ? 3.323   -15.576 -8.836  1.00 104.13 ?  311 LYS F C   1 
ATOM 1075 O O   . LYS F 1 9  ? 2.306   -15.718 -9.547  1.00 103.31 ?  311 LYS F O   1 
ATOM 1076 C CB  . LYS F 1 9  ? 4.932   -15.997 -10.870 1.00 103.05 ?  311 LYS F CB  1 
ATOM 1077 C CG  . LYS F 1 9  ? 4.237   -17.048 -11.746 1.00 107.45 ?  311 LYS F CG  1 
ATOM 1078 C CD  . LYS F 1 9  ? 4.510   -16.781 -13.226 1.00 113.61 ?  311 LYS F CD  1 
ATOM 1079 C CE  . LYS F 1 9  ? 3.765   -17.759 -14.126 1.00 117.30 ?  311 LYS F CE  1 
ATOM 1080 N NZ  . LYS F 1 9  ? 4.082   -17.543 -15.569 1.00 113.80 1  311 LYS F NZ  1 
ATOM 1081 N N   . PRO F 1 10 ? 3.279   -14.981 -7.583  1.00 110.78 ?  312 PRO F N   1 
ATOM 1082 C CA  . PRO F 1 10 ? 2.020   -14.378 -7.102  1.00 115.98 ?  312 PRO F CA  1 
ATOM 1083 C C   . PRO F 1 10 ? 1.791   -12.971 -7.672  1.00 117.60 ?  312 PRO F C   1 
ATOM 1084 O O   . PRO F 1 10 ? 2.720   -12.131 -7.680  1.00 117.42 ?  312 PRO F O   1 
ATOM 1085 C CB  . PRO F 1 10 ? 2.204   -14.341 -5.574  1.00 117.60 ?  312 PRO F CB  1 
ATOM 1086 C CG  . PRO F 1 10 ? 3.673   -14.322 -5.355  1.00 114.82 ?  312 PRO F CG  1 
ATOM 1087 C CD  . PRO F 1 10 ? 4.307   -15.044 -6.508  1.00 112.27 ?  312 PRO F CD  1 
ATOM 1088 N N   . VAL F 1 11 ? 0.583   -12.746 -8.203  1.00 117.89 ?  313 VAL F N   1 
ATOM 1089 C CA  . VAL F 1 11 ? 0.191   -11.438 -8.754  1.00 118.81 ?  313 VAL F CA  1 
ATOM 1090 C C   . VAL F 1 11 ? -0.717  -10.731 -7.737  1.00 118.39 ?  313 VAL F C   1 
ATOM 1091 O O   . VAL F 1 11 ? -1.824  -11.225 -7.415  1.00 118.97 ?  313 VAL F O   1 
ATOM 1092 C CB  . VAL F 1 11 ? -0.519  -11.564 -10.167 1.00 122.44 ?  313 VAL F CB  1 
ATOM 1093 C CG1 . VAL F 1 11 ? -0.757  -10.184 -10.783 1.00 124.48 ?  313 VAL F CG1 1 
ATOM 1094 C CG2 . VAL F 1 11 ? 0.310   -12.424 -11.128 1.00 124.52 ?  313 VAL F CG2 1 
ATOM 1095 N N   . ASP F 1 12 ? -0.214  -9.617  -7.190  1.00 119.93 ?  314 ASP F N   1 
ATOM 1096 C CA  . ASP F 1 12 ? -0.942  -8.829  -6.190  1.00 122.16 ?  314 ASP F CA  1 
ATOM 1097 C C   . ASP F 1 12 ? -1.401  -7.485  -6.785  1.00 120.90 ?  314 ASP F C   1 
ATOM 1098 O O   . ASP F 1 12 ? -0.583  -6.565  -7.005  1.00 119.73 ?  314 ASP F O   1 
ATOM 1099 C CB  . ASP F 1 12 ? -0.075  -8.623  -4.922  1.00 125.25 ?  314 ASP F CB  1 
ATOM 1100 C CG  . ASP F 1 12 ? -0.909  -8.295  -3.680  1.00 126.72 ?  314 ASP F CG  1 
ATOM 1101 O OD1 . ASP F 1 12 ? -1.473  -7.182  -3.605  1.00 128.51 ?  314 ASP F OD1 1 
ATOM 1102 O OD2 . ASP F 1 12 ? -0.946  -9.133  -2.755  1.00 128.14 -1 314 ASP F OD2 1 
ATOM 1103 N N   . LEU F 1 13 ? -2.700  -7.413  -7.104  1.00 122.46 ?  315 LEU F N   1 
ATOM 1104 C CA  . LEU F 1 13 ? -3.325  -6.204  -7.688  1.00 125.50 ?  315 LEU F CA  1 
ATOM 1105 C C   . LEU F 1 13 ? -4.385  -5.572  -6.735  1.00 126.03 ?  315 LEU F C   1 
ATOM 1106 O O   . LEU F 1 13 ? -5.241  -4.761  -7.173  1.00 127.48 ?  315 LEU F O   1 
ATOM 1107 C CB  . LEU F 1 13 ? -3.954  -6.541  -9.062  1.00 129.64 ?  315 LEU F CB  1 
ATOM 1108 C CG  . LEU F 1 13 ? -3.030  -6.676  -10.285 1.00 133.66 ?  315 LEU F CG  1 
ATOM 1109 C CD1 . LEU F 1 13 ? -3.607  -7.663  -11.287 1.00 137.46 ?  315 LEU F CD1 1 
ATOM 1110 C CD2 . LEU F 1 13 ? -2.782  -5.322  -10.946 1.00 137.14 ?  315 LEU F CD2 1 
ATOM 1111 N N   . SER F 1 14 ? -4.285  -5.914  -5.434  1.00 124.74 ?  316 SER F N   1 
ATOM 1112 C CA  . SER F 1 14 ? -5.211  -5.421  -4.397  1.00 122.43 ?  316 SER F CA  1 
ATOM 1113 C C   . SER F 1 14 ? -4.993  -3.931  -4.108  1.00 115.12 ?  316 SER F C   1 
ATOM 1114 O O   . SER F 1 14 ? -3.890  -3.516  -3.713  1.00 116.27 ?  316 SER F O   1 
ATOM 1115 C CB  . SER F 1 14 ? -5.068  -6.251  -3.106  1.00 129.49 ?  316 SER F CB  1 
ATOM 1116 O OG  . SER F 1 14 ? -3.757  -6.157  -2.575  1.00 131.59 ?  316 SER F OG  1 
ATOM 1117 N N   . LYS F 1 15 ? -6.039  -3.132  -4.341  1.00 104.33 ?  317 LYS F N   1 
ATOM 1118 C CA  . LYS F 1 15 ? -5.982  -1.676  -4.121  1.00 97.01  ?  317 LYS F CA  1 
ATOM 1119 C C   . LYS F 1 15 ? -6.856  -1.215  -2.961  1.00 88.87  ?  317 LYS F C   1 
ATOM 1120 O O   . LYS F 1 15 ? -8.038  -1.589  -2.865  1.00 88.09  ?  317 LYS F O   1 
ATOM 1121 C CB  . LYS F 1 15 ? -6.287  -0.884  -5.429  1.00 102.68 ?  317 LYS F CB  1 
ATOM 1122 C CG  . LYS F 1 15 ? -7.577  -1.291  -6.180  1.00 109.16 ?  317 LYS F CG  1 
ATOM 1123 C CD  . LYS F 1 15 ? -7.681  -0.619  -7.561  1.00 114.04 ?  317 LYS F CD  1 
ATOM 1124 C CE  . LYS F 1 15 ? -8.308  0.780   -7.485  1.00 117.77 ?  317 LYS F CE  1 
ATOM 1125 N NZ  . LYS F 1 15 ? -8.422  1.421   -8.827  1.00 116.41 1  317 LYS F NZ  1 
ATOM 1126 N N   . VAL F 1 16 ? -6.239  -0.455  -2.044  1.00 85.51  ?  318 VAL F N   1 
ATOM 1127 C CA  . VAL F 1 16 ? -6.930  0.107   -0.860  1.00 83.22  ?  318 VAL F CA  1 
ATOM 1128 C C   . VAL F 1 16 ? -7.092  1.634   -1.057  1.00 82.08  ?  318 VAL F C   1 
ATOM 1129 O O   . VAL F 1 16 ? -6.125  2.416   -0.886  1.00 84.33  ?  318 VAL F O   1 
ATOM 1130 C CB  . VAL F 1 16 ? -6.166  -0.226  0.490   1.00 82.99  ?  318 VAL F CB  1 
ATOM 1131 C CG1 . VAL F 1 16 ? -6.932  0.307   1.703   1.00 84.73  ?  318 VAL F CG1 1 
ATOM 1132 C CG2 . VAL F 1 16 ? -5.942  -1.733  0.631   1.00 83.27  ?  318 VAL F CG2 1 
ATOM 1133 N N   . THR F 1 17 ? -8.304  2.035   -1.457  1.00 80.37  ?  319 THR F N   1 
ATOM 1134 C CA  . THR F 1 17 ? -8.609  3.443   -1.804  1.00 80.41  ?  319 THR F CA  1 
ATOM 1135 C C   . THR F 1 17 ? -9.454  4.128   -0.722  1.00 77.24  ?  319 THR F C   1 
ATOM 1136 O O   . THR F 1 17 ? -10.245 3.467   -0.016  1.00 77.79  ?  319 THR F O   1 
ATOM 1137 C CB  . THR F 1 17 ? -9.344  3.558   -3.182  1.00 84.56  ?  319 THR F CB  1 
ATOM 1138 O OG1 . THR F 1 17 ? -10.592 2.868   -3.121  1.00 91.41  ?  319 THR F OG1 1 
ATOM 1139 C CG2 . THR F 1 17 ? -8.486  2.961   -4.334  1.00 82.32  ?  319 THR F CG2 1 
ATOM 1140 N N   . SER F 1 18 ? -9.283  5.454   -0.599  1.00 77.32  ?  320 SER F N   1 
ATOM 1141 C CA  . SER F 1 18 ? -10.052 6.276   0.347   1.00 79.68  ?  320 SER F CA  1 
ATOM 1142 C C   . SER F 1 18 ? -10.326 7.676   -0.234  1.00 80.76  ?  320 SER F C   1 
ATOM 1143 O O   . SER F 1 18 ? -9.409  8.526   -0.323  1.00 82.75  ?  320 SER F O   1 
ATOM 1144 C CB  . SER F 1 18 ? -9.332  6.365   1.708   1.00 82.09  ?  320 SER F CB  1 
ATOM 1145 O OG  . SER F 1 18 ? -8.018  6.878   1.560   1.00 85.89  ?  320 SER F OG  1 
ATOM 1146 N N   . LYS F 1 19 ? -11.577 7.887   -0.671  1.00 83.52  ?  321 LYS F N   1 
ATOM 1147 C CA  . LYS F 1 19 ? -12.005 9.160   -1.299  1.00 87.97  ?  321 LYS F CA  1 
ATOM 1148 C C   . LYS F 1 19 ? -12.932 9.952   -0.385  1.00 88.40  ?  321 LYS F C   1 
ATOM 1149 O O   . LYS F 1 19 ? -13.855 9.381   0.234   1.00 89.61  ?  321 LYS F O   1 
ATOM 1150 C CB  . LYS F 1 19 ? -12.699 8.899   -2.657  1.00 92.33  ?  321 LYS F CB  1 
ATOM 1151 C CG  . LYS F 1 19 ? -11.773 8.401   -3.770  1.00 96.78  ?  321 LYS F CG  1 
ATOM 1152 C CD  . LYS F 1 19 ? -12.545 8.154   -5.065  1.00 100.57 ?  321 LYS F CD  1 
ATOM 1153 C CE  . LYS F 1 19 ? -11.648 7.554   -6.145  1.00 103.08 ?  321 LYS F CE  1 
ATOM 1154 N NZ  . LYS F 1 19 ? -12.390 7.294   -7.414  1.00 100.90 1  321 LYS F NZ  1 
ATOM 1155 N N   . CYS F 1 20 ? -12.671 11.267  -0.289  1.00 90.97  ?  322 CYS F N   1 
ATOM 1156 C CA  . CYS F 1 20 ? -13.521 12.205  0.487   1.00 95.59  ?  322 CYS F CA  1 
ATOM 1157 C C   . CYS F 1 20 ? -13.508 13.620  -0.097  1.00 96.86  ?  322 CYS F C   1 
ATOM 1158 O O   . CYS F 1 20 ? -12.475 14.086  -0.615  1.00 98.69  ?  322 CYS F O   1 
ATOM 1159 C CB  . CYS F 1 20 ? -13.112 12.233  1.969   1.00 99.05  ?  322 CYS F CB  1 
ATOM 1160 S SG  . CYS F 1 20 ? -11.420 12.741  2.287   1.00 106.76 ?  322 CYS F SG  1 
ATOM 1161 N N   . GLY F 1 21 ? -14.662 14.295  -0.009  1.00 98.99  ?  323 GLY F N   1 
ATOM 1162 C CA  . GLY F 1 21 ? -14.823 15.668  -0.511  1.00 101.74 ?  323 GLY F CA  1 
ATOM 1163 C C   . GLY F 1 21 ? -15.786 16.468  0.334   1.00 102.69 ?  323 GLY F C   1 
ATOM 1164 O O   . GLY F 1 21 ? -16.927 16.030  0.582   1.00 103.46 ?  323 GLY F O   1 
ATOM 1165 N N   . SER F 1 22 ? -15.328 17.646  0.786   1.00 105.04 ?  324 SER F N   1 
ATOM 1166 C CA  . SER F 1 22 ? -16.138 18.543  1.625   1.00 110.64 ?  324 SER F CA  1 
ATOM 1167 C C   . SER F 1 22 ? -16.381 19.894  0.953   1.00 114.00 ?  324 SER F C   1 
ATOM 1168 O O   . SER F 1 22 ? -15.419 20.616  0.600   1.00 116.77 ?  324 SER F O   1 
ATOM 1169 C CB  . SER F 1 22 ? -15.489 18.733  3.007   1.00 112.82 ?  324 SER F CB  1 
ATOM 1170 O OG  . SER F 1 22 ? -14.167 19.232  2.889   1.00 114.50 ?  324 SER F OG  1 
ATOM 1171 N N   . LEU F 1 23 ? -17.667 20.211  0.737   1.00 115.51 ?  325 LEU F N   1 
ATOM 1172 C CA  . LEU F 1 23 ? -18.086 21.508  0.175   1.00 116.24 ?  325 LEU F CA  1 
ATOM 1173 C C   . LEU F 1 23 ? -19.009 22.217  1.158   1.00 116.94 ?  325 LEU F C   1 
ATOM 1174 O O   . LEU F 1 23 ? -20.066 21.670  1.548   1.00 117.16 ?  325 LEU F O   1 
ATOM 1175 C CB  . LEU F 1 23 ? -18.781 21.333  -1.219  1.00 119.27 ?  325 LEU F CB  1 
ATOM 1176 C CG  . LEU F 1 23 ? -18.171 20.430  -2.347  1.00 125.44 ?  325 LEU F CG  1 
ATOM 1177 C CD1 . LEU F 1 23 ? -19.000 20.530  -3.624  1.00 124.27 ?  325 LEU F CD1 1 
ATOM 1178 C CD2 . LEU F 1 23 ? -16.709 20.729  -2.646  1.00 132.12 ?  325 LEU F CD2 1 
ATOM 1179 N N   . GLY F 1 24 ? -18.588 23.412  1.596   1.00 119.48 ?  326 GLY F N   1 
ATOM 1180 C CA  . GLY F 1 24 ? -19.324 24.193  2.601   1.00 121.18 ?  326 GLY F CA  1 
ATOM 1181 C C   . GLY F 1 24 ? -19.850 25.507  2.075   1.00 117.73 ?  326 GLY F C   1 
ATOM 1182 O O   . GLY F 1 24 ? -19.095 26.298  1.477   1.00 117.75 ?  326 GLY F O   1 
ATOM 1183 N N   . ASN F 1 25 ? -21.158 25.746  2.318   1.00 117.24 ?  327 ASN F N   1 
ATOM 1184 C CA  . ASN F 1 25 ? -21.881 27.001  1.928   1.00 122.11 ?  327 ASN F CA  1 
ATOM 1185 C C   . ASN F 1 25 ? -21.797 27.371  0.420   1.00 120.97 ?  327 ASN F C   1 
ATOM 1186 O O   . ASN F 1 25 ? -20.906 28.143  -0.006  1.00 127.34 ?  327 ASN F O   1 
ATOM 1187 C CB  . ASN F 1 25 ? -21.482 28.208  2.851   1.00 128.65 ?  327 ASN F CB  1 
ATOM 1188 C CG  . ASN F 1 25 ? -21.924 28.022  4.320   1.00 134.06 ?  327 ASN F CG  1 
ATOM 1189 O OD1 . ASN F 1 25 ? -22.574 27.029  4.681   1.00 137.55 ?  327 ASN F OD1 1 
ATOM 1190 N ND2 . ASN F 1 25 ? -21.578 28.993  5.161   1.00 134.15 ?  327 ASN F ND2 1 
ATOM 1191 N N   . ILE F 1 26 ? -22.712 26.790  -0.370  1.00 116.48 ?  328 ILE F N   1 
ATOM 1192 C CA  . ILE F 1 26 ? -22.846 27.117  -1.810  1.00 113.69 ?  328 ILE F CA  1 
ATOM 1193 C C   . ILE F 1 26 ? -23.996 28.128  -1.984  1.00 115.81 ?  328 ILE F C   1 
ATOM 1194 O O   . ILE F 1 26 ? -25.152 27.848  -1.593  1.00 118.98 ?  328 ILE F O   1 
ATOM 1195 C CB  . ILE F 1 26 ? -23.086 25.818  -2.708  1.00 110.84 ?  328 ILE F CB  1 
ATOM 1196 C CG1 . ILE F 1 26 ? -22.069 24.653  -2.360  1.00 111.75 ?  328 ILE F CG1 1 
ATOM 1197 C CG2 . ILE F 1 26 ? -23.123 26.162  -4.217  1.00 106.71 ?  328 ILE F CG2 1 
ATOM 1198 C CD1 . ILE F 1 26 ? -20.579 24.955  -2.583  1.00 117.39 ?  328 ILE F CD1 1 
ATOM 1199 N N   . HIS F 1 27 ? -23.661 29.308  -2.524  1.00 117.61 ?  329 HIS F N   1 
ATOM 1200 C CA  . HIS F 1 27 ? -24.638 30.402  -2.722  1.00 122.68 ?  329 HIS F CA  1 
ATOM 1201 C C   . HIS F 1 27 ? -24.657 30.882  -4.182  1.00 130.72 ?  329 HIS F C   1 
ATOM 1202 O O   . HIS F 1 27 ? -23.626 31.365  -4.708  1.00 135.67 ?  329 HIS F O   1 
ATOM 1203 C CB  . HIS F 1 27 ? -24.335 31.589  -1.772  1.00 119.31 ?  329 HIS F CB  1 
ATOM 1204 C CG  . HIS F 1 27 ? -24.295 31.217  -0.319  1.00 117.94 ?  329 HIS F CG  1 
ATOM 1205 N ND1 . HIS F 1 27 ? -25.428 31.131  0.460   1.00 121.02 ?  329 HIS F ND1 1 
ATOM 1206 C CD2 . HIS F 1 27 ? -23.251 30.950  0.504   1.00 114.93 ?  329 HIS F CD2 1 
ATOM 1207 C CE1 . HIS F 1 27 ? -25.087 30.806  1.695   1.00 119.71 ?  329 HIS F CE1 1 
ATOM 1208 N NE2 . HIS F 1 27 ? -23.773 30.694  1.748   1.00 114.88 ?  329 HIS F NE2 1 
ATOM 1209 N N   . HIS F 1 28 ? -25.816 30.696  -4.850  1.00 135.26 ?  330 HIS F N   1 
ATOM 1210 C CA  . HIS F 1 28 ? -26.047 31.205  -6.237  1.00 139.60 ?  330 HIS F CA  1 
ATOM 1211 C C   . HIS F 1 28 ? -27.532 31.470  -6.521  1.00 138.54 ?  330 HIS F C   1 
ATOM 1212 O O   . HIS F 1 28 ? -27.986 32.615  -6.483  1.00 133.79 ?  330 HIS F O   1 
ATOM 1213 C CB  . HIS F 1 28 ? -25.438 30.256  -7.302  1.00 142.92 ?  330 HIS F CB  1 
ATOM 1214 C CG  . HIS F 1 28 ? -26.099 28.909  -7.378  1.00 145.22 ?  330 HIS F CG  1 
ATOM 1215 N ND1 . HIS F 1 28 ? -26.920 28.543  -8.423  1.00 146.06 ?  330 HIS F ND1 1 
ATOM 1216 C CD2 . HIS F 1 28 ? -26.031 27.833  -6.558  1.00 146.71 ?  330 HIS F CD2 1 
ATOM 1217 C CE1 . HIS F 1 28 ? -27.335 27.302  -8.240  1.00 147.04 ?  330 HIS F CE1 1 
ATOM 1218 N NE2 . HIS F 1 28 ? -26.818 26.852  -7.112  1.00 148.27 ?  330 HIS F NE2 1 
# 
